data_2FJL
#
_entry.id   2FJL
#
_entity_poly.entity_id   1
_entity_poly.type   'polypeptide(L)'
_entity_poly.pdbx_seq_one_letter_code
;SIKNGILYLEDPVNHEWYPHYFVLTSSKIYYSEETSSDQGNEDEEEPKEASGSTELHSSLEVLFQGPNPAILEPEREHLD
ENSPLGDLLRGVLDVPACQIAIRPEGKNNRLFVFSISMPSVAQWSLDVAADSQEELQDWVKKIREVAQTA
;
_entity_poly.pdbx_strand_id   A
#
# COMPACT_ATOMS: atom_id res chain seq x y z
N SER A 1 9.38 -3.13 7.91
CA SER A 1 7.90 -3.32 7.96
C SER A 1 7.40 -3.30 9.40
N ILE A 2 7.19 -2.11 9.95
CA ILE A 2 6.72 -1.96 11.31
C ILE A 2 5.19 -2.05 11.38
N LYS A 3 4.53 -1.57 10.34
CA LYS A 3 3.07 -1.60 10.28
C LYS A 3 2.59 -2.09 8.92
N ASN A 4 1.55 -2.92 8.92
CA ASN A 4 0.98 -3.45 7.70
C ASN A 4 -0.51 -3.71 7.85
N GLY A 5 -1.30 -3.14 6.96
CA GLY A 5 -2.75 -3.33 7.00
C GLY A 5 -3.44 -2.80 5.77
N ILE A 6 -4.77 -2.97 5.73
CA ILE A 6 -5.55 -2.49 4.60
C ILE A 6 -6.11 -1.10 4.85
N LEU A 7 -5.33 -0.09 4.46
CA LEU A 7 -5.75 1.30 4.64
C LEU A 7 -6.49 1.82 3.41
N TYR A 8 -7.54 2.58 3.64
CA TYR A 8 -8.34 3.14 2.54
C TYR A 8 -7.67 4.38 1.96
N LEU A 9 -8.12 4.78 0.78
CA LEU A 9 -7.55 5.95 0.10
C LEU A 9 -8.37 6.31 -1.13
N GLU A 10 -8.66 7.60 -1.28
CA GLU A 10 -9.44 8.08 -2.41
C GLU A 10 -8.68 7.88 -3.72
N ASP A 11 -8.90 6.73 -4.34
CA ASP A 11 -8.25 6.40 -5.60
C ASP A 11 -8.65 7.40 -6.69
N PRO A 12 -7.70 7.84 -7.53
CA PRO A 12 -7.98 8.79 -8.60
C PRO A 12 -8.75 8.15 -9.76
N VAL A 13 -8.89 6.83 -9.72
CA VAL A 13 -9.60 6.11 -10.77
C VAL A 13 -11.08 6.46 -10.76
N ASN A 14 -11.66 6.52 -9.56
CA ASN A 14 -13.07 6.85 -9.40
C ASN A 14 -13.28 7.93 -8.34
N HIS A 15 -12.19 8.46 -7.80
CA HIS A 15 -12.26 9.50 -6.78
C HIS A 15 -13.17 9.07 -5.62
N GLU A 16 -12.81 7.96 -4.98
CA GLU A 16 -13.58 7.45 -3.85
C GLU A 16 -12.72 6.53 -2.98
N TRP A 17 -13.16 6.34 -1.73
CA TRP A 17 -12.43 5.48 -0.80
C TRP A 17 -12.28 4.07 -1.36
N TYR A 18 -11.04 3.57 -1.33
CA TYR A 18 -10.77 2.23 -1.84
C TYR A 18 -9.87 1.46 -0.86
N PRO A 19 -10.30 0.27 -0.42
CA PRO A 19 -9.52 -0.55 0.52
C PRO A 19 -8.31 -1.18 -0.13
N HIS A 20 -7.19 -0.46 -0.12
CA HIS A 20 -5.95 -0.95 -0.73
C HIS A 20 -4.91 -1.23 0.36
N TYR A 21 -4.01 -2.17 0.07
CA TYR A 21 -2.96 -2.54 1.00
C TYR A 21 -2.08 -1.34 1.33
N PHE A 22 -1.43 -1.38 2.48
CA PHE A 22 -0.55 -0.30 2.91
C PHE A 22 0.52 -0.81 3.87
N VAL A 23 1.75 -0.34 3.70
CA VAL A 23 2.85 -0.75 4.56
C VAL A 23 3.59 0.45 5.14
N LEU A 24 4.21 0.25 6.29
CA LEU A 24 4.95 1.32 6.96
C LEU A 24 6.32 0.82 7.43
N THR A 25 7.38 1.45 6.90
CA THR A 25 8.74 1.08 7.27
C THR A 25 9.34 2.08 8.24
N SER A 26 10.35 1.65 8.99
CA SER A 26 11.02 2.48 9.97
C SER A 26 11.22 3.91 9.48
N SER A 27 11.42 4.08 8.18
CA SER A 27 11.63 5.41 7.61
C SER A 27 11.16 5.47 6.16
N LYS A 28 9.96 4.97 5.91
CA LYS A 28 9.40 4.98 4.56
C LYS A 28 7.97 4.47 4.54
N ILE A 29 7.21 4.86 3.52
CA ILE A 29 5.83 4.44 3.37
C ILE A 29 5.61 3.78 2.02
N TYR A 30 5.11 2.55 2.03
CA TYR A 30 4.87 1.82 0.79
C TYR A 30 3.37 1.54 0.60
N TYR A 31 2.97 1.39 -0.66
CA TYR A 31 1.58 1.12 -0.98
C TYR A 31 1.47 0.48 -2.37
N SER A 32 0.46 -0.36 -2.56
CA SER A 32 0.24 -1.03 -3.83
C SER A 32 -1.23 -1.34 -4.06
N GLU A 33 -1.55 -1.88 -5.22
CA GLU A 33 -2.93 -2.22 -5.56
C GLU A 33 -3.25 -3.67 -5.19
N GLU A 34 -2.21 -4.47 -4.96
CA GLU A 34 -2.38 -5.87 -4.59
C GLU A 34 -2.94 -6.67 -5.76
N THR A 35 -2.05 -7.32 -6.51
CA THR A 35 -2.45 -8.12 -7.66
C THR A 35 -3.18 -9.39 -7.21
N SER A 36 -3.50 -10.25 -8.17
CA SER A 36 -4.20 -11.51 -7.88
C SER A 36 -3.21 -12.67 -7.79
N SER A 37 -2.05 -12.41 -7.19
CA SER A 37 -1.03 -13.44 -7.04
C SER A 37 -1.02 -13.99 -5.62
N ASP A 38 -1.28 -15.29 -5.49
CA ASP A 38 -1.30 -15.94 -4.19
C ASP A 38 -1.18 -17.46 -4.33
N GLN A 39 0.06 -17.93 -4.53
CA GLN A 39 0.31 -19.35 -4.68
C GLN A 39 -0.45 -19.91 -5.87
N GLY A 40 -0.64 -19.08 -6.90
CA GLY A 40 -1.35 -19.51 -8.09
C GLY A 40 -0.45 -20.19 -9.09
N ASN A 41 0.20 -21.28 -8.67
CA ASN A 41 1.11 -22.01 -9.55
C ASN A 41 0.84 -23.51 -9.46
N GLU A 42 -0.44 -23.88 -9.45
CA GLU A 42 -0.82 -25.28 -9.38
C GLU A 42 -2.00 -25.57 -10.30
N ASP A 43 -1.97 -24.98 -11.49
CA ASP A 43 -3.02 -25.19 -12.48
C ASP A 43 -2.50 -24.97 -13.89
N GLU A 44 -1.95 -26.03 -14.47
CA GLU A 44 -1.41 -25.98 -15.82
C GLU A 44 -2.36 -26.64 -16.82
N GLU A 45 -2.57 -25.98 -17.96
CA GLU A 45 -3.46 -26.50 -18.99
C GLU A 45 -2.75 -27.56 -19.83
N GLU A 46 -3.04 -28.82 -19.55
CA GLU A 46 -2.43 -29.93 -20.27
C GLU A 46 -3.42 -31.07 -20.45
N PRO A 47 -3.18 -31.95 -21.44
CA PRO A 47 -4.06 -33.09 -21.71
C PRO A 47 -3.99 -34.16 -20.62
N LYS A 48 -4.39 -33.78 -19.41
CA LYS A 48 -4.37 -34.70 -18.27
C LYS A 48 -2.95 -35.13 -17.94
N GLU A 49 -2.63 -35.17 -16.65
CA GLU A 49 -1.31 -35.56 -16.20
C GLU A 49 -1.18 -37.09 -16.12
N ALA A 50 0.05 -37.57 -16.06
CA ALA A 50 0.30 -39.01 -15.97
C ALA A 50 1.50 -39.30 -15.09
N SER A 51 1.29 -40.15 -14.08
CA SER A 51 2.36 -40.52 -13.15
C SER A 51 2.92 -41.89 -13.50
N GLY A 52 4.22 -42.06 -13.27
CA GLY A 52 4.87 -43.33 -13.56
C GLY A 52 4.99 -44.21 -12.33
N SER A 53 5.77 -45.28 -12.46
CA SER A 53 5.97 -46.21 -11.34
C SER A 53 7.27 -45.92 -10.62
N THR A 54 7.65 -44.64 -10.58
CA THR A 54 8.89 -44.23 -9.92
C THR A 54 8.76 -42.80 -9.39
N GLU A 55 8.95 -42.64 -8.08
CA GLU A 55 8.87 -41.33 -7.44
C GLU A 55 9.54 -41.35 -6.07
N LEU A 56 9.54 -40.20 -5.40
CA LEU A 56 10.14 -40.07 -4.09
C LEU A 56 9.13 -39.55 -3.08
N HIS A 57 9.48 -39.67 -1.79
CA HIS A 57 8.61 -39.19 -0.72
C HIS A 57 9.28 -39.36 0.64
N SER A 58 10.00 -38.33 1.06
CA SER A 58 10.69 -38.35 2.34
C SER A 58 9.90 -37.60 3.41
N SER A 59 10.45 -37.53 4.61
CA SER A 59 9.79 -36.85 5.72
C SER A 59 10.82 -36.27 6.69
N LEU A 60 10.36 -35.40 7.58
CA LEU A 60 11.23 -34.76 8.58
C LEU A 60 11.99 -33.58 7.97
N GLU A 61 11.94 -33.43 6.65
CA GLU A 61 12.62 -32.34 5.97
C GLU A 61 11.72 -31.11 5.91
N VAL A 62 10.41 -31.35 5.90
CA VAL A 62 9.44 -30.27 5.84
C VAL A 62 9.41 -29.51 7.16
N LEU A 63 9.57 -30.23 8.26
CA LEU A 63 9.58 -29.61 9.58
C LEU A 63 10.81 -28.74 9.78
N PHE A 64 11.80 -28.91 8.91
CA PHE A 64 13.03 -28.11 8.99
C PHE A 64 12.89 -26.84 8.16
N GLN A 65 11.64 -26.46 7.91
CA GLN A 65 11.32 -25.26 7.14
C GLN A 65 9.97 -24.71 7.59
N GLY A 66 9.63 -25.00 8.84
CA GLY A 66 8.38 -24.55 9.41
C GLY A 66 8.58 -23.57 10.54
N PRO A 67 8.99 -24.05 11.72
CA PRO A 67 9.22 -23.19 12.89
C PRO A 67 10.34 -22.18 12.66
N ASN A 68 9.99 -21.06 12.03
CA ASN A 68 10.96 -20.01 11.75
C ASN A 68 12.08 -20.54 10.86
N PRO A 69 11.83 -20.62 9.54
CA PRO A 69 12.82 -21.11 8.57
C PRO A 69 13.85 -20.05 8.18
N ALA A 70 13.82 -18.90 8.87
CA ALA A 70 14.76 -17.83 8.58
C ALA A 70 15.96 -17.87 9.51
N ILE A 71 16.32 -19.07 9.96
CA ILE A 71 17.45 -19.24 10.85
C ILE A 71 18.66 -19.81 10.13
N LEU A 72 18.46 -20.30 8.91
CA LEU A 72 19.55 -20.87 8.13
C LEU A 72 20.25 -19.81 7.28
N GLU A 73 20.08 -18.56 7.67
CA GLU A 73 20.68 -17.44 6.97
C GLU A 73 20.96 -16.29 7.94
N PRO A 74 21.90 -16.50 8.88
CA PRO A 74 22.26 -15.48 9.88
C PRO A 74 22.98 -14.28 9.25
N GLU A 75 22.31 -13.61 8.32
CA GLU A 75 22.89 -12.46 7.66
C GLU A 75 22.22 -11.17 8.14
N ARG A 76 20.90 -11.21 8.28
CA ARG A 76 20.14 -10.06 8.73
C ARG A 76 18.82 -10.49 9.35
N GLU A 77 18.44 -9.83 10.45
CA GLU A 77 17.20 -10.14 11.14
C GLU A 77 16.32 -8.91 11.27
N HIS A 78 15.05 -9.06 10.92
CA HIS A 78 14.11 -7.95 10.99
C HIS A 78 14.52 -6.81 10.06
N LEU A 79 15.03 -7.18 8.89
CA LEU A 79 15.47 -6.20 7.91
C LEU A 79 14.80 -6.45 6.55
N ASP A 80 15.16 -5.65 5.56
CA ASP A 80 14.61 -5.79 4.22
C ASP A 80 15.11 -7.07 3.56
N GLU A 81 14.62 -8.20 4.03
CA GLU A 81 15.03 -9.50 3.48
C GLU A 81 14.06 -9.95 2.38
N ASN A 82 14.59 -10.07 1.17
CA ASN A 82 13.78 -10.50 0.03
C ASN A 82 12.61 -9.54 -0.19
N SER A 83 12.88 -8.25 -0.05
CA SER A 83 11.84 -7.23 -0.23
C SER A 83 11.57 -7.01 -1.72
N PRO A 84 12.62 -6.68 -2.48
CA PRO A 84 12.51 -6.43 -3.92
C PRO A 84 12.53 -7.72 -4.75
N LEU A 85 11.67 -8.68 -4.36
CA LEU A 85 11.60 -9.95 -5.07
C LEU A 85 10.32 -10.70 -4.69
N GLY A 86 10.01 -10.70 -3.41
CA GLY A 86 8.81 -11.39 -2.94
C GLY A 86 7.76 -10.42 -2.42
N ASP A 87 7.59 -9.30 -3.13
CA ASP A 87 6.61 -8.30 -2.73
C ASP A 87 6.37 -7.30 -3.86
N LEU A 88 7.46 -6.85 -4.47
CA LEU A 88 7.36 -5.89 -5.57
C LEU A 88 6.61 -4.63 -5.15
N LEU A 89 7.34 -3.67 -4.60
CA LEU A 89 6.73 -2.42 -4.15
C LEU A 89 6.21 -1.61 -5.33
N ARG A 90 4.98 -1.12 -5.20
CA ARG A 90 4.36 -0.32 -6.26
C ARG A 90 4.55 1.16 -5.99
N GLY A 91 4.49 1.54 -4.72
CA GLY A 91 4.65 2.93 -4.36
C GLY A 91 5.50 3.11 -3.11
N VAL A 92 6.25 4.21 -3.06
CA VAL A 92 7.12 4.49 -1.92
C VAL A 92 7.16 5.98 -1.60
N LEU A 93 7.40 6.31 -0.34
CA LEU A 93 7.46 7.71 0.09
C LEU A 93 8.28 7.84 1.36
N ASP A 94 8.57 9.08 1.74
CA ASP A 94 9.36 9.36 2.94
C ASP A 94 8.46 9.74 4.11
N VAL A 95 8.48 8.95 5.17
CA VAL A 95 7.68 9.21 6.36
C VAL A 95 8.34 10.23 7.30
N PRO A 96 9.68 10.32 7.32
CA PRO A 96 10.38 11.26 8.20
C PRO A 96 10.50 12.65 7.59
N ALA A 97 9.39 13.19 7.10
CA ALA A 97 9.36 14.51 6.50
C ALA A 97 7.96 14.88 6.05
N CYS A 98 6.96 14.49 6.85
CA CYS A 98 5.56 14.77 6.52
C CYS A 98 4.81 15.23 7.76
N GLN A 99 3.56 15.65 7.57
CA GLN A 99 2.72 16.10 8.67
C GLN A 99 1.31 15.55 8.54
N ILE A 100 0.92 14.69 9.46
CA ILE A 100 -0.42 14.09 9.45
C ILE A 100 -1.45 15.06 10.00
N ALA A 101 -2.71 14.81 9.66
CA ALA A 101 -3.81 15.66 10.13
C ALA A 101 -5.11 14.87 10.22
N ILE A 102 -5.37 14.33 11.41
CA ILE A 102 -6.59 13.55 11.63
C ILE A 102 -7.83 14.38 11.34
N ARG A 103 -8.81 13.76 10.69
CA ARG A 103 -10.05 14.43 10.34
C ARG A 103 -11.26 13.63 10.83
N PRO A 104 -11.95 14.11 11.88
CA PRO A 104 -13.12 13.43 12.44
C PRO A 104 -14.38 13.64 11.60
N GLU A 105 -14.20 13.95 10.31
CA GLU A 105 -15.32 14.18 9.41
C GLU A 105 -14.82 14.37 7.97
N GLY A 106 -14.23 13.31 7.42
CA GLY A 106 -13.72 13.38 6.07
C GLY A 106 -14.78 13.76 5.06
N LYS A 107 -15.38 12.76 4.42
CA LYS A 107 -16.42 13.01 3.41
C LYS A 107 -16.93 11.69 2.84
N ASN A 108 -18.16 11.73 2.32
CA ASN A 108 -18.77 10.55 1.72
C ASN A 108 -18.85 9.41 2.73
N ASN A 109 -19.52 9.66 3.85
CA ASN A 109 -19.68 8.65 4.90
C ASN A 109 -18.32 8.17 5.40
N ARG A 110 -17.52 9.10 5.92
CA ARG A 110 -16.19 8.78 6.44
C ARG A 110 -15.78 9.77 7.51
N LEU A 111 -16.12 9.47 8.76
CA LEU A 111 -15.78 10.34 9.88
C LEU A 111 -14.35 10.12 10.34
N PHE A 112 -13.84 8.91 10.12
CA PHE A 112 -12.46 8.58 10.51
C PHE A 112 -11.54 8.61 9.30
N VAL A 113 -10.87 9.75 9.12
CA VAL A 113 -9.94 9.91 8.00
C VAL A 113 -8.86 10.93 8.32
N PHE A 114 -7.60 10.51 8.28
CA PHE A 114 -6.49 11.40 8.57
C PHE A 114 -5.76 11.78 7.29
N SER A 115 -5.69 13.08 7.02
CA SER A 115 -5.02 13.58 5.82
C SER A 115 -3.57 13.92 6.11
N ILE A 116 -2.68 13.43 5.24
CA ILE A 116 -1.24 13.67 5.39
C ILE A 116 -0.80 14.84 4.51
N SER A 117 0.35 15.42 4.83
CA SER A 117 0.88 16.54 4.06
C SER A 117 2.28 16.92 4.53
N MET A 118 3.21 17.01 3.59
CA MET A 118 4.59 17.36 3.90
C MET A 118 4.86 18.83 3.60
N PRO A 119 5.39 19.58 4.59
CA PRO A 119 5.69 21.00 4.42
C PRO A 119 7.04 21.25 3.76
N SER A 120 7.31 20.55 2.67
CA SER A 120 8.58 20.69 1.95
C SER A 120 8.64 19.73 0.76
N VAL A 121 7.52 19.57 0.07
CA VAL A 121 7.45 18.68 -1.08
C VAL A 121 6.79 19.36 -2.26
N ALA A 122 5.63 19.96 -2.01
CA ALA A 122 4.88 20.67 -3.05
C ALA A 122 3.44 20.94 -2.61
N GLN A 123 3.28 21.31 -1.33
CA GLN A 123 1.96 21.61 -0.79
C GLN A 123 0.98 20.46 -1.07
N TRP A 124 1.50 19.24 -1.12
CA TRP A 124 0.67 18.06 -1.38
C TRP A 124 -0.26 17.78 -0.21
N SER A 125 -1.18 16.84 -0.40
CA SER A 125 -2.13 16.47 0.65
C SER A 125 -2.69 15.08 0.40
N LEU A 126 -2.31 14.13 1.24
CA LEU A 126 -2.78 12.76 1.12
C LEU A 126 -3.92 12.48 2.09
N ASP A 127 -4.67 11.42 1.84
CA ASP A 127 -5.79 11.04 2.69
C ASP A 127 -5.86 9.52 2.86
N VAL A 128 -5.98 9.09 4.12
CA VAL A 128 -6.06 7.66 4.42
C VAL A 128 -7.01 7.41 5.59
N ALA A 129 -7.69 6.27 5.55
CA ALA A 129 -8.62 5.91 6.62
C ALA A 129 -8.52 4.42 6.97
N ALA A 130 -8.47 4.13 8.25
CA ALA A 130 -8.38 2.75 8.72
C ALA A 130 -9.73 2.27 9.23
N ASP A 131 -10.10 1.04 8.84
CA ASP A 131 -11.38 0.46 9.25
C ASP A 131 -11.57 0.54 10.76
N SER A 132 -10.53 0.15 11.49
CA SER A 132 -10.58 0.18 12.96
C SER A 132 -10.13 1.53 13.48
N GLN A 133 -11.04 2.22 14.17
CA GLN A 133 -10.74 3.53 14.73
C GLN A 133 -9.42 3.49 15.49
N GLU A 134 -9.07 2.31 16.01
CA GLU A 134 -7.83 2.12 16.74
C GLU A 134 -6.65 2.07 15.79
N GLU A 135 -6.82 1.37 14.68
CA GLU A 135 -5.77 1.25 13.68
C GLU A 135 -5.48 2.61 13.07
N LEU A 136 -6.53 3.42 12.94
CA LEU A 136 -6.40 4.76 12.37
C LEU A 136 -5.57 5.65 13.28
N GLN A 137 -5.96 5.70 14.55
CA GLN A 137 -5.25 6.51 15.54
C GLN A 137 -3.87 5.94 15.78
N ASP A 138 -3.76 4.61 15.77
CA ASP A 138 -2.49 3.94 15.97
C ASP A 138 -1.57 4.17 14.78
N TRP A 139 -2.16 4.28 13.59
CA TRP A 139 -1.38 4.51 12.39
C TRP A 139 -0.73 5.89 12.41
N VAL A 140 -1.51 6.89 12.81
CA VAL A 140 -1.00 8.25 12.89
C VAL A 140 0.14 8.35 13.90
N LYS A 141 -0.04 7.72 15.05
CA LYS A 141 0.97 7.73 16.09
C LYS A 141 2.25 7.07 15.60
N LYS A 142 2.11 6.04 14.79
CA LYS A 142 3.26 5.32 14.24
C LYS A 142 4.04 6.23 13.29
N ILE A 143 3.33 6.87 12.36
CA ILE A 143 3.98 7.77 11.43
C ILE A 143 4.80 8.81 12.19
N ARG A 144 4.26 9.22 13.33
CA ARG A 144 4.93 10.19 14.19
C ARG A 144 6.03 9.52 15.00
N GLU A 145 5.86 8.23 15.26
CA GLU A 145 6.85 7.48 16.03
C GLU A 145 8.09 7.22 15.19
N VAL A 146 7.88 6.93 13.92
CA VAL A 146 8.98 6.66 13.00
C VAL A 146 9.62 7.97 12.55
N ALA A 147 8.80 9.02 12.49
CA ALA A 147 9.28 10.34 12.09
C ALA A 147 10.04 10.99 13.22
N GLN A 148 9.61 10.71 14.46
CA GLN A 148 10.26 11.27 15.64
C GLN A 148 11.57 10.54 15.93
N THR A 149 11.79 9.42 15.25
CA THR A 149 13.01 8.64 15.45
C THR A 149 13.82 8.54 14.15
N ALA A 150 13.50 9.40 13.18
CA ALA A 150 14.21 9.40 11.91
C ALA A 150 14.44 10.82 11.42
N SER A 1 9.05 -2.54 8.26
CA SER A 1 7.59 -2.83 8.31
C SER A 1 7.07 -2.83 9.75
N ILE A 2 6.86 -1.63 10.30
CA ILE A 2 6.37 -1.50 11.66
C ILE A 2 4.85 -1.63 11.72
N LYS A 3 4.19 -1.15 10.68
CA LYS A 3 2.73 -1.22 10.61
C LYS A 3 2.25 -1.34 9.16
N ASN A 4 1.63 -2.46 8.85
CA ASN A 4 1.13 -2.70 7.49
C ASN A 4 -0.27 -3.32 7.54
N GLY A 5 -1.15 -2.84 6.67
CA GLY A 5 -2.51 -3.36 6.62
C GLY A 5 -3.27 -2.87 5.42
N ILE A 6 -4.58 -3.09 5.42
CA ILE A 6 -5.44 -2.66 4.32
C ILE A 6 -6.05 -1.29 4.60
N LEU A 7 -5.42 -0.25 4.08
CA LEU A 7 -5.90 1.11 4.27
C LEU A 7 -6.64 1.62 3.03
N TYR A 8 -7.55 2.56 3.24
CA TYR A 8 -8.33 3.12 2.13
C TYR A 8 -7.92 4.56 1.85
N LEU A 9 -7.67 4.87 0.58
CA LEU A 9 -7.26 6.21 0.18
C LEU A 9 -8.18 6.77 -0.90
N GLU A 10 -9.16 5.98 -1.34
CA GLU A 10 -10.11 6.41 -2.37
C GLU A 10 -9.39 7.07 -3.54
N ASP A 11 -10.17 7.67 -4.44
CA ASP A 11 -9.62 8.35 -5.61
C ASP A 11 -10.51 9.50 -6.03
N PRO A 12 -9.92 10.58 -6.56
CA PRO A 12 -10.67 11.77 -7.00
C PRO A 12 -11.40 11.53 -8.33
N VAL A 13 -11.00 10.50 -9.05
CA VAL A 13 -11.61 10.18 -10.33
C VAL A 13 -12.99 9.55 -10.14
N ASN A 14 -13.09 8.67 -9.15
CA ASN A 14 -14.35 8.00 -8.86
C ASN A 14 -14.97 8.55 -7.57
N HIS A 15 -14.14 9.12 -6.72
CA HIS A 15 -14.60 9.69 -5.45
C HIS A 15 -15.14 8.60 -4.54
N GLU A 16 -14.56 7.41 -4.63
CA GLU A 16 -14.99 6.28 -3.80
C GLU A 16 -13.81 5.69 -3.04
N TRP A 17 -14.07 5.25 -1.81
CA TRP A 17 -13.03 4.67 -0.97
C TRP A 17 -12.94 3.16 -1.19
N TYR A 18 -11.74 2.69 -1.53
CA TYR A 18 -11.51 1.26 -1.75
C TYR A 18 -10.32 0.77 -0.94
N PRO A 19 -10.37 -0.50 -0.49
CA PRO A 19 -9.29 -1.08 0.31
C PRO A 19 -8.00 -1.26 -0.48
N HIS A 20 -6.91 -0.70 0.03
CA HIS A 20 -5.62 -0.79 -0.62
C HIS A 20 -4.56 -1.35 0.34
N TYR A 21 -3.43 -1.76 -0.20
CA TYR A 21 -2.36 -2.31 0.61
C TYR A 21 -1.28 -1.26 0.88
N PHE A 22 -1.20 -0.82 2.13
CA PHE A 22 -0.23 0.19 2.53
C PHE A 22 0.67 -0.33 3.66
N VAL A 23 1.97 -0.18 3.51
CA VAL A 23 2.92 -0.61 4.53
C VAL A 23 3.76 0.55 5.04
N LEU A 24 3.90 0.62 6.35
CA LEU A 24 4.68 1.69 6.97
C LEU A 24 5.97 1.16 7.58
N THR A 25 7.09 1.46 6.93
CA THR A 25 8.40 1.01 7.41
C THR A 25 9.12 2.14 8.14
N SER A 26 9.86 1.78 9.19
CA SER A 26 10.59 2.75 9.98
C SER A 26 11.48 3.66 9.12
N SER A 27 11.80 3.19 7.91
CA SER A 27 12.64 3.98 7.01
C SER A 27 11.83 4.69 5.94
N LYS A 28 10.67 4.12 5.59
CA LYS A 28 9.81 4.71 4.56
C LYS A 28 8.39 4.17 4.64
N ILE A 29 7.55 4.58 3.69
CA ILE A 29 6.17 4.12 3.63
C ILE A 29 5.82 3.59 2.25
N TYR A 30 5.49 2.31 2.18
CA TYR A 30 5.15 1.68 0.90
C TYR A 30 3.66 1.81 0.62
N TYR A 31 3.33 2.09 -0.64
CA TYR A 31 1.95 2.24 -1.06
C TYR A 31 1.83 2.12 -2.58
N SER A 32 1.36 0.95 -3.04
CA SER A 32 1.20 0.71 -4.47
C SER A 32 0.70 -0.71 -4.71
N GLU A 33 -0.61 -0.89 -4.65
CA GLU A 33 -1.22 -2.20 -4.86
C GLU A 33 -0.76 -3.19 -3.79
N GLU A 34 -1.28 -4.41 -3.86
CA GLU A 34 -0.92 -5.45 -2.90
C GLU A 34 0.45 -6.04 -3.21
N THR A 35 1.00 -6.80 -2.27
CA THR A 35 2.30 -7.41 -2.45
C THR A 35 2.23 -8.58 -3.41
N SER A 36 3.29 -8.80 -4.18
CA SER A 36 3.35 -9.88 -5.14
C SER A 36 4.78 -10.15 -5.59
N SER A 37 5.71 -10.03 -4.66
CA SER A 37 7.13 -10.25 -4.95
C SER A 37 7.62 -9.28 -6.02
N ASP A 38 8.93 -9.27 -6.25
CA ASP A 38 9.53 -8.39 -7.24
C ASP A 38 9.26 -6.93 -6.90
N GLN A 39 9.35 -6.60 -5.60
CA GLN A 39 9.12 -5.24 -5.15
C GLN A 39 10.27 -4.75 -4.27
N GLY A 40 11.48 -5.24 -4.57
CA GLY A 40 12.64 -4.85 -3.79
C GLY A 40 12.61 -5.39 -2.38
N ASN A 41 11.96 -6.53 -2.19
CA ASN A 41 11.86 -7.15 -0.88
C ASN A 41 12.76 -8.40 -0.79
N GLU A 42 13.86 -8.37 -1.51
CA GLU A 42 14.80 -9.49 -1.52
C GLU A 42 16.03 -9.17 -0.68
N ASP A 43 15.83 -8.46 0.43
CA ASP A 43 16.92 -8.09 1.32
C ASP A 43 16.44 -8.06 2.77
N GLU A 44 16.45 -9.23 3.41
CA GLU A 44 16.02 -9.34 4.80
C GLU A 44 17.19 -9.07 5.75
N GLU A 45 16.87 -8.53 6.92
CA GLU A 45 17.89 -8.23 7.92
C GLU A 45 17.30 -8.30 9.33
N GLU A 46 17.27 -9.51 9.89
CA GLU A 46 16.74 -9.70 11.22
C GLU A 46 17.56 -10.74 11.99
N PRO A 47 18.46 -10.28 12.88
CA PRO A 47 19.31 -11.18 13.67
C PRO A 47 18.51 -11.98 14.70
N LYS A 48 18.41 -13.29 14.47
CA LYS A 48 17.67 -14.16 15.37
C LYS A 48 18.62 -15.11 16.11
N GLU A 49 19.66 -14.54 16.72
CA GLU A 49 20.63 -15.33 17.46
C GLU A 49 21.34 -16.31 16.55
N ALA A 50 22.30 -17.06 17.11
CA ALA A 50 23.05 -18.05 16.34
C ALA A 50 23.05 -19.40 17.03
N SER A 51 23.78 -20.35 16.47
CA SER A 51 23.86 -21.70 17.03
C SER A 51 25.21 -22.33 16.73
N GLY A 52 25.43 -22.71 15.48
CA GLY A 52 26.69 -23.32 15.09
C GLY A 52 27.69 -22.31 14.61
N SER A 53 28.96 -22.70 14.58
CA SER A 53 30.04 -21.82 14.14
C SER A 53 30.60 -22.28 12.80
N THR A 54 30.88 -21.32 11.92
CA THR A 54 31.43 -21.63 10.60
C THR A 54 32.16 -20.43 10.02
N GLU A 55 33.03 -20.68 9.05
CA GLU A 55 33.79 -19.62 8.42
C GLU A 55 32.87 -18.73 7.57
N LEU A 56 32.97 -17.42 7.80
CA LEU A 56 32.15 -16.46 7.06
C LEU A 56 32.93 -15.86 5.90
N HIS A 57 32.22 -15.59 4.80
CA HIS A 57 32.85 -15.01 3.62
C HIS A 57 32.49 -13.54 3.47
N SER A 58 33.46 -12.67 3.74
CA SER A 58 33.24 -11.23 3.64
C SER A 58 32.94 -10.83 2.21
N SER A 59 31.75 -10.27 2.00
CA SER A 59 31.34 -9.82 0.66
C SER A 59 31.33 -8.31 0.57
N LEU A 60 32.28 -7.77 -0.19
CA LEU A 60 32.39 -6.32 -0.36
C LEU A 60 32.92 -5.98 -1.75
N GLU A 61 33.97 -6.67 -2.16
CA GLU A 61 34.59 -6.46 -3.46
C GLU A 61 33.56 -6.63 -4.58
N VAL A 62 32.59 -7.50 -4.35
CA VAL A 62 31.55 -7.77 -5.33
C VAL A 62 30.70 -6.52 -5.60
N LEU A 63 30.59 -5.67 -4.58
CA LEU A 63 29.81 -4.44 -4.70
C LEU A 63 30.66 -3.30 -5.25
N PHE A 64 31.98 -3.48 -5.26
CA PHE A 64 32.89 -2.47 -5.78
C PHE A 64 33.10 -2.64 -7.27
N GLN A 65 32.11 -3.28 -7.91
CA GLN A 65 32.14 -3.53 -9.35
C GLN A 65 30.91 -4.33 -9.75
N GLY A 66 29.80 -4.07 -9.06
CA GLY A 66 28.56 -4.77 -9.33
C GLY A 66 27.37 -4.12 -8.66
N PRO A 67 27.20 -2.79 -8.83
CA PRO A 67 26.08 -2.06 -8.23
C PRO A 67 24.74 -2.46 -8.85
N ASN A 68 23.73 -2.65 -7.99
CA ASN A 68 22.40 -3.04 -8.45
C ASN A 68 22.46 -4.41 -9.14
N PRO A 69 21.96 -5.47 -8.48
CA PRO A 69 21.96 -6.83 -9.03
C PRO A 69 20.87 -7.05 -10.08
N ALA A 70 20.24 -5.96 -10.53
CA ALA A 70 19.19 -6.05 -11.54
C ALA A 70 19.74 -5.82 -12.94
N ILE A 71 21.01 -6.18 -13.14
CA ILE A 71 21.65 -6.01 -14.44
C ILE A 71 21.73 -7.33 -15.20
N LEU A 72 21.44 -8.44 -14.52
CA LEU A 72 21.50 -9.75 -15.16
C LEU A 72 20.16 -10.11 -15.78
N GLU A 73 19.35 -9.10 -16.03
CA GLU A 73 18.04 -9.27 -16.63
C GLU A 73 17.59 -7.98 -17.32
N PRO A 74 18.04 -7.77 -18.57
CA PRO A 74 17.70 -6.57 -19.34
C PRO A 74 16.23 -6.52 -19.75
N GLU A 75 15.36 -6.58 -18.76
CA GLU A 75 13.92 -6.55 -19.00
C GLU A 75 13.39 -5.12 -18.94
N ARG A 76 13.24 -4.61 -17.72
CA ARG A 76 12.74 -3.26 -17.51
C ARG A 76 13.81 -2.38 -16.87
N GLU A 77 13.93 -1.15 -17.36
CA GLU A 77 14.91 -0.21 -16.84
C GLU A 77 14.56 1.23 -17.20
N HIS A 78 13.63 1.80 -16.45
CA HIS A 78 13.19 3.18 -16.69
C HIS A 78 12.59 3.31 -18.09
N LEU A 79 11.34 2.88 -18.24
CA LEU A 79 10.65 2.94 -19.52
C LEU A 79 9.69 4.13 -19.56
N ASP A 80 8.85 4.18 -20.59
CA ASP A 80 7.89 5.26 -20.75
C ASP A 80 6.63 4.98 -19.92
N GLU A 81 6.81 4.88 -18.61
CA GLU A 81 5.68 4.62 -17.71
C GLU A 81 4.74 5.81 -17.66
N ASN A 82 3.48 5.56 -18.00
CA ASN A 82 2.47 6.62 -18.00
C ASN A 82 1.65 6.61 -16.71
N SER A 83 2.34 6.35 -15.60
CA SER A 83 1.70 6.33 -14.29
C SER A 83 0.95 7.64 -14.05
N PRO A 84 0.19 7.74 -12.94
CA PRO A 84 -0.56 8.97 -12.63
C PRO A 84 0.36 10.13 -12.24
N LEU A 85 1.30 10.46 -13.12
CA LEU A 85 2.24 11.55 -12.85
C LEU A 85 2.91 11.41 -11.49
N GLY A 86 2.95 10.17 -10.97
CA GLY A 86 3.57 9.93 -9.69
C GLY A 86 3.19 10.95 -8.63
N ASP A 87 1.92 11.33 -8.59
CA ASP A 87 1.45 12.31 -7.64
C ASP A 87 0.78 11.65 -6.44
N LEU A 88 0.04 10.57 -6.70
CA LEU A 88 -0.65 9.85 -5.64
C LEU A 88 0.05 8.52 -5.35
N LEU A 89 -0.09 7.56 -6.25
CA LEU A 89 0.52 6.25 -6.09
C LEU A 89 1.98 6.27 -6.51
N ARG A 90 2.87 6.04 -5.54
CA ARG A 90 4.31 6.04 -5.81
C ARG A 90 4.93 4.69 -5.46
N GLY A 91 4.44 4.09 -4.38
CA GLY A 91 4.98 2.80 -3.95
C GLY A 91 5.92 2.90 -2.77
N VAL A 92 6.51 4.08 -2.57
CA VAL A 92 7.43 4.29 -1.47
C VAL A 92 7.66 5.77 -1.21
N LEU A 93 7.76 6.14 0.07
CA LEU A 93 7.99 7.54 0.44
C LEU A 93 8.73 7.64 1.77
N ASP A 94 9.46 8.74 1.96
CA ASP A 94 10.21 8.95 3.19
C ASP A 94 9.29 9.26 4.35
N VAL A 95 9.52 8.60 5.48
CA VAL A 95 8.71 8.80 6.68
C VAL A 95 9.03 10.13 7.36
N PRO A 96 10.32 10.45 7.57
CA PRO A 96 10.73 11.69 8.23
C PRO A 96 10.60 12.90 7.30
N ALA A 97 9.39 13.14 6.82
CA ALA A 97 9.13 14.26 5.93
C ALA A 97 7.64 14.36 5.59
N CYS A 98 6.80 14.06 6.56
CA CYS A 98 5.35 14.11 6.37
C CYS A 98 4.66 14.72 7.59
N GLN A 99 3.42 15.15 7.40
CA GLN A 99 2.65 15.75 8.48
C GLN A 99 1.20 15.28 8.44
N ILE A 100 0.83 14.44 9.41
CA ILE A 100 -0.53 13.91 9.48
C ILE A 100 -1.48 14.93 10.10
N ALA A 101 -2.78 14.73 9.86
CA ALA A 101 -3.80 15.63 10.39
C ALA A 101 -5.17 14.97 10.38
N ILE A 102 -5.52 14.32 11.49
CA ILE A 102 -6.81 13.66 11.61
C ILE A 102 -7.96 14.63 11.41
N ARG A 103 -9.00 14.18 10.73
CA ARG A 103 -10.17 15.01 10.48
C ARG A 103 -11.45 14.24 10.75
N PRO A 104 -12.16 14.54 11.86
CA PRO A 104 -13.40 13.86 12.22
C PRO A 104 -14.56 14.22 11.27
N GLU A 105 -14.31 14.09 9.97
CA GLU A 105 -15.31 14.40 8.95
C GLU A 105 -14.69 14.32 7.56
N GLY A 106 -14.06 13.20 7.26
CA GLY A 106 -13.42 13.01 5.96
C GLY A 106 -14.29 13.47 4.81
N LYS A 107 -15.13 12.57 4.32
CA LYS A 107 -16.02 12.89 3.19
C LYS A 107 -16.87 11.69 2.81
N ASN A 108 -17.86 11.93 1.95
CA ASN A 108 -18.75 10.87 1.49
C ASN A 108 -19.51 10.24 2.65
N ASN A 109 -18.87 9.30 3.33
CA ASN A 109 -19.49 8.62 4.46
C ASN A 109 -18.42 8.17 5.47
N ARG A 110 -17.35 8.95 5.58
CA ARG A 110 -16.27 8.64 6.50
C ARG A 110 -16.11 9.74 7.54
N LEU A 111 -16.46 9.43 8.79
CA LEU A 111 -16.36 10.40 9.87
C LEU A 111 -14.95 10.40 10.47
N PHE A 112 -14.32 9.24 10.46
CA PHE A 112 -12.97 9.11 11.00
C PHE A 112 -11.94 8.97 9.89
N VAL A 113 -11.45 10.12 9.40
CA VAL A 113 -10.46 10.13 8.32
C VAL A 113 -9.32 11.06 8.65
N PHE A 114 -8.11 10.68 8.26
CA PHE A 114 -6.92 11.49 8.51
C PHE A 114 -6.16 11.76 7.21
N SER A 115 -5.77 13.02 7.02
CA SER A 115 -5.05 13.42 5.82
C SER A 115 -3.57 13.65 6.14
N ILE A 116 -2.71 13.24 5.21
CA ILE A 116 -1.27 13.40 5.39
C ILE A 116 -0.73 14.53 4.53
N SER A 117 0.42 15.08 4.91
CA SER A 117 1.04 16.17 4.16
C SER A 117 2.55 16.12 4.30
N MET A 118 3.21 17.20 3.89
CA MET A 118 4.67 17.28 3.98
C MET A 118 5.11 18.64 4.52
N PRO A 119 6.32 18.70 5.13
CA PRO A 119 6.85 19.95 5.70
C PRO A 119 7.09 21.02 4.63
N SER A 120 6.00 21.60 4.13
CA SER A 120 6.09 22.63 3.10
C SER A 120 6.80 22.11 1.86
N VAL A 121 6.03 21.92 0.79
CA VAL A 121 6.58 21.42 -0.47
C VAL A 121 5.86 22.05 -1.66
N ALA A 122 4.59 21.72 -1.82
CA ALA A 122 3.79 22.24 -2.92
C ALA A 122 2.33 21.79 -2.81
N GLN A 123 1.61 22.36 -1.85
CA GLN A 123 0.20 22.02 -1.62
C GLN A 123 -0.05 20.51 -1.76
N TRP A 124 0.92 19.72 -1.30
CA TRP A 124 0.80 18.26 -1.36
C TRP A 124 0.18 17.72 -0.08
N SER A 125 -0.89 16.94 -0.24
CA SER A 125 -1.57 16.34 0.91
C SER A 125 -2.52 15.24 0.47
N LEU A 126 -2.28 14.03 0.97
CA LEU A 126 -3.12 12.88 0.62
C LEU A 126 -4.11 12.58 1.75
N ASP A 127 -5.09 11.73 1.45
CA ASP A 127 -6.10 11.36 2.43
C ASP A 127 -6.02 9.87 2.76
N VAL A 128 -6.22 9.54 4.03
CA VAL A 128 -6.18 8.14 4.46
C VAL A 128 -7.14 7.91 5.63
N ALA A 129 -7.59 6.67 5.77
CA ALA A 129 -8.51 6.31 6.84
C ALA A 129 -8.50 4.81 7.11
N ALA A 130 -8.45 4.44 8.39
CA ALA A 130 -8.44 3.04 8.78
C ALA A 130 -9.80 2.61 9.32
N ASP A 131 -10.29 1.47 8.84
CA ASP A 131 -11.58 0.96 9.28
C ASP A 131 -11.64 0.82 10.79
N SER A 132 -10.51 0.43 11.38
CA SER A 132 -10.42 0.27 12.84
C SER A 132 -9.95 1.55 13.50
N GLN A 133 -10.84 2.18 14.25
CA GLN A 133 -10.51 3.42 14.96
C GLN A 133 -9.20 3.28 15.70
N GLU A 134 -8.89 2.05 16.10
CA GLU A 134 -7.65 1.78 16.82
C GLU A 134 -6.47 1.78 15.85
N GLU A 135 -6.68 1.20 14.67
CA GLU A 135 -5.64 1.14 13.66
C GLU A 135 -5.37 2.54 13.12
N LEU A 136 -6.41 3.36 13.07
CA LEU A 136 -6.30 4.72 12.58
C LEU A 136 -5.45 5.56 13.52
N GLN A 137 -5.76 5.47 14.81
CA GLN A 137 -5.02 6.21 15.82
C GLN A 137 -3.61 5.65 15.96
N ASP A 138 -3.51 4.32 15.86
CA ASP A 138 -2.21 3.65 15.97
C ASP A 138 -1.36 3.95 14.73
N TRP A 139 -2.03 4.19 13.61
CA TRP A 139 -1.34 4.50 12.36
C TRP A 139 -0.68 5.87 12.44
N VAL A 140 -1.44 6.85 12.91
CA VAL A 140 -0.93 8.21 13.05
C VAL A 140 0.23 8.28 14.04
N LYS A 141 0.09 7.54 15.13
CA LYS A 141 1.12 7.50 16.17
C LYS A 141 2.40 6.87 15.63
N LYS A 142 2.25 5.86 14.78
CA LYS A 142 3.40 5.18 14.20
C LYS A 142 4.15 6.11 13.26
N ILE A 143 3.42 6.74 12.35
CA ILE A 143 4.04 7.68 11.42
C ILE A 143 4.80 8.74 12.19
N ARG A 144 4.25 9.11 13.34
CA ARG A 144 4.87 10.10 14.21
C ARG A 144 6.03 9.47 14.97
N GLU A 145 5.93 8.17 15.24
CA GLU A 145 6.99 7.48 15.96
C GLU A 145 8.18 7.22 15.06
N VAL A 146 7.91 7.03 13.78
CA VAL A 146 8.97 6.79 12.80
C VAL A 146 9.63 8.10 12.42
N ALA A 147 8.84 9.17 12.42
CA ALA A 147 9.35 10.50 12.08
C ALA A 147 10.22 11.05 13.21
N GLN A 148 9.82 10.80 14.44
CA GLN A 148 10.56 11.27 15.60
C GLN A 148 11.84 10.46 15.79
N THR A 149 11.90 9.30 15.14
CA THR A 149 13.07 8.43 15.22
C THR A 149 13.81 8.38 13.89
N ALA A 150 13.52 9.34 13.01
CA ALA A 150 14.15 9.40 11.71
C ALA A 150 13.89 8.13 10.90
N SER A 1 9.17 -2.74 8.76
CA SER A 1 7.71 -3.00 8.85
C SER A 1 7.17 -2.64 10.23
N ILE A 2 6.78 -1.38 10.40
CA ILE A 2 6.24 -0.90 11.66
C ILE A 2 4.74 -1.17 11.76
N LYS A 3 4.06 -1.13 10.63
CA LYS A 3 2.62 -1.37 10.59
C LYS A 3 2.16 -1.73 9.18
N ASN A 4 1.23 -2.67 9.09
CA ASN A 4 0.71 -3.11 7.81
C ASN A 4 -0.80 -3.32 7.88
N GLY A 5 -1.52 -2.78 6.89
CA GLY A 5 -2.96 -2.93 6.87
C GLY A 5 -3.58 -2.47 5.56
N ILE A 6 -4.89 -2.66 5.43
CA ILE A 6 -5.59 -2.26 4.22
C ILE A 6 -6.17 -0.85 4.35
N LEU A 7 -5.31 0.14 4.25
CA LEU A 7 -5.73 1.54 4.35
C LEU A 7 -6.36 2.01 3.05
N TYR A 8 -7.53 2.64 3.16
CA TYR A 8 -8.24 3.14 1.98
C TYR A 8 -7.68 4.48 1.54
N LEU A 9 -7.87 4.80 0.25
CA LEU A 9 -7.39 6.05 -0.31
C LEU A 9 -8.40 6.60 -1.32
N GLU A 10 -8.24 7.88 -1.67
CA GLU A 10 -9.14 8.52 -2.61
C GLU A 10 -8.42 8.84 -3.92
N ASP A 11 -8.81 8.15 -4.98
CA ASP A 11 -8.21 8.36 -6.30
C ASP A 11 -8.93 9.50 -7.03
N PRO A 12 -8.24 10.63 -7.26
CA PRO A 12 -8.83 11.79 -7.95
C PRO A 12 -9.45 11.44 -9.30
N VAL A 13 -9.08 10.28 -9.84
CA VAL A 13 -9.61 9.84 -11.13
C VAL A 13 -11.11 9.62 -11.05
N ASN A 14 -11.56 9.05 -9.94
CA ASN A 14 -12.99 8.78 -9.74
C ASN A 14 -13.49 9.35 -8.41
N HIS A 15 -12.57 9.86 -7.59
CA HIS A 15 -12.93 10.41 -6.29
C HIS A 15 -13.73 9.41 -5.46
N GLU A 16 -13.10 8.29 -5.14
CA GLU A 16 -13.76 7.25 -4.34
C GLU A 16 -12.75 6.52 -3.47
N TRP A 17 -13.25 5.83 -2.45
CA TRP A 17 -12.39 5.09 -1.53
C TRP A 17 -12.02 3.73 -2.12
N TYR A 18 -10.76 3.35 -1.99
CA TYR A 18 -10.27 2.08 -2.51
C TYR A 18 -9.35 1.40 -1.49
N PRO A 19 -9.61 0.11 -1.18
CA PRO A 19 -8.79 -0.65 -0.22
C PRO A 19 -7.42 -0.99 -0.79
N HIS A 20 -6.40 -0.87 0.05
CA HIS A 20 -5.02 -1.18 -0.36
C HIS A 20 -4.17 -1.54 0.83
N TYR A 21 -3.46 -2.66 0.72
CA TYR A 21 -2.59 -3.13 1.80
C TYR A 21 -1.32 -2.29 1.89
N PHE A 22 -1.37 -1.23 2.68
CA PHE A 22 -0.23 -0.35 2.85
C PHE A 22 0.82 -0.97 3.77
N VAL A 23 2.09 -0.74 3.45
CA VAL A 23 3.19 -1.28 4.24
C VAL A 23 4.08 -0.16 4.78
N LEU A 24 3.91 0.15 6.06
CA LEU A 24 4.69 1.21 6.70
C LEU A 24 5.97 0.64 7.31
N THR A 25 7.11 1.01 6.74
CA THR A 25 8.40 0.55 7.25
C THR A 25 9.14 1.67 7.97
N SER A 26 9.98 1.28 8.92
CA SER A 26 10.76 2.24 9.70
C SER A 26 11.83 2.89 8.84
N SER A 27 11.40 3.54 7.77
CA SER A 27 12.30 4.21 6.85
C SER A 27 11.53 4.84 5.69
N LYS A 28 10.39 4.24 5.34
CA LYS A 28 9.57 4.75 4.25
C LYS A 28 8.24 4.00 4.18
N ILE A 29 7.32 4.52 3.38
CA ILE A 29 6.00 3.89 3.21
C ILE A 29 5.88 3.23 1.85
N TYR A 30 5.47 1.97 1.83
CA TYR A 30 5.31 1.23 0.59
C TYR A 30 3.88 0.72 0.44
N TYR A 31 3.20 1.18 -0.60
CA TYR A 31 1.82 0.76 -0.86
C TYR A 31 1.68 0.15 -2.24
N SER A 32 0.78 -0.83 -2.37
CA SER A 32 0.55 -1.50 -3.64
C SER A 32 -0.77 -2.26 -3.64
N GLU A 33 -1.37 -2.40 -4.81
CA GLU A 33 -2.64 -3.11 -4.94
C GLU A 33 -2.51 -4.54 -4.43
N GLU A 34 -3.21 -4.85 -3.35
CA GLU A 34 -3.18 -6.19 -2.77
C GLU A 34 -4.49 -6.52 -2.07
N THR A 35 -5.05 -7.69 -2.38
CA THR A 35 -6.30 -8.12 -1.77
C THR A 35 -6.19 -8.19 -0.25
N SER A 36 -7.28 -8.56 0.41
CA SER A 36 -7.30 -8.66 1.86
C SER A 36 -6.94 -10.08 2.30
N SER A 37 -5.83 -10.60 1.79
CA SER A 37 -5.38 -11.94 2.14
C SER A 37 -4.52 -11.93 3.39
N ASP A 38 -3.87 -13.05 3.67
CA ASP A 38 -3.01 -13.16 4.84
C ASP A 38 -3.81 -12.93 6.13
N GLN A 39 -4.42 -13.99 6.63
CA GLN A 39 -5.22 -13.91 7.86
C GLN A 39 -5.06 -15.17 8.70
N GLY A 40 -3.85 -15.72 8.72
CA GLY A 40 -3.59 -16.93 9.49
C GLY A 40 -3.20 -18.10 8.61
N ASN A 41 -3.63 -18.07 7.35
CA ASN A 41 -3.31 -19.13 6.41
C ASN A 41 -3.91 -20.46 6.88
N GLU A 42 -5.04 -20.39 7.56
CA GLU A 42 -5.70 -21.59 8.06
C GLU A 42 -6.87 -21.97 7.16
N ASP A 43 -6.72 -21.76 5.87
CA ASP A 43 -7.76 -22.08 4.90
C ASP A 43 -7.15 -22.54 3.58
N GLU A 44 -7.53 -23.74 3.14
CA GLU A 44 -7.03 -24.30 1.89
C GLU A 44 -8.15 -24.99 1.12
N GLU A 45 -7.83 -25.39 -0.11
CA GLU A 45 -8.81 -26.06 -0.96
C GLU A 45 -8.12 -26.76 -2.13
N GLU A 46 -8.45 -28.04 -2.33
CA GLU A 46 -7.86 -28.82 -3.41
C GLU A 46 -8.17 -28.18 -4.77
N PRO A 47 -7.19 -28.20 -5.70
CA PRO A 47 -7.37 -27.62 -7.03
C PRO A 47 -8.25 -28.48 -7.93
N LYS A 48 -8.85 -27.86 -8.93
CA LYS A 48 -9.73 -28.56 -9.86
C LYS A 48 -8.91 -29.38 -10.87
N GLU A 49 -8.23 -30.41 -10.37
CA GLU A 49 -7.42 -31.27 -11.22
C GLU A 49 -8.08 -32.62 -11.43
N ALA A 50 -9.06 -32.67 -12.33
CA ALA A 50 -9.76 -33.91 -12.63
C ALA A 50 -9.76 -34.21 -14.11
N SER A 51 -9.66 -35.50 -14.46
CA SER A 51 -9.64 -35.91 -15.85
C SER A 51 -10.55 -37.12 -16.07
N GLY A 52 -10.79 -37.45 -17.34
CA GLY A 52 -11.63 -38.59 -17.65
C GLY A 52 -12.38 -38.41 -18.96
N SER A 53 -11.96 -39.16 -19.99
CA SER A 53 -12.59 -39.08 -21.30
C SER A 53 -13.69 -40.12 -21.43
N THR A 54 -13.51 -41.26 -20.77
CA THR A 54 -14.48 -42.34 -20.82
C THR A 54 -14.76 -42.89 -19.42
N GLU A 55 -15.98 -42.65 -18.94
CA GLU A 55 -16.38 -43.11 -17.61
C GLU A 55 -16.64 -44.61 -17.62
N LEU A 56 -16.86 -45.17 -16.43
CA LEU A 56 -17.12 -46.60 -16.29
C LEU A 56 -18.58 -46.91 -16.62
N HIS A 57 -19.47 -46.58 -15.69
CA HIS A 57 -20.90 -46.82 -15.88
C HIS A 57 -21.72 -45.60 -15.48
N SER A 58 -21.48 -45.09 -14.28
CA SER A 58 -22.20 -43.94 -13.78
C SER A 58 -21.50 -42.64 -14.21
N SER A 59 -21.95 -41.52 -13.65
CA SER A 59 -21.36 -40.22 -13.97
C SER A 59 -21.63 -39.22 -12.86
N LEU A 60 -20.60 -38.45 -12.51
CA LEU A 60 -20.71 -37.45 -11.45
C LEU A 60 -19.88 -36.22 -11.78
N GLU A 61 -18.63 -36.46 -12.17
CA GLU A 61 -17.73 -35.37 -12.51
C GLU A 61 -18.21 -34.63 -13.75
N VAL A 62 -18.89 -35.35 -14.64
CA VAL A 62 -19.40 -34.77 -15.86
C VAL A 62 -20.58 -33.83 -15.57
N LEU A 63 -21.41 -34.22 -14.61
CA LEU A 63 -22.56 -33.42 -14.24
C LEU A 63 -22.13 -32.12 -13.55
N PHE A 64 -20.88 -32.08 -13.08
CA PHE A 64 -20.35 -30.90 -12.42
C PHE A 64 -19.65 -29.99 -13.42
N GLN A 65 -20.02 -30.15 -14.69
CA GLN A 65 -19.45 -29.35 -15.76
C GLN A 65 -20.43 -29.30 -16.93
N GLY A 66 -21.72 -29.42 -16.61
CA GLY A 66 -22.74 -29.39 -17.64
C GLY A 66 -23.39 -28.03 -17.77
N PRO A 67 -23.95 -27.48 -16.67
CA PRO A 67 -24.60 -26.17 -16.68
C PRO A 67 -23.71 -25.09 -17.29
N ASN A 68 -24.31 -24.21 -18.08
CA ASN A 68 -23.58 -23.12 -18.73
C ASN A 68 -22.48 -23.68 -19.63
N PRO A 69 -22.87 -24.31 -20.75
CA PRO A 69 -21.92 -24.90 -21.70
C PRO A 69 -21.43 -23.89 -22.74
N ALA A 70 -21.64 -22.60 -22.47
CA ALA A 70 -21.21 -21.55 -23.38
C ALA A 70 -19.88 -20.96 -22.95
N ILE A 71 -19.06 -21.77 -22.31
CA ILE A 71 -17.75 -21.34 -21.84
C ILE A 71 -16.63 -21.82 -22.76
N LEU A 72 -16.98 -22.63 -23.75
CA LEU A 72 -15.98 -23.16 -24.68
C LEU A 72 -15.82 -22.26 -25.90
N GLU A 73 -16.22 -21.01 -25.75
CA GLU A 73 -16.12 -20.03 -26.83
C GLU A 73 -15.57 -18.70 -26.31
N PRO A 74 -14.28 -18.68 -25.93
CA PRO A 74 -13.63 -17.47 -25.41
C PRO A 74 -13.46 -16.40 -26.49
N GLU A 75 -14.58 -15.94 -27.05
CA GLU A 75 -14.56 -14.92 -28.08
C GLU A 75 -13.82 -13.68 -27.62
N ARG A 76 -13.84 -13.43 -26.32
CA ARG A 76 -13.16 -12.28 -25.74
C ARG A 76 -12.43 -12.65 -24.45
N GLU A 77 -11.20 -12.18 -24.32
CA GLU A 77 -10.40 -12.46 -23.13
C GLU A 77 -9.09 -11.66 -23.15
N HIS A 78 -9.15 -10.45 -22.63
CA HIS A 78 -7.97 -9.58 -22.58
C HIS A 78 -7.48 -9.26 -24.00
N LEU A 79 -8.15 -8.33 -24.66
CA LEU A 79 -7.78 -7.94 -26.01
C LEU A 79 -7.76 -6.42 -26.15
N ASP A 80 -6.59 -5.87 -26.41
CA ASP A 80 -6.45 -4.42 -26.57
C ASP A 80 -6.89 -3.69 -25.31
N GLU A 81 -6.69 -4.33 -24.15
CA GLU A 81 -7.08 -3.75 -22.88
C GLU A 81 -6.18 -2.56 -22.53
N ASN A 82 -6.77 -1.54 -21.93
CA ASN A 82 -6.03 -0.34 -21.54
C ASN A 82 -5.15 -0.61 -20.33
N SER A 83 -5.74 -1.22 -19.31
CA SER A 83 -4.99 -1.54 -18.10
C SER A 83 -4.35 -0.27 -17.53
N PRO A 84 -3.64 -0.36 -16.40
CA PRO A 84 -2.98 0.80 -15.77
C PRO A 84 -1.70 1.21 -16.51
N LEU A 85 -1.78 1.26 -17.84
CA LEU A 85 -0.62 1.65 -18.66
C LEU A 85 0.68 1.01 -18.17
N GLY A 86 0.68 -0.31 -18.05
CA GLY A 86 1.87 -1.01 -17.60
C GLY A 86 1.71 -1.66 -16.25
N ASP A 87 1.05 -0.97 -15.32
CA ASP A 87 0.82 -1.49 -13.99
C ASP A 87 2.10 -1.41 -13.15
N LEU A 88 2.22 -0.35 -12.35
CA LEU A 88 3.39 -0.16 -11.50
C LEU A 88 2.96 -0.02 -10.04
N LEU A 89 2.27 -1.04 -9.54
CA LEU A 89 1.80 -1.04 -8.16
C LEU A 89 2.98 -1.09 -7.18
N ARG A 90 3.63 0.05 -6.99
CA ARG A 90 4.76 0.14 -6.09
C ARG A 90 5.13 1.61 -5.83
N GLY A 91 4.40 2.24 -4.92
CA GLY A 91 4.66 3.63 -4.59
C GLY A 91 5.37 3.78 -3.26
N VAL A 92 6.32 4.72 -3.20
CA VAL A 92 7.08 4.97 -1.98
C VAL A 92 6.73 6.33 -1.39
N LEU A 93 6.93 6.47 -0.08
CA LEU A 93 6.64 7.72 0.60
C LEU A 93 7.48 7.86 1.86
N ASP A 94 8.40 8.82 1.85
CA ASP A 94 9.28 9.06 2.99
C ASP A 94 8.48 9.40 4.24
N VAL A 95 8.74 8.67 5.32
CA VAL A 95 8.03 8.90 6.58
C VAL A 95 8.52 10.16 7.28
N PRO A 96 9.86 10.34 7.40
CA PRO A 96 10.42 11.53 8.06
C PRO A 96 10.32 12.78 7.19
N ALA A 97 9.09 13.12 6.80
CA ALA A 97 8.83 14.29 5.98
C ALA A 97 7.38 14.34 5.54
N CYS A 98 6.48 13.99 6.45
CA CYS A 98 5.05 13.97 6.15
C CYS A 98 4.23 14.03 7.44
N GLN A 99 3.75 15.23 7.77
CA GLN A 99 2.94 15.42 8.97
C GLN A 99 1.50 14.97 8.73
N ILE A 100 0.94 14.27 9.70
CA ILE A 100 -0.44 13.78 9.60
C ILE A 100 -1.43 14.83 10.09
N ALA A 101 -2.69 14.66 9.71
CA ALA A 101 -3.73 15.59 10.12
C ALA A 101 -5.08 14.88 10.24
N ILE A 102 -5.32 14.25 11.39
CA ILE A 102 -6.55 13.53 11.63
C ILE A 102 -7.76 14.46 11.50
N ARG A 103 -8.90 13.87 11.14
CA ARG A 103 -10.14 14.62 10.97
C ARG A 103 -11.33 13.75 11.34
N PRO A 104 -12.07 14.12 12.42
CA PRO A 104 -13.23 13.35 12.86
C PRO A 104 -14.47 13.61 12.01
N GLU A 105 -14.29 13.68 10.69
CA GLU A 105 -15.39 13.93 9.77
C GLU A 105 -14.87 14.07 8.34
N GLY A 106 -14.26 13.00 7.83
CA GLY A 106 -13.72 13.02 6.49
C GLY A 106 -14.74 13.45 5.45
N LYS A 107 -15.41 12.48 4.84
CA LYS A 107 -16.41 12.76 3.83
C LYS A 107 -17.07 11.48 3.34
N ASN A 108 -18.13 11.63 2.56
CA ASN A 108 -18.86 10.48 2.01
C ASN A 108 -19.49 9.66 3.13
N ASN A 109 -18.68 8.83 3.78
CA ASN A 109 -19.15 7.98 4.87
C ASN A 109 -18.00 7.53 5.74
N ARG A 110 -16.97 8.37 5.85
CA ARG A 110 -15.81 8.05 6.67
C ARG A 110 -15.62 9.07 7.78
N LEU A 111 -16.19 8.78 8.95
CA LEU A 111 -16.09 9.68 10.10
C LEU A 111 -14.65 9.73 10.62
N PHE A 112 -13.93 8.62 10.47
CA PHE A 112 -12.55 8.54 10.93
C PHE A 112 -11.58 8.60 9.75
N VAL A 113 -11.13 9.81 9.42
CA VAL A 113 -10.20 10.01 8.32
C VAL A 113 -9.09 10.99 8.70
N PHE A 114 -7.88 10.72 8.23
CA PHE A 114 -6.74 11.58 8.52
C PHE A 114 -6.01 11.98 7.24
N SER A 115 -5.75 13.27 7.08
CA SER A 115 -5.06 13.78 5.90
C SER A 115 -3.59 14.08 6.21
N ILE A 116 -2.70 13.54 5.40
CA ILE A 116 -1.27 13.75 5.58
C ILE A 116 -0.75 14.82 4.63
N SER A 117 0.41 15.39 4.97
CA SER A 117 1.00 16.43 4.13
C SER A 117 2.52 16.47 4.32
N MET A 118 3.23 16.86 3.27
CA MET A 118 4.68 16.94 3.31
C MET A 118 5.15 18.37 3.63
N PRO A 119 5.69 18.60 4.85
CA PRO A 119 6.17 19.91 5.27
C PRO A 119 7.50 20.28 4.63
N SER A 120 7.55 20.23 3.30
CA SER A 120 8.76 20.56 2.55
C SER A 120 8.60 20.22 1.07
N VAL A 121 7.42 20.53 0.53
CA VAL A 121 7.13 20.26 -0.88
C VAL A 121 6.15 21.27 -1.45
N ALA A 122 4.91 21.21 -0.96
CA ALA A 122 3.86 22.10 -1.42
C ALA A 122 2.57 21.83 -0.64
N GLN A 123 1.43 22.16 -1.25
CA GLN A 123 0.14 21.94 -0.62
C GLN A 123 -0.37 20.52 -0.87
N TRP A 124 0.51 19.54 -0.69
CA TRP A 124 0.15 18.14 -0.90
C TRP A 124 -0.72 17.63 0.25
N SER A 125 -1.74 16.85 -0.07
CA SER A 125 -2.63 16.31 0.94
C SER A 125 -3.02 14.87 0.62
N LEU A 126 -2.52 13.93 1.42
CA LEU A 126 -2.80 12.52 1.22
C LEU A 126 -3.94 12.06 2.13
N ASP A 127 -5.08 11.72 1.53
CA ASP A 127 -6.25 11.27 2.29
C ASP A 127 -6.15 9.78 2.58
N VAL A 128 -6.13 9.44 3.86
CA VAL A 128 -6.04 8.04 4.29
C VAL A 128 -6.90 7.79 5.52
N ALA A 129 -7.38 6.57 5.67
CA ALA A 129 -8.21 6.21 6.82
C ALA A 129 -8.24 4.70 7.03
N ALA A 130 -8.37 4.28 8.28
CA ALA A 130 -8.42 2.87 8.63
C ALA A 130 -9.78 2.49 9.18
N ASP A 131 -10.18 1.24 8.97
CA ASP A 131 -11.47 0.75 9.46
C ASP A 131 -11.58 0.93 10.96
N SER A 132 -10.66 0.31 11.69
CA SER A 132 -10.64 0.40 13.14
C SER A 132 -10.16 1.76 13.60
N GLN A 133 -11.07 2.52 14.23
CA GLN A 133 -10.73 3.85 14.72
C GLN A 133 -9.43 3.82 15.52
N GLU A 134 -9.14 2.67 16.12
CA GLU A 134 -7.92 2.51 16.90
C GLU A 134 -6.71 2.42 15.98
N GLU A 135 -6.87 1.69 14.88
CA GLU A 135 -5.80 1.54 13.91
C GLU A 135 -5.49 2.87 13.23
N LEU A 136 -6.52 3.69 13.08
CA LEU A 136 -6.38 5.00 12.47
C LEU A 136 -5.56 5.93 13.35
N GLN A 137 -5.93 5.99 14.63
CA GLN A 137 -5.22 6.83 15.59
C GLN A 137 -3.82 6.28 15.83
N ASP A 138 -3.72 4.96 15.92
CA ASP A 138 -2.44 4.31 16.13
C ASP A 138 -1.53 4.49 14.91
N TRP A 139 -2.16 4.62 13.75
CA TRP A 139 -1.41 4.80 12.51
C TRP A 139 -0.74 6.17 12.50
N VAL A 140 -1.50 7.20 12.81
CA VAL A 140 -0.99 8.57 12.85
C VAL A 140 0.15 8.69 13.86
N LYS A 141 -0.03 8.06 15.01
CA LYS A 141 0.98 8.10 16.06
C LYS A 141 2.24 7.37 15.63
N LYS A 142 2.08 6.26 14.93
CA LYS A 142 3.21 5.48 14.46
C LYS A 142 4.00 6.27 13.43
N ILE A 143 3.31 6.80 12.43
CA ILE A 143 3.96 7.59 11.40
C ILE A 143 4.75 8.72 12.04
N ARG A 144 4.18 9.27 13.11
CA ARG A 144 4.81 10.35 13.84
C ARG A 144 5.88 9.81 14.79
N GLU A 145 5.73 8.56 15.19
CA GLU A 145 6.69 7.94 16.10
C GLU A 145 7.96 7.55 15.35
N VAL A 146 7.80 7.07 14.13
CA VAL A 146 8.94 6.68 13.30
C VAL A 146 9.55 7.91 12.64
N ALA A 147 8.73 8.92 12.42
CA ALA A 147 9.19 10.16 11.81
C ALA A 147 9.89 11.02 12.84
N GLN A 148 9.40 10.96 14.08
CA GLN A 148 9.98 11.73 15.17
C GLN A 148 11.31 11.13 15.61
N THR A 149 11.59 9.90 15.18
CA THR A 149 12.84 9.24 15.53
C THR A 149 13.81 9.22 14.35
N ALA A 150 13.28 9.39 13.15
CA ALA A 150 14.10 9.39 11.95
C ALA A 150 14.85 10.71 11.80
N SER A 1 8.45 -3.52 8.09
CA SER A 1 7.00 -3.21 8.11
C SER A 1 6.46 -3.11 9.53
N ILE A 2 6.54 -1.91 10.10
CA ILE A 2 6.06 -1.67 11.45
C ILE A 2 4.54 -1.60 11.50
N LYS A 3 3.95 -1.05 10.44
CA LYS A 3 2.50 -0.92 10.36
C LYS A 3 2.01 -1.17 8.94
N ASN A 4 1.66 -2.42 8.65
CA ASN A 4 1.18 -2.79 7.33
C ASN A 4 -0.18 -3.48 7.42
N GLY A 5 -1.12 -3.05 6.59
CA GLY A 5 -2.45 -3.63 6.60
C GLY A 5 -3.29 -3.17 5.43
N ILE A 6 -4.59 -3.40 5.51
CA ILE A 6 -5.51 -3.01 4.45
C ILE A 6 -6.18 -1.68 4.77
N LEU A 7 -5.46 -0.59 4.53
CA LEU A 7 -5.99 0.75 4.79
C LEU A 7 -6.78 1.27 3.59
N TYR A 8 -7.65 2.24 3.82
CA TYR A 8 -8.47 2.82 2.77
C TYR A 8 -7.91 4.18 2.34
N LEU A 9 -8.34 4.64 1.17
CA LEU A 9 -7.90 5.92 0.64
C LEU A 9 -8.59 6.24 -0.68
N GLU A 10 -9.17 7.44 -0.78
CA GLU A 10 -9.87 7.86 -1.98
C GLU A 10 -8.95 8.66 -2.91
N ASP A 11 -9.38 8.84 -4.14
CA ASP A 11 -8.61 9.59 -5.12
C ASP A 11 -9.40 10.79 -5.64
N PRO A 12 -8.71 11.86 -6.03
CA PRO A 12 -9.36 13.08 -6.55
C PRO A 12 -9.89 12.89 -7.97
N VAL A 13 -9.39 11.86 -8.65
CA VAL A 13 -9.83 11.58 -10.02
C VAL A 13 -11.19 10.90 -10.03
N ASN A 14 -11.41 10.01 -9.07
CA ASN A 14 -12.66 9.29 -8.95
C ASN A 14 -13.54 9.89 -7.85
N HIS A 15 -12.91 10.55 -6.90
CA HIS A 15 -13.62 11.18 -5.78
C HIS A 15 -14.32 10.12 -4.93
N GLU A 16 -13.69 8.96 -4.82
CA GLU A 16 -14.26 7.86 -4.03
C GLU A 16 -13.15 7.05 -3.35
N TRP A 17 -13.51 6.39 -2.26
CA TRP A 17 -12.54 5.58 -1.50
C TRP A 17 -12.28 4.26 -2.21
N TYR A 18 -11.03 3.83 -2.22
CA TYR A 18 -10.64 2.58 -2.86
C TYR A 18 -9.75 1.75 -1.94
N PRO A 19 -9.97 0.42 -1.89
CA PRO A 19 -9.18 -0.47 -1.04
C PRO A 19 -7.77 -0.70 -1.59
N HIS A 20 -6.78 -0.54 -0.73
CA HIS A 20 -5.39 -0.73 -1.13
C HIS A 20 -4.58 -1.33 0.01
N TYR A 21 -3.28 -1.52 -0.23
CA TYR A 21 -2.39 -2.08 0.77
C TYR A 21 -1.27 -1.11 1.13
N PHE A 22 -0.94 -1.02 2.41
CA PHE A 22 0.12 -0.13 2.87
C PHE A 22 1.06 -0.86 3.81
N VAL A 23 2.33 -0.47 3.80
CA VAL A 23 3.34 -1.07 4.65
C VAL A 23 4.28 -0.02 5.22
N LEU A 24 3.95 0.49 6.40
CA LEU A 24 4.77 1.51 7.06
C LEU A 24 6.10 0.92 7.54
N THR A 25 7.19 1.40 6.95
CA THR A 25 8.52 0.92 7.32
C THR A 25 9.20 1.89 8.27
N SER A 26 10.17 1.38 9.03
CA SER A 26 10.91 2.18 10.01
C SER A 26 11.29 3.56 9.46
N SER A 27 11.58 3.63 8.16
CA SER A 27 11.95 4.89 7.55
C SER A 27 11.42 5.00 6.12
N LYS A 28 10.14 4.68 5.94
CA LYS A 28 9.52 4.76 4.63
C LYS A 28 8.08 4.27 4.66
N ILE A 29 7.34 4.54 3.59
CA ILE A 29 5.95 4.13 3.48
C ILE A 29 5.69 3.46 2.13
N TYR A 30 5.65 2.13 2.14
CA TYR A 30 5.41 1.37 0.92
C TYR A 30 3.95 1.46 0.49
N TYR A 31 3.74 1.74 -0.80
CA TYR A 31 2.39 1.86 -1.34
C TYR A 31 2.33 1.30 -2.75
N SER A 32 1.44 0.32 -2.97
CA SER A 32 1.29 -0.29 -4.28
C SER A 32 0.01 -1.13 -4.35
N GLU A 33 0.07 -2.32 -3.78
CA GLU A 33 -1.07 -3.23 -3.77
C GLU A 33 -0.90 -4.32 -2.72
N GLU A 34 -1.89 -5.19 -2.61
CA GLU A 34 -1.86 -6.28 -1.65
C GLU A 34 -1.02 -7.44 -2.16
N THR A 35 -0.34 -8.13 -1.26
CA THR A 35 0.50 -9.27 -1.63
C THR A 35 -0.23 -10.59 -1.41
N SER A 36 0.01 -11.54 -2.29
CA SER A 36 -0.64 -12.85 -2.19
C SER A 36 0.27 -13.95 -2.75
N SER A 37 1.57 -13.82 -2.48
CA SER A 37 2.54 -14.80 -2.96
C SER A 37 3.42 -15.30 -1.81
N ASP A 38 4.26 -16.27 -2.10
CA ASP A 38 5.15 -16.84 -1.10
C ASP A 38 6.61 -16.72 -1.53
N GLN A 39 7.28 -15.69 -1.06
CA GLN A 39 8.69 -15.47 -1.40
C GLN A 39 9.45 -14.88 -0.23
N GLY A 40 9.30 -15.50 0.94
CA GLY A 40 9.98 -15.02 2.13
C GLY A 40 11.30 -15.72 2.36
N ASN A 41 12.09 -15.86 1.29
CA ASN A 41 13.38 -16.53 1.38
C ASN A 41 14.44 -15.73 0.63
N GLU A 42 14.33 -14.40 0.68
CA GLU A 42 15.27 -13.52 0.02
C GLU A 42 15.57 -14.00 -1.41
N ASP A 43 14.57 -14.55 -2.07
CA ASP A 43 14.72 -15.05 -3.43
C ASP A 43 15.78 -16.14 -3.50
N GLU A 44 15.88 -16.79 -4.65
CA GLU A 44 16.86 -17.86 -4.84
C GLU A 44 18.20 -17.29 -5.28
N GLU A 45 19.21 -17.40 -4.41
CA GLU A 45 20.54 -16.90 -4.71
C GLU A 45 21.61 -17.82 -4.15
N GLU A 46 22.51 -18.27 -5.01
CA GLU A 46 23.60 -19.16 -4.59
C GLU A 46 24.61 -18.42 -3.72
N PRO A 47 24.69 -18.76 -2.42
CA PRO A 47 25.63 -18.11 -1.50
C PRO A 47 27.08 -18.51 -1.76
N LYS A 48 28.01 -17.80 -1.14
CA LYS A 48 29.43 -18.08 -1.32
C LYS A 48 29.89 -19.14 -0.32
N GLU A 49 30.92 -19.89 -0.71
CA GLU A 49 31.47 -20.94 0.15
C GLU A 49 32.92 -20.66 0.49
N ALA A 50 33.46 -21.41 1.46
CA ALA A 50 34.83 -21.24 1.89
C ALA A 50 35.68 -22.45 1.51
N SER A 51 36.28 -22.40 0.32
CA SER A 51 37.12 -23.49 -0.15
C SER A 51 38.56 -23.34 0.34
N GLY A 52 39.30 -24.43 0.32
CA GLY A 52 40.68 -24.40 0.77
C GLY A 52 41.66 -24.36 -0.39
N SER A 53 42.69 -25.20 -0.32
CA SER A 53 43.69 -25.25 -1.38
C SER A 53 43.43 -26.41 -2.33
N THR A 54 44.01 -26.33 -3.52
CA THR A 54 43.85 -27.37 -4.54
C THR A 54 42.39 -27.84 -4.63
N GLU A 55 41.54 -26.99 -5.18
CA GLU A 55 40.12 -27.31 -5.33
C GLU A 55 39.47 -26.42 -6.39
N LEU A 56 38.24 -26.76 -6.76
CA LEU A 56 37.51 -25.99 -7.76
C LEU A 56 37.12 -24.62 -7.23
N HIS A 57 37.27 -23.60 -8.07
CA HIS A 57 36.93 -22.24 -7.68
C HIS A 57 36.82 -21.34 -8.91
N SER A 58 36.14 -20.21 -8.75
CA SER A 58 35.96 -19.26 -9.85
C SER A 58 35.51 -17.90 -9.31
N SER A 59 36.22 -16.85 -9.72
CA SER A 59 35.89 -15.50 -9.28
C SER A 59 36.33 -14.47 -10.33
N LEU A 60 35.37 -13.68 -10.81
CA LEU A 60 35.66 -12.66 -11.81
C LEU A 60 34.76 -11.45 -11.63
N GLU A 61 33.46 -11.71 -11.45
CA GLU A 61 32.48 -10.64 -11.26
C GLU A 61 32.82 -9.81 -10.03
N VAL A 62 33.42 -10.45 -9.03
CA VAL A 62 33.81 -9.77 -7.80
C VAL A 62 34.83 -8.67 -8.09
N LEU A 63 35.69 -8.91 -9.06
CA LEU A 63 36.71 -7.94 -9.44
C LEU A 63 36.08 -6.67 -9.98
N PHE A 64 34.81 -6.75 -10.39
CA PHE A 64 34.10 -5.59 -10.91
C PHE A 64 33.38 -4.85 -9.80
N GLN A 65 33.86 -5.06 -8.57
CA GLN A 65 33.30 -4.42 -7.39
C GLN A 65 34.38 -4.29 -6.32
N GLY A 66 35.63 -4.22 -6.78
CA GLY A 66 36.76 -4.09 -5.88
C GLY A 66 37.28 -2.67 -5.82
N PRO A 67 37.94 -2.20 -6.89
CA PRO A 67 38.49 -0.84 -6.97
C PRO A 67 37.50 0.21 -6.49
N ASN A 68 37.81 0.85 -5.37
CA ASN A 68 36.94 1.88 -4.80
C ASN A 68 35.59 1.28 -4.40
N PRO A 69 35.47 0.82 -3.13
CA PRO A 69 34.23 0.22 -2.63
C PRO A 69 33.21 1.26 -2.17
N ALA A 70 33.48 2.54 -2.47
CA ALA A 70 32.57 3.61 -2.09
C ALA A 70 31.64 3.98 -3.24
N ILE A 71 31.34 3.00 -4.09
CA ILE A 71 30.45 3.23 -5.22
C ILE A 71 29.03 2.76 -4.94
N LEU A 72 28.84 2.10 -3.80
CA LEU A 72 27.52 1.61 -3.44
C LEU A 72 26.74 2.62 -2.60
N GLU A 73 27.14 3.87 -2.71
CA GLU A 73 26.50 4.96 -1.99
C GLU A 73 26.35 6.19 -2.88
N PRO A 74 25.50 6.11 -3.92
CA PRO A 74 25.28 7.21 -4.86
C PRO A 74 24.55 8.39 -4.20
N GLU A 75 25.18 8.96 -3.17
CA GLU A 75 24.60 10.09 -2.46
C GLU A 75 25.10 11.42 -3.02
N ARG A 76 25.60 11.38 -4.25
CA ARG A 76 26.11 12.59 -4.90
C ARG A 76 25.87 12.53 -6.41
N GLU A 77 26.11 13.65 -7.09
CA GLU A 77 25.92 13.73 -8.53
C GLU A 77 24.46 13.48 -8.89
N HIS A 78 23.80 14.52 -9.39
CA HIS A 78 22.40 14.40 -9.79
C HIS A 78 21.52 14.01 -8.59
N LEU A 79 21.00 15.02 -7.90
CA LEU A 79 20.15 14.78 -6.74
C LEU A 79 18.79 15.46 -6.91
N ASP A 80 17.95 15.35 -5.88
CA ASP A 80 16.62 15.96 -5.92
C ASP A 80 15.80 15.40 -7.07
N GLU A 81 15.94 14.10 -7.31
CA GLU A 81 15.21 13.44 -8.40
C GLU A 81 13.85 12.95 -7.91
N ASN A 82 13.07 13.87 -7.36
CA ASN A 82 11.74 13.54 -6.85
C ASN A 82 10.66 13.89 -7.88
N SER A 83 11.03 13.85 -9.15
CA SER A 83 10.09 14.17 -10.22
C SER A 83 9.08 13.03 -10.42
N PRO A 84 9.58 11.83 -10.73
CA PRO A 84 8.73 10.65 -10.95
C PRO A 84 8.21 10.07 -9.64
N LEU A 85 9.09 9.96 -8.66
CA LEU A 85 8.73 9.40 -7.36
C LEU A 85 8.42 7.91 -7.46
N GLY A 86 7.34 7.59 -8.15
CA GLY A 86 6.96 6.19 -8.32
C GLY A 86 7.36 5.64 -9.67
N ASP A 87 7.51 4.31 -9.74
CA ASP A 87 7.89 3.66 -10.98
C ASP A 87 6.70 2.96 -11.62
N LEU A 88 6.26 1.88 -11.00
CA LEU A 88 5.12 1.11 -11.49
C LEU A 88 4.32 0.52 -10.33
N LEU A 89 4.99 -0.25 -9.49
CA LEU A 89 4.33 -0.86 -8.33
C LEU A 89 5.15 -0.67 -7.07
N ARG A 90 5.86 0.46 -6.99
CA ARG A 90 6.69 0.76 -5.83
C ARG A 90 6.46 2.20 -5.37
N GLY A 91 5.35 2.42 -4.67
CA GLY A 91 5.04 3.75 -4.18
C GLY A 91 5.62 4.01 -2.81
N VAL A 92 6.93 4.25 -2.75
CA VAL A 92 7.61 4.51 -1.50
C VAL A 92 7.52 5.99 -1.12
N LEU A 93 7.30 6.25 0.17
CA LEU A 93 7.19 7.62 0.65
C LEU A 93 8.08 7.84 1.87
N ASP A 94 8.81 8.95 1.88
CA ASP A 94 9.69 9.27 2.99
C ASP A 94 8.89 9.63 4.24
N VAL A 95 9.21 8.95 5.35
CA VAL A 95 8.51 9.18 6.61
C VAL A 95 9.07 10.40 7.36
N PRO A 96 10.37 10.75 7.17
CA PRO A 96 10.97 11.89 7.85
C PRO A 96 10.75 13.21 7.12
N ALA A 97 9.51 13.45 6.72
CA ALA A 97 9.15 14.67 6.00
C ALA A 97 7.67 14.67 5.63
N CYS A 98 6.84 14.18 6.55
CA CYS A 98 5.40 14.13 6.33
C CYS A 98 4.65 14.96 7.36
N GLN A 99 3.35 15.08 7.18
CA GLN A 99 2.51 15.85 8.10
C GLN A 99 1.09 15.30 8.12
N ILE A 100 0.76 14.55 9.16
CA ILE A 100 -0.57 13.97 9.30
C ILE A 100 -1.57 15.00 9.81
N ALA A 101 -2.85 14.76 9.55
CA ALA A 101 -3.90 15.67 9.99
C ALA A 101 -5.23 14.94 10.13
N ILE A 102 -5.51 14.47 11.35
CA ILE A 102 -6.75 13.75 11.62
C ILE A 102 -7.97 14.61 11.30
N ARG A 103 -9.02 13.98 10.79
CA ARG A 103 -10.25 14.67 10.44
C ARG A 103 -11.46 13.91 10.97
N PRO A 104 -12.20 14.49 11.94
CA PRO A 104 -13.38 13.86 12.52
C PRO A 104 -14.59 13.89 11.58
N GLU A 105 -14.33 13.88 10.28
CA GLU A 105 -15.39 13.90 9.28
C GLU A 105 -14.81 13.82 7.87
N GLY A 106 -14.35 12.63 7.49
CA GLY A 106 -13.76 12.43 6.18
C GLY A 106 -14.53 13.12 5.07
N LYS A 107 -15.56 12.47 4.56
CA LYS A 107 -16.36 13.03 3.49
C LYS A 107 -17.56 12.14 3.16
N ASN A 108 -17.31 11.09 2.38
CA ASN A 108 -18.36 10.17 1.98
C ASN A 108 -18.39 8.94 2.88
N ASN A 109 -19.43 8.84 3.71
CA ASN A 109 -19.58 7.71 4.62
C ASN A 109 -18.29 7.43 5.39
N ARG A 110 -17.60 8.50 5.78
CA ARG A 110 -16.34 8.38 6.52
C ARG A 110 -16.26 9.43 7.62
N LEU A 111 -16.29 8.97 8.86
CA LEU A 111 -16.20 9.88 10.00
C LEU A 111 -14.77 9.97 10.52
N PHE A 112 -14.04 8.86 10.42
CA PHE A 112 -12.65 8.83 10.87
C PHE A 112 -11.70 8.77 9.67
N VAL A 113 -11.01 9.88 9.42
CA VAL A 113 -10.07 9.96 8.32
C VAL A 113 -8.95 10.97 8.62
N PHE A 114 -7.71 10.56 8.38
CA PHE A 114 -6.56 11.41 8.63
C PHE A 114 -5.83 11.74 7.33
N SER A 115 -5.72 13.03 7.04
CA SER A 115 -5.05 13.47 5.81
C SER A 115 -3.56 13.67 6.06
N ILE A 116 -2.74 13.06 5.20
CA ILE A 116 -1.28 13.17 5.32
C ILE A 116 -0.73 14.19 4.32
N SER A 117 0.45 14.70 4.61
CA SER A 117 1.09 15.68 3.73
C SER A 117 2.61 15.60 3.83
N MET A 118 3.30 16.56 3.23
CA MET A 118 4.75 16.60 3.26
C MET A 118 5.26 18.04 3.27
N PRO A 119 5.75 18.52 4.43
CA PRO A 119 6.27 19.88 4.57
C PRO A 119 7.68 20.03 4.00
N SER A 120 7.83 19.73 2.71
CA SER A 120 9.12 19.83 2.05
C SER A 120 9.00 19.50 0.57
N VAL A 121 8.27 18.42 0.26
CA VAL A 121 8.08 18.00 -1.12
C VAL A 121 7.25 19.03 -1.88
N ALA A 122 5.99 19.18 -1.50
CA ALA A 122 5.09 20.13 -2.14
C ALA A 122 3.72 20.06 -1.49
N GLN A 123 2.68 20.44 -2.23
CA GLN A 123 1.32 20.41 -1.70
C GLN A 123 0.70 19.02 -1.85
N TRP A 124 1.45 17.99 -1.44
CA TRP A 124 0.97 16.62 -1.52
C TRP A 124 0.04 16.30 -0.37
N SER A 125 -1.14 15.77 -0.68
CA SER A 125 -2.12 15.42 0.34
C SER A 125 -2.69 14.02 0.10
N LEU A 126 -2.40 13.12 1.03
CA LEU A 126 -2.89 11.74 0.91
C LEU A 126 -3.92 11.43 2.00
N ASP A 127 -5.16 11.22 1.59
CA ASP A 127 -6.24 10.92 2.52
C ASP A 127 -6.24 9.44 2.87
N VAL A 128 -6.21 9.14 4.17
CA VAL A 128 -6.20 7.77 4.65
C VAL A 128 -7.16 7.59 5.83
N ALA A 129 -7.65 6.37 6.01
CA ALA A 129 -8.58 6.08 7.10
C ALA A 129 -8.62 4.57 7.38
N ALA A 130 -8.43 4.21 8.64
CA ALA A 130 -8.44 2.81 9.05
C ALA A 130 -9.84 2.40 9.51
N ASP A 131 -10.24 1.17 9.18
CA ASP A 131 -11.55 0.66 9.57
C ASP A 131 -11.74 0.74 11.08
N SER A 132 -10.67 0.48 11.82
CA SER A 132 -10.71 0.52 13.28
C SER A 132 -10.19 1.86 13.79
N GLN A 133 -11.07 2.64 14.40
CA GLN A 133 -10.70 3.94 14.95
C GLN A 133 -9.43 3.82 15.79
N GLU A 134 -9.21 2.63 16.36
CA GLU A 134 -8.03 2.39 17.17
C GLU A 134 -6.80 2.28 16.29
N GLU A 135 -6.94 1.58 15.17
CA GLU A 135 -5.84 1.41 14.24
C GLU A 135 -5.51 2.73 13.56
N LEU A 136 -6.54 3.57 13.40
CA LEU A 136 -6.37 4.88 12.77
C LEU A 136 -5.54 5.78 13.65
N GLN A 137 -5.87 5.80 14.94
CA GLN A 137 -5.15 6.63 15.90
C GLN A 137 -3.73 6.10 16.09
N ASP A 138 -3.61 4.79 16.19
CA ASP A 138 -2.32 4.15 16.36
C ASP A 138 -1.47 4.33 15.11
N TRP A 139 -2.13 4.42 13.96
CA TRP A 139 -1.44 4.61 12.69
C TRP A 139 -0.77 5.97 12.65
N VAL A 140 -1.53 7.00 13.04
CA VAL A 140 -1.01 8.37 13.05
C VAL A 140 0.18 8.49 13.99
N LYS A 141 0.04 7.91 15.17
CA LYS A 141 1.11 7.95 16.17
C LYS A 141 2.36 7.24 15.67
N LYS A 142 2.16 6.15 14.92
CA LYS A 142 3.28 5.40 14.38
C LYS A 142 4.04 6.22 13.34
N ILE A 143 3.31 6.76 12.38
CA ILE A 143 3.94 7.59 11.35
C ILE A 143 4.74 8.70 12.01
N ARG A 144 4.23 9.19 13.13
CA ARG A 144 4.89 10.24 13.89
C ARG A 144 6.05 9.67 14.70
N GLU A 145 5.93 8.39 15.09
CA GLU A 145 6.98 7.74 15.88
C GLU A 145 8.18 7.41 15.01
N VAL A 146 7.90 6.97 13.78
CA VAL A 146 8.96 6.62 12.84
C VAL A 146 9.52 7.88 12.21
N ALA A 147 8.70 8.92 12.14
CA ALA A 147 9.12 10.19 11.57
C ALA A 147 10.00 10.97 12.54
N GLN A 148 9.69 10.84 13.84
CA GLN A 148 10.45 11.53 14.87
C GLN A 148 11.76 10.80 15.16
N THR A 149 11.91 9.60 14.60
CA THR A 149 13.12 8.82 14.81
C THR A 149 13.91 8.66 13.51
N ALA A 150 13.20 8.65 12.39
CA ALA A 150 13.83 8.52 11.08
C ALA A 150 14.42 9.83 10.61
N SER A 1 8.90 -2.83 8.03
CA SER A 1 7.46 -2.49 8.08
C SER A 1 6.93 -2.53 9.51
N ILE A 2 6.82 -1.35 10.13
CA ILE A 2 6.34 -1.26 11.50
C ILE A 2 4.82 -1.47 11.55
N LYS A 3 4.14 -1.06 10.49
CA LYS A 3 2.69 -1.20 10.42
C LYS A 3 2.24 -1.45 8.98
N ASN A 4 1.64 -2.61 8.74
CA ASN A 4 1.16 -2.98 7.42
C ASN A 4 -0.23 -3.59 7.49
N GLY A 5 -1.17 -3.02 6.74
CA GLY A 5 -2.53 -3.52 6.74
C GLY A 5 -3.33 -3.01 5.56
N ILE A 6 -4.65 -3.00 5.71
CA ILE A 6 -5.54 -2.54 4.65
C ILE A 6 -6.11 -1.15 4.98
N LEU A 7 -5.51 -0.12 4.38
CA LEU A 7 -5.95 1.25 4.60
C LEU A 7 -6.77 1.76 3.41
N TYR A 8 -7.83 2.48 3.70
CA TYR A 8 -8.69 3.03 2.67
C TYR A 8 -8.10 4.30 2.06
N LEU A 9 -8.23 4.45 0.75
CA LEU A 9 -7.70 5.62 0.05
C LEU A 9 -8.51 5.90 -1.22
N GLU A 10 -9.38 6.89 -1.14
CA GLU A 10 -10.22 7.27 -2.27
C GLU A 10 -9.39 7.93 -3.37
N ASP A 11 -9.86 7.81 -4.61
CA ASP A 11 -9.16 8.40 -5.76
C ASP A 11 -9.98 9.53 -6.36
N PRO A 12 -9.30 10.52 -6.97
CA PRO A 12 -9.98 11.67 -7.60
C PRO A 12 -10.67 11.29 -8.91
N VAL A 13 -10.27 10.16 -9.48
CA VAL A 13 -10.85 9.69 -10.74
C VAL A 13 -12.28 9.20 -10.53
N ASN A 14 -12.47 8.36 -9.53
CA ASN A 14 -13.78 7.81 -9.21
C ASN A 14 -14.41 8.53 -8.04
N HIS A 15 -13.59 9.23 -7.26
CA HIS A 15 -14.07 9.97 -6.10
C HIS A 15 -14.75 9.05 -5.11
N GLU A 16 -14.15 7.89 -4.87
CA GLU A 16 -14.71 6.91 -3.94
C GLU A 16 -13.59 6.14 -3.22
N TRP A 17 -13.84 5.78 -1.97
CA TRP A 17 -12.87 5.05 -1.18
C TRP A 17 -12.76 3.60 -1.66
N TYR A 18 -11.58 3.02 -1.49
CA TYR A 18 -11.35 1.64 -1.91
C TYR A 18 -10.40 0.93 -0.94
N PRO A 19 -10.68 -0.35 -0.61
CA PRO A 19 -9.85 -1.14 0.31
C PRO A 19 -8.53 -1.56 -0.32
N HIS A 20 -7.52 -0.70 -0.22
CA HIS A 20 -6.20 -0.99 -0.78
C HIS A 20 -5.22 -1.38 0.31
N TYR A 21 -4.11 -2.01 -0.08
CA TYR A 21 -3.09 -2.43 0.87
C TYR A 21 -2.01 -1.37 1.02
N PHE A 22 -1.58 -1.14 2.26
CA PHE A 22 -0.56 -0.15 2.53
C PHE A 22 0.42 -0.67 3.58
N VAL A 23 1.64 -0.11 3.58
CA VAL A 23 2.66 -0.50 4.53
C VAL A 23 3.47 0.70 5.01
N LEU A 24 3.97 0.63 6.23
CA LEU A 24 4.75 1.73 6.80
C LEU A 24 6.03 1.21 7.45
N THR A 25 7.17 1.66 6.93
CA THR A 25 8.46 1.25 7.46
C THR A 25 9.14 2.43 8.18
N SER A 26 9.93 2.10 9.20
CA SER A 26 10.63 3.12 9.98
C SER A 26 11.52 4.00 9.10
N SER A 27 11.84 3.52 7.90
CA SER A 27 12.69 4.28 6.98
C SER A 27 11.87 5.02 5.93
N LYS A 28 10.67 4.52 5.66
CA LYS A 28 9.79 5.14 4.66
C LYS A 28 8.43 4.46 4.63
N ILE A 29 7.59 4.85 3.68
CA ILE A 29 6.26 4.26 3.54
C ILE A 29 6.17 3.42 2.27
N TYR A 30 5.17 2.56 2.20
CA TYR A 30 4.98 1.69 1.04
C TYR A 30 3.53 1.69 0.59
N TYR A 31 3.32 1.74 -0.73
CA TYR A 31 1.97 1.74 -1.29
C TYR A 31 1.78 0.57 -2.24
N SER A 32 0.61 -0.06 -2.17
CA SER A 32 0.30 -1.20 -3.01
C SER A 32 -1.22 -1.35 -3.20
N GLU A 33 -1.61 -2.09 -4.22
CA GLU A 33 -3.02 -2.30 -4.51
C GLU A 33 -3.34 -3.79 -4.63
N GLU A 34 -4.57 -4.16 -4.33
CA GLU A 34 -5.00 -5.55 -4.39
C GLU A 34 -5.58 -5.88 -5.77
N THR A 35 -6.00 -7.13 -5.94
CA THR A 35 -6.57 -7.57 -7.21
C THR A 35 -7.90 -8.28 -6.99
N SER A 36 -8.43 -8.90 -8.03
CA SER A 36 -9.69 -9.61 -7.95
C SER A 36 -9.50 -11.02 -7.40
N SER A 37 -10.45 -11.49 -6.61
CA SER A 37 -10.37 -12.83 -6.03
C SER A 37 -11.77 -13.37 -5.75
N ASP A 38 -11.88 -14.69 -5.68
CA ASP A 38 -13.16 -15.34 -5.42
C ASP A 38 -13.37 -15.54 -3.92
N GLN A 39 -12.30 -15.88 -3.23
CA GLN A 39 -12.36 -16.11 -1.78
C GLN A 39 -13.37 -17.20 -1.45
N GLY A 40 -13.51 -18.16 -2.35
CA GLY A 40 -14.45 -19.25 -2.13
C GLY A 40 -13.83 -20.61 -2.40
N ASN A 41 -12.54 -20.74 -2.10
CA ASN A 41 -11.83 -22.00 -2.32
C ASN A 41 -10.51 -22.02 -1.55
N GLU A 42 -10.50 -21.35 -0.41
CA GLU A 42 -9.30 -21.28 0.42
C GLU A 42 -9.46 -22.14 1.67
N ASP A 43 -10.17 -23.26 1.54
CA ASP A 43 -10.39 -24.16 2.65
C ASP A 43 -11.15 -23.47 3.78
N GLU A 44 -11.34 -24.17 4.89
CA GLU A 44 -12.05 -23.62 6.03
C GLU A 44 -11.10 -22.86 6.96
N GLU A 45 -11.61 -22.41 8.09
CA GLU A 45 -10.80 -21.67 9.06
C GLU A 45 -9.81 -22.61 9.76
N GLU A 46 -8.55 -22.49 9.38
CA GLU A 46 -7.50 -23.32 9.97
C GLU A 46 -7.79 -24.80 9.75
N PRO A 47 -7.41 -25.35 8.58
CA PRO A 47 -7.63 -26.76 8.26
C PRO A 47 -6.72 -27.69 9.07
N LYS A 48 -7.11 -28.96 9.13
CA LYS A 48 -6.33 -29.96 9.87
C LYS A 48 -5.25 -30.58 8.98
N GLU A 49 -4.33 -31.29 9.61
CA GLU A 49 -3.24 -31.94 8.88
C GLU A 49 -3.55 -33.42 8.65
N ALA A 50 -3.29 -33.89 7.43
CA ALA A 50 -3.53 -35.28 7.09
C ALA A 50 -2.22 -36.04 6.91
N SER A 51 -2.33 -37.32 6.52
CA SER A 51 -1.15 -38.15 6.32
C SER A 51 -1.48 -39.35 5.43
N GLY A 52 -2.61 -40.00 5.71
CA GLY A 52 -3.01 -41.15 4.93
C GLY A 52 -4.13 -41.94 5.60
N SER A 53 -5.11 -42.35 4.81
CA SER A 53 -6.23 -43.13 5.32
C SER A 53 -6.11 -44.59 4.93
N THR A 54 -4.88 -45.07 4.83
CA THR A 54 -4.62 -46.46 4.46
C THR A 54 -4.79 -47.38 5.68
N GLU A 55 -4.54 -48.67 5.46
CA GLU A 55 -4.67 -49.65 6.54
C GLU A 55 -3.56 -50.69 6.45
N LEU A 56 -3.29 -51.35 7.57
CA LEU A 56 -2.25 -52.37 7.63
C LEU A 56 -0.86 -51.74 7.51
N HIS A 57 -0.58 -51.19 6.34
CA HIS A 57 0.72 -50.55 6.08
C HIS A 57 0.53 -49.13 5.55
N SER A 58 1.57 -48.32 5.70
CA SER A 58 1.53 -46.93 5.24
C SER A 58 2.74 -46.61 4.38
N SER A 59 2.62 -45.57 3.56
CA SER A 59 3.71 -45.16 2.68
C SER A 59 3.62 -43.67 2.38
N LEU A 60 4.59 -43.17 1.60
CA LEU A 60 4.64 -41.76 1.23
C LEU A 60 4.86 -40.87 2.45
N GLU A 61 5.17 -41.47 3.58
CA GLU A 61 5.42 -40.73 4.81
C GLU A 61 6.90 -40.79 5.16
N VAL A 62 7.54 -41.90 4.79
CA VAL A 62 8.95 -42.09 5.05
C VAL A 62 9.79 -41.36 4.01
N LEU A 63 9.22 -41.15 2.83
CA LEU A 63 9.91 -40.45 1.75
C LEU A 63 9.78 -38.94 1.90
N PHE A 64 8.88 -38.49 2.78
CA PHE A 64 8.67 -37.07 3.01
C PHE A 64 9.57 -36.57 4.15
N GLN A 65 10.68 -37.26 4.34
CA GLN A 65 11.64 -36.91 5.39
C GLN A 65 12.93 -37.71 5.20
N GLY A 66 13.24 -38.02 3.94
CA GLY A 66 14.42 -38.77 3.62
C GLY A 66 15.36 -38.02 2.70
N PRO A 67 15.00 -37.88 1.41
CA PRO A 67 15.82 -37.16 0.42
C PRO A 67 16.36 -35.85 0.98
N ASN A 68 17.65 -35.61 0.74
CA ASN A 68 18.29 -34.39 1.22
C ASN A 68 18.30 -34.34 2.75
N PRO A 69 19.45 -34.63 3.39
CA PRO A 69 19.58 -34.63 4.84
C PRO A 69 19.67 -33.21 5.42
N ALA A 70 19.45 -32.20 4.60
CA ALA A 70 19.53 -30.81 5.05
C ALA A 70 18.14 -30.28 5.42
N ILE A 71 17.27 -31.18 5.87
CA ILE A 71 15.93 -30.81 6.27
C ILE A 71 15.77 -30.74 7.79
N LEU A 72 16.83 -31.09 8.51
CA LEU A 72 16.78 -31.07 9.97
C LEU A 72 17.26 -29.74 10.53
N GLU A 73 17.18 -28.71 9.70
CA GLU A 73 17.58 -27.37 10.09
C GLU A 73 16.55 -26.34 9.66
N PRO A 74 15.36 -26.35 10.31
CA PRO A 74 14.27 -25.42 10.00
C PRO A 74 14.60 -23.98 10.40
N GLU A 75 15.68 -23.44 9.83
CA GLU A 75 16.09 -22.07 10.13
C GLU A 75 15.10 -21.07 9.56
N ARG A 76 14.67 -21.32 8.32
CA ARG A 76 13.71 -20.46 7.65
C ARG A 76 12.75 -21.27 6.81
N GLU A 77 11.46 -21.13 7.08
CA GLU A 77 10.43 -21.85 6.34
C GLU A 77 9.60 -20.90 5.48
N HIS A 78 10.24 -19.82 5.04
CA HIS A 78 9.57 -18.82 4.20
C HIS A 78 10.51 -18.34 3.09
N LEU A 79 11.38 -19.23 2.65
CA LEU A 79 12.34 -18.90 1.59
C LEU A 79 12.03 -19.70 0.33
N ASP A 80 12.25 -19.07 -0.82
CA ASP A 80 11.99 -19.71 -2.11
C ASP A 80 10.55 -20.19 -2.21
N GLU A 81 9.63 -19.37 -1.72
CA GLU A 81 8.21 -19.70 -1.76
C GLU A 81 7.37 -18.47 -2.07
N ASN A 82 6.67 -18.50 -3.20
CA ASN A 82 5.83 -17.38 -3.61
C ASN A 82 6.64 -16.10 -3.72
N SER A 83 7.30 -15.91 -4.85
CA SER A 83 8.09 -14.71 -5.07
C SER A 83 7.24 -13.55 -5.58
N PRO A 84 6.46 -13.79 -6.63
CA PRO A 84 5.58 -12.77 -7.22
C PRO A 84 4.67 -12.13 -6.18
N LEU A 85 4.30 -12.91 -5.17
CA LEU A 85 3.43 -12.41 -4.10
C LEU A 85 4.16 -12.41 -2.76
N GLY A 86 5.01 -11.41 -2.55
CA GLY A 86 5.75 -11.31 -1.31
C GLY A 86 5.82 -9.89 -0.78
N ASP A 87 6.75 -9.11 -1.32
CA ASP A 87 6.92 -7.72 -0.90
C ASP A 87 5.94 -6.81 -1.63
N LEU A 88 5.69 -7.11 -2.90
CA LEU A 88 4.77 -6.32 -3.70
C LEU A 88 5.25 -4.88 -3.81
N LEU A 89 5.92 -4.56 -4.92
CA LEU A 89 6.43 -3.21 -5.15
C LEU A 89 5.44 -2.39 -5.97
N ARG A 90 5.43 -1.09 -5.73
CA ARG A 90 4.54 -0.19 -6.46
C ARG A 90 4.82 1.27 -6.11
N GLY A 91 4.55 1.62 -4.86
CA GLY A 91 4.78 2.99 -4.41
C GLY A 91 5.62 3.04 -3.14
N VAL A 92 6.00 4.25 -2.73
CA VAL A 92 6.80 4.42 -1.54
C VAL A 92 6.90 5.90 -1.14
N LEU A 93 6.64 6.18 0.13
CA LEU A 93 6.70 7.54 0.65
C LEU A 93 7.84 7.69 1.65
N ASP A 94 7.91 8.85 2.29
CA ASP A 94 8.96 9.12 3.27
C ASP A 94 8.36 9.51 4.61
N VAL A 95 8.96 9.03 5.69
CA VAL A 95 8.48 9.32 7.03
C VAL A 95 9.07 10.63 7.57
N PRO A 96 10.40 10.84 7.42
CA PRO A 96 11.06 12.05 7.91
C PRO A 96 10.88 13.23 6.96
N ALA A 97 9.62 13.55 6.65
CA ALA A 97 9.31 14.66 5.75
C ALA A 97 7.81 14.73 5.49
N CYS A 98 7.01 14.48 6.53
CA CYS A 98 5.56 14.52 6.39
C CYS A 98 4.91 15.13 7.63
N GLN A 99 3.59 15.19 7.62
CA GLN A 99 2.83 15.76 8.73
C GLN A 99 1.38 15.28 8.70
N ILE A 100 1.05 14.37 9.61
CA ILE A 100 -0.30 13.82 9.68
C ILE A 100 -1.27 14.83 10.28
N ALA A 101 -2.55 14.61 10.04
CA ALA A 101 -3.60 15.50 10.56
C ALA A 101 -4.95 14.81 10.57
N ILE A 102 -5.30 14.18 11.68
CA ILE A 102 -6.56 13.47 11.82
C ILE A 102 -7.74 14.40 11.55
N ARG A 103 -8.71 13.91 10.77
CA ARG A 103 -9.90 14.68 10.45
C ARG A 103 -11.16 13.94 10.89
N PRO A 104 -12.00 14.57 11.72
CA PRO A 104 -13.23 13.94 12.21
C PRO A 104 -14.38 14.05 11.22
N GLU A 105 -14.07 14.30 9.95
CA GLU A 105 -15.08 14.43 8.91
C GLU A 105 -14.44 14.45 7.52
N GLY A 106 -13.93 13.30 7.11
CA GLY A 106 -13.28 13.21 5.81
C GLY A 106 -14.20 13.63 4.67
N LYS A 107 -14.85 12.65 4.06
CA LYS A 107 -15.76 12.92 2.94
C LYS A 107 -16.61 11.70 2.61
N ASN A 108 -17.66 11.92 1.83
CA ASN A 108 -18.54 10.83 1.42
C ASN A 108 -19.25 10.22 2.63
N ASN A 109 -18.56 9.35 3.35
CA ASN A 109 -19.12 8.70 4.52
C ASN A 109 -18.01 8.18 5.44
N ARG A 110 -16.88 8.89 5.45
CA ARG A 110 -15.76 8.51 6.28
C ARG A 110 -15.42 9.63 7.27
N LEU A 111 -16.10 9.62 8.41
CA LEU A 111 -15.86 10.64 9.44
C LEU A 111 -14.50 10.47 10.09
N PHE A 112 -14.05 9.22 10.18
CA PHE A 112 -12.76 8.92 10.79
C PHE A 112 -11.67 8.75 9.73
N VAL A 113 -11.05 9.86 9.34
CA VAL A 113 -10.00 9.84 8.33
C VAL A 113 -8.87 10.78 8.70
N PHE A 114 -7.65 10.39 8.37
CA PHE A 114 -6.48 11.21 8.68
C PHE A 114 -5.75 11.63 7.40
N SER A 115 -5.56 12.93 7.24
CA SER A 115 -4.88 13.46 6.06
C SER A 115 -3.41 13.75 6.37
N ILE A 116 -2.54 13.31 5.47
CA ILE A 116 -1.10 13.52 5.63
C ILE A 116 -0.62 14.67 4.75
N SER A 117 0.52 15.24 5.09
CA SER A 117 1.08 16.34 4.32
C SER A 117 2.61 16.36 4.43
N MET A 118 3.23 17.34 3.77
CA MET A 118 4.69 17.46 3.81
C MET A 118 5.10 18.92 4.02
N PRO A 119 6.08 19.17 4.91
CA PRO A 119 6.55 20.54 5.21
C PRO A 119 7.10 21.25 3.98
N SER A 120 8.20 20.73 3.45
CA SER A 120 8.83 21.32 2.27
C SER A 120 8.80 20.37 1.09
N VAL A 121 7.91 20.64 0.13
CA VAL A 121 7.79 19.80 -1.05
C VAL A 121 6.71 20.36 -1.99
N ALA A 122 5.56 20.67 -1.42
CA ALA A 122 4.44 21.22 -2.18
C ALA A 122 3.17 21.24 -1.34
N GLN A 123 2.03 21.46 -1.99
CA GLN A 123 0.75 21.50 -1.30
C GLN A 123 0.02 20.17 -1.42
N TRP A 124 0.79 19.08 -1.40
CA TRP A 124 0.22 17.74 -1.50
C TRP A 124 -0.69 17.43 -0.31
N SER A 125 -1.22 16.22 -0.29
CA SER A 125 -2.10 15.79 0.80
C SER A 125 -2.54 14.34 0.60
N LEU A 126 -1.94 13.44 1.36
CA LEU A 126 -2.25 12.02 1.27
C LEU A 126 -3.34 11.64 2.27
N ASP A 127 -4.56 11.43 1.77
CA ASP A 127 -5.68 11.06 2.62
C ASP A 127 -5.73 9.55 2.82
N VAL A 128 -5.88 9.13 4.07
CA VAL A 128 -5.94 7.71 4.40
C VAL A 128 -6.75 7.48 5.67
N ALA A 129 -7.43 6.35 5.73
CA ALA A 129 -8.25 6.00 6.89
C ALA A 129 -8.29 4.49 7.12
N ALA A 130 -8.31 4.09 8.38
CA ALA A 130 -8.35 2.68 8.73
C ALA A 130 -9.74 2.28 9.22
N ASP A 131 -10.22 1.13 8.73
CA ASP A 131 -11.54 0.64 9.12
C ASP A 131 -11.67 0.54 10.65
N SER A 132 -10.56 0.20 11.29
CA SER A 132 -10.53 0.09 12.75
C SER A 132 -10.03 1.38 13.38
N GLN A 133 -10.90 2.04 14.14
CA GLN A 133 -10.54 3.29 14.80
C GLN A 133 -9.23 3.14 15.56
N GLU A 134 -8.92 1.90 15.96
CA GLU A 134 -7.69 1.63 16.67
C GLU A 134 -6.49 1.65 15.74
N GLU A 135 -6.67 1.04 14.57
CA GLU A 135 -5.61 1.00 13.57
C GLU A 135 -5.34 2.40 13.02
N LEU A 136 -6.40 3.20 12.96
CA LEU A 136 -6.28 4.57 12.46
C LEU A 136 -5.48 5.42 13.43
N GLN A 137 -5.82 5.33 14.71
CA GLN A 137 -5.11 6.08 15.74
C GLN A 137 -3.69 5.57 15.90
N ASP A 138 -3.55 4.25 15.86
CA ASP A 138 -2.23 3.63 16.00
C ASP A 138 -1.37 3.95 14.78
N TRP A 139 -2.02 4.16 13.64
CA TRP A 139 -1.31 4.48 12.41
C TRP A 139 -0.69 5.86 12.49
N VAL A 140 -1.49 6.83 12.94
CA VAL A 140 -1.03 8.20 13.07
C VAL A 140 0.13 8.30 14.06
N LYS A 141 0.01 7.56 15.15
CA LYS A 141 1.04 7.55 16.18
C LYS A 141 2.34 6.97 15.64
N LYS A 142 2.23 5.93 14.81
CA LYS A 142 3.40 5.30 14.22
C LYS A 142 4.11 6.27 13.29
N ILE A 143 3.36 6.85 12.35
CA ILE A 143 3.93 7.80 11.42
C ILE A 143 4.65 8.91 12.19
N ARG A 144 4.09 9.25 13.35
CA ARG A 144 4.67 10.28 14.21
C ARG A 144 5.81 9.69 15.03
N GLU A 145 5.75 8.39 15.30
CA GLU A 145 6.79 7.73 16.08
C GLU A 145 8.07 7.62 15.26
N VAL A 146 7.92 7.31 13.98
CA VAL A 146 9.06 7.19 13.08
C VAL A 146 9.54 8.58 12.67
N ALA A 147 8.60 9.50 12.54
CA ALA A 147 8.91 10.87 12.17
C ALA A 147 9.57 11.60 13.33
N GLN A 148 9.15 11.26 14.55
CA GLN A 148 9.71 11.88 15.74
C GLN A 148 11.10 11.32 16.04
N THR A 149 11.47 10.26 15.35
CA THR A 149 12.79 9.64 15.54
C THR A 149 13.58 9.62 14.23
N ALA A 150 13.15 10.44 13.27
CA ALA A 150 13.83 10.51 11.98
C ALA A 150 13.85 11.94 11.45
N SER A 1 9.26 -3.35 8.97
CA SER A 1 7.77 -3.42 8.89
C SER A 1 7.13 -3.26 10.26
N ILE A 2 6.80 -2.04 10.62
CA ILE A 2 6.17 -1.75 11.91
C ILE A 2 4.66 -1.93 11.84
N LYS A 3 4.09 -1.63 10.68
CA LYS A 3 2.65 -1.76 10.49
C LYS A 3 2.32 -1.88 9.00
N ASN A 4 1.75 -3.02 8.61
CA ASN A 4 1.37 -3.24 7.22
C ASN A 4 -0.04 -3.79 7.12
N GLY A 5 -0.86 -3.14 6.31
CA GLY A 5 -2.24 -3.57 6.13
C GLY A 5 -2.91 -2.93 4.93
N ILE A 6 -4.23 -2.85 4.97
CA ILE A 6 -4.99 -2.25 3.89
C ILE A 6 -5.71 -0.99 4.34
N LEU A 7 -5.14 0.16 4.00
CA LEU A 7 -5.73 1.44 4.39
C LEU A 7 -6.56 2.01 3.24
N TYR A 8 -7.70 2.60 3.59
CA TYR A 8 -8.61 3.18 2.60
C TYR A 8 -8.08 4.52 2.09
N LEU A 9 -8.31 4.80 0.82
CA LEU A 9 -7.87 6.05 0.21
C LEU A 9 -8.69 6.36 -1.03
N GLU A 10 -9.34 7.53 -1.03
CA GLU A 10 -10.16 7.95 -2.16
C GLU A 10 -9.30 8.38 -3.33
N ASP A 11 -9.48 7.70 -4.46
CA ASP A 11 -8.73 8.02 -5.68
C ASP A 11 -9.32 9.25 -6.35
N PRO A 12 -8.48 10.17 -6.86
CA PRO A 12 -8.95 11.38 -7.51
C PRO A 12 -9.63 11.10 -8.85
N VAL A 13 -9.50 9.86 -9.33
CA VAL A 13 -10.12 9.47 -10.60
C VAL A 13 -11.61 9.21 -10.41
N ASN A 14 -11.97 8.64 -9.27
CA ASN A 14 -13.37 8.34 -8.97
C ASN A 14 -13.89 9.22 -7.84
N HIS A 15 -12.98 9.73 -7.00
CA HIS A 15 -13.35 10.58 -5.88
C HIS A 15 -14.16 9.80 -4.86
N GLU A 16 -13.83 8.52 -4.70
CA GLU A 16 -14.52 7.66 -3.75
C GLU A 16 -13.53 6.77 -2.99
N TRP A 17 -13.81 6.52 -1.72
CA TRP A 17 -12.96 5.69 -0.89
C TRP A 17 -12.68 4.35 -1.55
N TYR A 18 -11.48 3.81 -1.34
CA TYR A 18 -11.09 2.53 -1.91
C TYR A 18 -10.09 1.81 -1.01
N PRO A 19 -10.34 0.51 -0.71
CA PRO A 19 -9.45 -0.27 0.13
C PRO A 19 -8.19 -0.72 -0.60
N HIS A 20 -7.11 0.04 -0.40
CA HIS A 20 -5.83 -0.27 -1.03
C HIS A 20 -4.77 -0.62 0.00
N TYR A 21 -3.84 -1.49 -0.38
CA TYR A 21 -2.77 -1.90 0.52
C TYR A 21 -1.85 -0.73 0.86
N PHE A 22 -1.06 -0.90 1.91
CA PHE A 22 -0.13 0.14 2.34
C PHE A 22 0.71 -0.34 3.52
N VAL A 23 2.03 -0.36 3.33
CA VAL A 23 2.95 -0.79 4.37
C VAL A 23 3.66 0.39 5.02
N LEU A 24 3.86 0.31 6.33
CA LEU A 24 4.53 1.37 7.08
C LEU A 24 5.81 0.86 7.73
N THR A 25 6.94 1.19 7.13
CA THR A 25 8.24 0.77 7.66
C THR A 25 8.92 1.91 8.41
N SER A 26 9.75 1.55 9.37
CA SER A 26 10.47 2.54 10.17
C SER A 26 11.35 3.44 9.30
N SER A 27 11.61 3.02 8.08
CA SER A 27 12.45 3.79 7.17
C SER A 27 11.61 4.59 6.18
N LYS A 28 10.38 4.15 5.94
CA LYS A 28 9.49 4.83 5.01
C LYS A 28 8.15 4.09 4.90
N ILE A 29 7.30 4.56 3.99
CA ILE A 29 5.99 3.94 3.77
C ILE A 29 5.86 3.44 2.33
N TYR A 30 5.57 2.15 2.19
CA TYR A 30 5.42 1.56 0.86
C TYR A 30 3.95 1.54 0.43
N TYR A 31 3.74 1.39 -0.88
CA TYR A 31 2.38 1.35 -1.42
C TYR A 31 2.34 0.54 -2.71
N SER A 32 1.50 -0.48 -2.73
CA SER A 32 1.36 -1.34 -3.90
C SER A 32 0.01 -2.06 -3.89
N GLU A 33 -0.52 -2.31 -5.08
CA GLU A 33 -1.81 -3.00 -5.22
C GLU A 33 -1.62 -4.39 -5.80
N GLU A 34 -2.60 -5.25 -5.58
CA GLU A 34 -2.55 -6.63 -6.08
C GLU A 34 -3.95 -7.21 -6.24
N THR A 35 -4.01 -8.48 -6.65
CA THR A 35 -5.29 -9.17 -6.84
C THR A 35 -6.29 -8.28 -7.58
N SER A 36 -7.56 -8.69 -7.57
CA SER A 36 -8.60 -7.94 -8.24
C SER A 36 -8.35 -7.87 -9.75
N SER A 37 -8.70 -8.95 -10.45
CA SER A 37 -8.50 -9.01 -11.89
C SER A 37 -9.74 -9.55 -12.59
N ASP A 38 -9.88 -9.24 -13.88
CA ASP A 38 -11.03 -9.70 -14.65
C ASP A 38 -10.84 -11.14 -15.10
N GLN A 39 -9.60 -11.50 -15.41
CA GLN A 39 -9.28 -12.85 -15.86
C GLN A 39 -10.07 -13.21 -17.11
N GLY A 40 -10.34 -12.21 -17.93
CA GLY A 40 -11.09 -12.44 -19.16
C GLY A 40 -10.47 -11.75 -20.36
N ASN A 41 -9.13 -11.67 -20.37
CA ASN A 41 -8.42 -11.02 -21.47
C ASN A 41 -6.97 -11.50 -21.53
N GLU A 42 -6.77 -12.81 -21.35
CA GLU A 42 -5.45 -13.39 -21.39
C GLU A 42 -5.43 -14.66 -22.24
N ASP A 43 -6.08 -14.59 -23.39
CA ASP A 43 -6.14 -15.74 -24.30
C ASP A 43 -6.10 -15.28 -25.76
N GLU A 44 -6.37 -16.21 -26.67
CA GLU A 44 -6.35 -15.91 -28.10
C GLU A 44 -7.49 -16.63 -28.81
N GLU A 45 -8.31 -15.87 -29.54
CA GLU A 45 -9.43 -16.44 -30.28
C GLU A 45 -9.75 -15.60 -31.51
N GLU A 46 -8.74 -14.98 -32.09
CA GLU A 46 -8.91 -14.14 -33.27
C GLU A 46 -9.31 -14.99 -34.47
N PRO A 47 -10.03 -14.39 -35.43
CA PRO A 47 -10.47 -15.09 -36.64
C PRO A 47 -9.32 -15.75 -37.39
N LYS A 48 -9.00 -16.98 -37.01
CA LYS A 48 -7.91 -17.72 -37.64
C LYS A 48 -8.42 -18.62 -38.76
N GLU A 49 -8.48 -18.08 -39.97
CA GLU A 49 -8.95 -18.83 -41.12
C GLU A 49 -7.95 -19.90 -41.53
N ALA A 50 -8.40 -21.15 -41.54
CA ALA A 50 -7.55 -22.28 -41.92
C ALA A 50 -8.37 -23.52 -42.19
N SER A 51 -9.57 -23.34 -42.75
CA SER A 51 -10.44 -24.45 -43.06
C SER A 51 -10.84 -25.20 -41.80
N GLY A 52 -12.03 -25.80 -41.82
CA GLY A 52 -12.51 -26.55 -40.67
C GLY A 52 -14.01 -26.80 -40.73
N SER A 53 -14.75 -26.16 -39.83
CA SER A 53 -16.19 -26.32 -39.78
C SER A 53 -16.85 -25.11 -39.11
N THR A 54 -16.20 -23.96 -39.19
CA THR A 54 -16.72 -22.74 -38.59
C THR A 54 -16.79 -21.62 -39.62
N GLU A 55 -17.18 -20.44 -39.16
CA GLU A 55 -17.29 -19.27 -40.04
C GLU A 55 -17.10 -17.97 -39.26
N LEU A 56 -16.77 -16.91 -39.96
CA LEU A 56 -16.55 -15.61 -39.33
C LEU A 56 -16.68 -14.48 -40.35
N HIS A 57 -17.75 -13.71 -40.22
CA HIS A 57 -18.00 -12.59 -41.13
C HIS A 57 -17.36 -11.31 -40.60
N SER A 58 -16.44 -10.75 -41.37
CA SER A 58 -15.75 -9.52 -40.98
C SER A 58 -16.66 -8.31 -41.13
N SER A 59 -16.90 -7.62 -40.03
CA SER A 59 -17.76 -6.43 -40.04
C SER A 59 -16.94 -5.15 -40.14
N LEU A 60 -17.61 -4.01 -40.00
CA LEU A 60 -16.95 -2.71 -40.08
C LEU A 60 -15.86 -2.58 -39.02
N GLU A 61 -16.16 -3.06 -37.82
CA GLU A 61 -15.20 -3.00 -36.72
C GLU A 61 -13.87 -3.62 -37.13
N VAL A 62 -13.91 -4.52 -38.10
CA VAL A 62 -12.71 -5.19 -38.59
C VAL A 62 -11.80 -4.21 -39.33
N LEU A 63 -12.39 -3.38 -40.19
CA LEU A 63 -11.64 -2.40 -40.96
C LEU A 63 -11.09 -1.29 -40.06
N PHE A 64 -11.57 -1.24 -38.82
CA PHE A 64 -11.11 -0.23 -37.87
C PHE A 64 -9.95 -0.75 -37.03
N GLN A 65 -9.22 -1.72 -37.60
CA GLN A 65 -8.07 -2.32 -36.93
C GLN A 65 -7.28 -3.18 -37.91
N GLY A 66 -7.31 -2.78 -39.18
CA GLY A 66 -6.61 -3.52 -40.20
C GLY A 66 -5.45 -2.74 -40.79
N PRO A 67 -5.73 -1.61 -41.46
CA PRO A 67 -4.69 -0.76 -42.07
C PRO A 67 -3.58 -0.42 -41.08
N ASN A 68 -2.35 -0.30 -41.58
CA ASN A 68 -1.22 0.02 -40.74
C ASN A 68 -1.00 -1.05 -39.68
N PRO A 69 -0.17 -2.07 -39.98
CA PRO A 69 0.11 -3.16 -39.04
C PRO A 69 1.23 -2.83 -38.06
N ALA A 70 1.52 -1.54 -37.90
CA ALA A 70 2.57 -1.11 -36.98
C ALA A 70 1.98 -0.69 -35.64
N ILE A 71 0.85 -1.28 -35.28
CA ILE A 71 0.18 -0.98 -34.02
C ILE A 71 0.23 -2.15 -33.06
N LEU A 72 0.76 -3.29 -33.50
CA LEU A 72 0.84 -4.46 -32.65
C LEU A 72 2.17 -4.53 -31.90
N GLU A 73 2.83 -3.40 -31.81
CA GLU A 73 4.11 -3.30 -31.12
C GLU A 73 4.21 -2.01 -30.32
N PRO A 74 3.34 -1.84 -29.30
CA PRO A 74 3.34 -0.64 -28.45
C PRO A 74 4.53 -0.60 -27.51
N GLU A 75 5.74 -0.58 -28.07
CA GLU A 75 6.95 -0.54 -27.27
C GLU A 75 7.41 0.89 -27.03
N ARG A 76 7.19 1.75 -28.02
CA ARG A 76 7.59 3.15 -27.90
C ARG A 76 6.58 3.94 -27.08
N GLU A 77 6.92 5.19 -26.78
CA GLU A 77 6.04 6.05 -25.99
C GLU A 77 5.84 5.48 -24.59
N HIS A 78 6.89 4.86 -24.05
CA HIS A 78 6.83 4.29 -22.71
C HIS A 78 8.17 3.67 -22.32
N LEU A 79 9.25 4.40 -22.60
CA LEU A 79 10.60 3.93 -22.28
C LEU A 79 10.97 4.27 -20.84
N ASP A 80 11.51 3.29 -20.12
CA ASP A 80 11.91 3.50 -18.73
C ASP A 80 10.72 3.93 -17.88
N GLU A 81 9.54 3.45 -18.24
CA GLU A 81 8.32 3.78 -17.50
C GLU A 81 7.41 2.57 -17.38
N ASN A 82 7.86 1.57 -16.63
CA ASN A 82 7.08 0.35 -16.43
C ASN A 82 6.28 0.42 -15.13
N SER A 83 6.05 1.62 -14.64
CA SER A 83 5.29 1.80 -13.40
C SER A 83 3.79 1.83 -13.68
N PRO A 84 3.36 2.74 -14.58
CA PRO A 84 1.96 2.88 -14.95
C PRO A 84 1.55 1.97 -16.10
N LEU A 85 2.03 0.72 -16.06
CA LEU A 85 1.72 -0.24 -17.11
C LEU A 85 2.10 -1.66 -16.68
N GLY A 86 3.26 -1.79 -16.04
CA GLY A 86 3.71 -3.09 -15.59
C GLY A 86 3.34 -3.37 -14.14
N ASP A 87 2.18 -2.86 -13.72
CA ASP A 87 1.70 -3.04 -12.35
C ASP A 87 2.83 -2.85 -11.33
N LEU A 88 3.78 -1.97 -11.66
CA LEU A 88 4.90 -1.70 -10.77
C LEU A 88 4.82 -0.28 -10.22
N LEU A 89 3.75 0.00 -9.49
CA LEU A 89 3.55 1.31 -8.90
C LEU A 89 3.94 1.31 -7.41
N ARG A 90 5.01 0.59 -7.09
CA ARG A 90 5.49 0.51 -5.71
C ARG A 90 5.95 1.88 -5.22
N GLY A 91 4.99 2.70 -4.78
CA GLY A 91 5.32 4.02 -4.29
C GLY A 91 5.89 3.99 -2.88
N VAL A 92 6.92 4.79 -2.65
CA VAL A 92 7.56 4.85 -1.34
C VAL A 92 7.65 6.30 -0.84
N LEU A 93 7.32 6.51 0.44
CA LEU A 93 7.37 7.84 1.02
C LEU A 93 8.12 7.82 2.35
N ASP A 94 9.19 8.60 2.43
CA ASP A 94 10.01 8.68 3.64
C ASP A 94 9.16 9.11 4.83
N VAL A 95 9.53 8.63 6.02
CA VAL A 95 8.80 8.96 7.23
C VAL A 95 9.17 10.35 7.75
N PRO A 96 10.47 10.67 7.85
CA PRO A 96 10.92 11.97 8.34
C PRO A 96 10.79 13.07 7.28
N ALA A 97 9.56 13.28 6.81
CA ALA A 97 9.29 14.30 5.80
C ALA A 97 7.80 14.32 5.45
N CYS A 98 6.95 14.15 6.46
CA CYS A 98 5.51 14.15 6.25
C CYS A 98 4.79 14.90 7.37
N GLN A 99 3.48 14.99 7.25
CA GLN A 99 2.66 15.69 8.25
C GLN A 99 1.21 15.23 8.17
N ILE A 100 0.83 14.37 9.11
CA ILE A 100 -0.53 13.84 9.15
C ILE A 100 -1.51 14.87 9.71
N ALA A 101 -2.80 14.67 9.43
CA ALA A 101 -3.84 15.57 9.91
C ALA A 101 -5.16 14.83 10.06
N ILE A 102 -5.39 14.26 11.24
CA ILE A 102 -6.62 13.53 11.51
C ILE A 102 -7.84 14.42 11.39
N ARG A 103 -8.94 13.84 10.92
CA ARG A 103 -10.19 14.56 10.78
C ARG A 103 -11.35 13.71 11.31
N PRO A 104 -12.16 14.25 12.24
CA PRO A 104 -13.28 13.52 12.83
C PRO A 104 -14.54 13.56 11.96
N GLU A 105 -14.36 13.74 10.65
CA GLU A 105 -15.49 13.79 9.73
C GLU A 105 -15.01 13.97 8.29
N GLY A 106 -14.48 12.89 7.72
CA GLY A 106 -13.99 12.95 6.35
C GLY A 106 -15.07 13.33 5.36
N LYS A 107 -15.68 12.33 4.73
CA LYS A 107 -16.74 12.56 3.75
C LYS A 107 -17.30 11.25 3.23
N ASN A 108 -18.36 11.33 2.43
CA ASN A 108 -18.99 10.15 1.85
C ASN A 108 -19.67 9.31 2.92
N ASN A 109 -18.87 8.71 3.79
CA ASN A 109 -19.38 7.87 4.86
C ASN A 109 -18.25 7.39 5.77
N ARG A 110 -17.27 8.26 6.00
CA ARG A 110 -16.14 7.92 6.84
C ARG A 110 -15.89 9.01 7.88
N LEU A 111 -16.57 8.90 9.02
CA LEU A 111 -16.42 9.88 10.09
C LEU A 111 -14.97 9.97 10.56
N PHE A 112 -14.30 8.82 10.59
CA PHE A 112 -12.90 8.77 11.02
C PHE A 112 -11.97 8.72 9.82
N VAL A 113 -11.10 9.73 9.70
CA VAL A 113 -10.16 9.81 8.59
C VAL A 113 -8.93 10.63 8.97
N PHE A 114 -7.86 10.48 8.21
CA PHE A 114 -6.62 11.20 8.46
C PHE A 114 -5.88 11.48 7.16
N SER A 115 -5.77 12.75 6.80
CA SER A 115 -5.09 13.15 5.58
C SER A 115 -3.62 13.47 5.86
N ILE A 116 -2.75 13.05 4.95
CA ILE A 116 -1.31 13.29 5.09
C ILE A 116 -0.85 14.40 4.16
N SER A 117 0.27 15.02 4.50
CA SER A 117 0.82 16.11 3.69
C SER A 117 2.29 16.34 4.04
N MET A 118 3.11 16.56 3.00
CA MET A 118 4.53 16.80 3.20
C MET A 118 4.86 18.28 3.07
N PRO A 119 4.96 19.01 4.20
CA PRO A 119 5.27 20.44 4.20
C PRO A 119 6.74 20.71 3.89
N SER A 120 7.19 20.25 2.73
CA SER A 120 8.57 20.44 2.32
C SER A 120 8.80 19.87 0.91
N VAL A 121 7.82 20.04 0.05
CA VAL A 121 7.90 19.54 -1.33
C VAL A 121 6.89 20.24 -2.22
N ALA A 122 5.65 19.76 -2.19
CA ALA A 122 4.58 20.34 -3.00
C ALA A 122 3.27 20.38 -2.21
N GLN A 123 2.18 20.68 -2.93
CA GLN A 123 0.87 20.76 -2.29
C GLN A 123 0.14 19.41 -2.40
N TRP A 124 0.84 18.34 -2.07
CA TRP A 124 0.26 17.00 -2.12
C TRP A 124 -0.49 16.68 -0.84
N SER A 125 -1.54 15.88 -0.96
CA SER A 125 -2.35 15.49 0.19
C SER A 125 -2.84 14.05 0.06
N LEU A 126 -2.21 13.15 0.79
CA LEU A 126 -2.58 11.73 0.75
C LEU A 126 -3.65 11.42 1.78
N ASP A 127 -4.90 11.33 1.32
CA ASP A 127 -6.02 11.03 2.22
C ASP A 127 -6.06 9.54 2.55
N VAL A 128 -6.04 9.23 3.85
CA VAL A 128 -6.07 7.85 4.30
C VAL A 128 -7.02 7.68 5.48
N ALA A 129 -7.56 6.48 5.63
CA ALA A 129 -8.48 6.19 6.72
C ALA A 129 -8.54 4.70 7.02
N ALA A 130 -8.33 4.34 8.29
CA ALA A 130 -8.36 2.95 8.70
C ALA A 130 -9.75 2.56 9.19
N ASP A 131 -10.20 1.37 8.80
CA ASP A 131 -11.51 0.87 9.19
C ASP A 131 -11.69 0.93 10.71
N SER A 132 -10.61 0.68 11.43
CA SER A 132 -10.62 0.71 12.89
C SER A 132 -10.13 2.05 13.40
N GLN A 133 -11.01 2.79 14.06
CA GLN A 133 -10.66 4.09 14.63
C GLN A 133 -9.36 4.00 15.41
N GLU A 134 -9.08 2.82 15.94
CA GLU A 134 -7.87 2.59 16.71
C GLU A 134 -6.66 2.49 15.79
N GLU A 135 -6.82 1.73 14.70
CA GLU A 135 -5.76 1.57 13.73
C GLU A 135 -5.43 2.90 13.07
N LEU A 136 -6.45 3.73 12.92
CA LEU A 136 -6.29 5.04 12.31
C LEU A 136 -5.45 5.95 13.20
N GLN A 137 -5.84 6.04 14.46
CA GLN A 137 -5.11 6.86 15.42
C GLN A 137 -3.74 6.27 15.69
N ASP A 138 -3.67 4.95 15.70
CA ASP A 138 -2.41 4.25 15.94
C ASP A 138 -1.48 4.42 14.74
N TRP A 139 -2.06 4.54 13.55
CA TRP A 139 -1.29 4.70 12.34
C TRP A 139 -0.60 6.06 12.32
N VAL A 140 -1.36 7.10 12.67
CA VAL A 140 -0.83 8.46 12.70
C VAL A 140 0.27 8.58 13.74
N LYS A 141 0.06 7.98 14.90
CA LYS A 141 1.04 8.02 15.98
C LYS A 141 2.33 7.31 15.57
N LYS A 142 2.18 6.24 14.80
CA LYS A 142 3.34 5.49 14.34
C LYS A 142 4.17 6.32 13.37
N ILE A 143 3.52 6.90 12.37
CA ILE A 143 4.22 7.74 11.40
C ILE A 143 4.98 8.83 12.14
N ARG A 144 4.38 9.31 13.22
CA ARG A 144 5.01 10.34 14.03
C ARG A 144 6.08 9.75 14.93
N GLU A 145 5.93 8.47 15.29
CA GLU A 145 6.91 7.79 16.12
C GLU A 145 8.14 7.43 15.32
N VAL A 146 7.94 7.13 14.04
CA VAL A 146 9.04 6.78 13.16
C VAL A 146 9.75 8.04 12.68
N ALA A 147 9.00 9.12 12.55
CA ALA A 147 9.55 10.39 12.11
C ALA A 147 10.40 11.03 13.21
N GLN A 148 9.96 10.83 14.45
CA GLN A 148 10.68 11.38 15.60
C GLN A 148 11.94 10.58 15.89
N THR A 149 12.08 9.42 15.26
CA THR A 149 13.25 8.58 15.46
C THR A 149 14.08 8.48 14.19
N ALA A 150 13.42 8.48 13.05
CA ALA A 150 14.11 8.39 11.76
C ALA A 150 13.54 9.39 10.76
N SER A 1 9.58 -2.09 8.15
CA SER A 1 8.11 -2.33 8.23
C SER A 1 7.63 -2.21 9.67
N ILE A 2 7.24 -1.01 10.07
CA ILE A 2 6.75 -0.77 11.42
C ILE A 2 5.32 -1.29 11.60
N LYS A 3 4.54 -1.19 10.53
CA LYS A 3 3.16 -1.65 10.56
C LYS A 3 2.65 -1.97 9.15
N ASN A 4 1.49 -2.61 9.08
CA ASN A 4 0.90 -2.97 7.79
C ASN A 4 -0.56 -3.37 7.96
N GLY A 5 -1.44 -2.73 7.21
CA GLY A 5 -2.85 -3.04 7.29
C GLY A 5 -3.62 -2.58 6.07
N ILE A 6 -4.94 -2.65 6.14
CA ILE A 6 -5.79 -2.24 5.03
C ILE A 6 -6.26 -0.80 5.20
N LEU A 7 -5.50 0.12 4.61
CA LEU A 7 -5.83 1.55 4.69
C LEU A 7 -6.59 2.00 3.44
N TYR A 8 -7.71 2.68 3.66
CA TYR A 8 -8.53 3.16 2.55
C TYR A 8 -7.97 4.45 1.98
N LEU A 9 -8.12 4.62 0.66
CA LEU A 9 -7.63 5.81 -0.02
C LEU A 9 -8.53 6.18 -1.18
N GLU A 10 -8.86 7.46 -1.29
CA GLU A 10 -9.72 7.95 -2.36
C GLU A 10 -8.93 8.15 -3.65
N ASP A 11 -9.30 7.40 -4.69
CA ASP A 11 -8.63 7.50 -5.97
C ASP A 11 -9.18 8.68 -6.76
N PRO A 12 -8.29 9.50 -7.37
CA PRO A 12 -8.70 10.66 -8.15
C PRO A 12 -9.41 10.29 -9.44
N VAL A 13 -9.38 9.01 -9.80
CA VAL A 13 -10.02 8.53 -11.01
C VAL A 13 -11.54 8.66 -10.90
N ASN A 14 -12.07 8.37 -9.72
CA ASN A 14 -13.51 8.46 -9.49
C ASN A 14 -13.81 9.09 -8.13
N HIS A 15 -12.79 9.63 -7.47
CA HIS A 15 -12.95 10.27 -6.17
C HIS A 15 -13.73 9.35 -5.21
N GLU A 16 -13.30 8.10 -5.11
CA GLU A 16 -13.96 7.13 -4.24
C GLU A 16 -12.93 6.33 -3.46
N TRP A 17 -13.30 5.90 -2.25
CA TRP A 17 -12.40 5.11 -1.41
C TRP A 17 -12.27 3.69 -1.93
N TYR A 18 -11.07 3.14 -1.82
CA TYR A 18 -10.80 1.78 -2.28
C TYR A 18 -10.11 0.96 -1.19
N PRO A 19 -10.75 -0.14 -0.75
CA PRO A 19 -10.18 -1.01 0.30
C PRO A 19 -8.95 -1.76 -0.19
N HIS A 20 -7.80 -1.10 -0.14
CA HIS A 20 -6.55 -1.72 -0.57
C HIS A 20 -5.59 -1.88 0.61
N TYR A 21 -4.53 -2.64 0.39
CA TYR A 21 -3.53 -2.87 1.44
C TYR A 21 -2.67 -1.64 1.66
N PHE A 22 -1.84 -1.67 2.70
CA PHE A 22 -0.97 -0.56 3.02
C PHE A 22 0.09 -0.97 4.04
N VAL A 23 1.31 -0.45 3.86
CA VAL A 23 2.40 -0.78 4.76
C VAL A 23 3.17 0.49 5.14
N LEU A 24 3.80 0.47 6.31
CA LEU A 24 4.58 1.61 6.79
C LEU A 24 5.93 1.17 7.32
N THR A 25 6.99 1.51 6.59
CA THR A 25 8.34 1.16 6.99
C THR A 25 8.99 2.31 7.74
N SER A 26 10.00 2.00 8.54
CA SER A 26 10.71 3.01 9.33
C SER A 26 11.42 4.02 8.43
N SER A 27 11.56 3.71 7.16
CA SER A 27 12.24 4.60 6.22
C SER A 27 11.27 5.22 5.20
N LYS A 28 10.02 4.75 5.20
CA LYS A 28 9.03 5.28 4.27
C LYS A 28 7.72 4.49 4.34
N ILE A 29 6.79 4.82 3.46
CA ILE A 29 5.50 4.14 3.42
C ILE A 29 5.35 3.35 2.13
N TYR A 30 4.84 2.12 2.24
CA TYR A 30 4.65 1.27 1.07
C TYR A 30 3.18 1.02 0.80
N TYR A 31 2.81 1.06 -0.48
CA TYR A 31 1.43 0.85 -0.88
C TYR A 31 1.35 0.40 -2.34
N SER A 32 0.24 -0.25 -2.70
CA SER A 32 0.04 -0.72 -4.06
C SER A 32 -1.10 0.03 -4.74
N GLU A 33 -2.32 -0.22 -4.28
CA GLU A 33 -3.49 0.43 -4.84
C GLU A 33 -3.67 0.08 -6.32
N GLU A 34 -3.26 -1.13 -6.68
CA GLU A 34 -3.36 -1.59 -8.06
C GLU A 34 -4.82 -1.86 -8.43
N THR A 35 -5.35 -1.06 -9.34
CA THR A 35 -6.73 -1.22 -9.78
C THR A 35 -6.89 -2.47 -10.64
N SER A 36 -6.29 -2.45 -11.82
CA SER A 36 -6.36 -3.59 -12.73
C SER A 36 -7.81 -3.87 -13.14
N SER A 37 -8.30 -3.12 -14.11
CA SER A 37 -9.67 -3.30 -14.59
C SER A 37 -9.70 -3.56 -16.09
N ASP A 38 -9.84 -4.82 -16.47
CA ASP A 38 -9.88 -5.21 -17.87
C ASP A 38 -10.89 -6.32 -18.11
N GLN A 39 -12.14 -5.94 -18.34
CA GLN A 39 -13.21 -6.91 -18.57
C GLN A 39 -13.38 -7.84 -17.38
N GLY A 40 -13.12 -7.32 -16.19
CA GLY A 40 -13.24 -8.11 -14.98
C GLY A 40 -13.90 -7.35 -13.84
N ASN A 41 -14.96 -6.62 -14.16
CA ASN A 41 -15.67 -5.84 -13.16
C ASN A 41 -16.90 -6.58 -12.66
N GLU A 42 -16.82 -7.90 -12.63
CA GLU A 42 -17.92 -8.74 -12.18
C GLU A 42 -17.61 -9.36 -10.83
N ASP A 43 -16.94 -8.60 -9.97
CA ASP A 43 -16.59 -9.06 -8.64
C ASP A 43 -17.14 -8.12 -7.57
N GLU A 44 -18.42 -7.79 -7.69
CA GLU A 44 -19.07 -6.90 -6.73
C GLU A 44 -20.43 -7.46 -6.31
N GLU A 45 -21.15 -6.69 -5.51
CA GLU A 45 -22.47 -7.10 -5.03
C GLU A 45 -22.36 -8.34 -4.14
N GLU A 46 -23.03 -8.30 -3.00
CA GLU A 46 -23.01 -9.42 -2.06
C GLU A 46 -24.42 -9.75 -1.58
N PRO A 47 -24.82 -11.03 -1.65
CA PRO A 47 -26.16 -11.47 -1.22
C PRO A 47 -26.45 -11.06 0.22
N LYS A 48 -27.73 -11.08 0.59
CA LYS A 48 -28.15 -10.71 1.93
C LYS A 48 -28.33 -11.95 2.80
N GLU A 49 -28.42 -11.74 4.12
CA GLU A 49 -28.60 -12.84 5.05
C GLU A 49 -27.44 -13.82 4.96
N ALA A 50 -26.60 -13.84 5.99
CA ALA A 50 -25.45 -14.74 6.02
C ALA A 50 -25.89 -16.19 6.15
N SER A 51 -27.00 -16.42 6.83
CA SER A 51 -27.54 -17.77 7.01
C SER A 51 -28.97 -17.86 6.50
N GLY A 52 -29.12 -18.32 5.26
CA GLY A 52 -30.45 -18.44 4.69
C GLY A 52 -30.44 -19.21 3.37
N SER A 53 -30.55 -20.53 3.47
CA SER A 53 -30.55 -21.39 2.28
C SER A 53 -29.27 -21.20 1.49
N THR A 54 -28.17 -20.94 2.19
CA THR A 54 -26.88 -20.74 1.54
C THR A 54 -26.04 -22.02 1.60
N GLU A 55 -25.06 -22.13 0.70
CA GLU A 55 -24.19 -23.29 0.65
C GLU A 55 -23.36 -23.41 1.92
N LEU A 56 -22.42 -24.34 1.91
CA LEU A 56 -21.55 -24.55 3.06
C LEU A 56 -20.18 -25.09 2.63
N HIS A 57 -19.14 -24.61 3.28
CA HIS A 57 -17.77 -25.04 2.96
C HIS A 57 -17.23 -25.99 4.03
N SER A 58 -18.10 -26.85 4.53
CA SER A 58 -17.71 -27.81 5.56
C SER A 58 -17.01 -29.02 4.94
N SER A 59 -15.86 -28.79 4.34
CA SER A 59 -15.10 -29.86 3.70
C SER A 59 -13.66 -29.43 3.44
N LEU A 60 -12.74 -30.01 4.20
CA LEU A 60 -11.32 -29.68 4.05
C LEU A 60 -10.60 -30.73 3.21
N GLU A 61 -11.03 -31.99 3.35
CA GLU A 61 -10.43 -33.09 2.61
C GLU A 61 -10.74 -32.96 1.12
N VAL A 62 -11.87 -32.35 0.80
CA VAL A 62 -12.28 -32.18 -0.59
C VAL A 62 -11.41 -31.12 -1.28
N LEU A 63 -10.97 -30.13 -0.52
CA LEU A 63 -10.13 -29.07 -1.07
C LEU A 63 -8.65 -29.44 -1.01
N PHE A 64 -8.35 -30.60 -0.41
CA PHE A 64 -6.96 -31.06 -0.31
C PHE A 64 -6.61 -31.94 -1.50
N GLN A 65 -7.32 -31.73 -2.60
CA GLN A 65 -7.11 -32.49 -3.83
C GLN A 65 -8.02 -31.94 -4.93
N GLY A 66 -8.29 -30.64 -4.87
CA GLY A 66 -9.14 -30.00 -5.86
C GLY A 66 -8.76 -28.56 -6.09
N PRO A 67 -7.47 -28.25 -6.29
CA PRO A 67 -7.00 -26.89 -6.54
C PRO A 67 -7.27 -26.42 -7.95
N ASN A 68 -8.37 -25.68 -8.13
CA ASN A 68 -8.74 -25.17 -9.44
C ASN A 68 -9.00 -26.32 -10.41
N PRO A 69 -10.28 -26.69 -10.62
CA PRO A 69 -10.66 -27.78 -11.52
C PRO A 69 -10.72 -27.36 -12.98
N ALA A 70 -10.20 -26.17 -13.29
CA ALA A 70 -10.19 -25.66 -14.65
C ALA A 70 -8.87 -25.94 -15.34
N ILE A 71 -8.24 -27.04 -14.96
CA ILE A 71 -6.96 -27.43 -15.55
C ILE A 71 -7.11 -28.60 -16.51
N LEU A 72 -8.26 -29.26 -16.48
CA LEU A 72 -8.52 -30.40 -17.35
C LEU A 72 -9.12 -29.96 -18.68
N GLU A 73 -8.98 -28.69 -18.96
CA GLU A 73 -9.49 -28.11 -20.20
C GLU A 73 -8.57 -27.00 -20.69
N PRO A 74 -7.41 -27.38 -21.26
CA PRO A 74 -6.41 -26.43 -21.78
C PRO A 74 -6.91 -25.67 -23.00
N GLU A 75 -8.02 -24.95 -22.84
CA GLU A 75 -8.60 -24.19 -23.93
C GLU A 75 -8.00 -22.78 -23.98
N ARG A 76 -7.71 -22.23 -22.81
CA ARG A 76 -7.14 -20.89 -22.71
C ARG A 76 -5.89 -20.89 -21.84
N GLU A 77 -4.91 -20.08 -22.20
CA GLU A 77 -3.68 -19.99 -21.44
C GLU A 77 -3.20 -18.54 -21.35
N HIS A 78 -4.15 -17.61 -21.32
CA HIS A 78 -3.85 -16.19 -21.23
C HIS A 78 -5.07 -15.40 -20.78
N LEU A 79 -5.91 -16.04 -19.98
CA LEU A 79 -7.12 -15.41 -19.48
C LEU A 79 -6.86 -14.69 -18.16
N ASP A 80 -7.88 -14.01 -17.64
CA ASP A 80 -7.74 -13.27 -16.39
C ASP A 80 -7.71 -14.23 -15.21
N GLU A 81 -6.51 -14.72 -14.89
CA GLU A 81 -6.34 -15.64 -13.77
C GLU A 81 -6.04 -14.89 -12.48
N ASN A 82 -6.24 -15.55 -11.35
CA ASN A 82 -5.99 -14.95 -10.05
C ASN A 82 -4.62 -15.37 -9.51
N SER A 83 -3.66 -15.53 -10.41
CA SER A 83 -2.31 -15.92 -10.01
C SER A 83 -1.78 -14.96 -8.94
N PRO A 84 -0.60 -15.26 -8.36
CA PRO A 84 -0.01 -14.42 -7.33
C PRO A 84 0.43 -13.06 -7.86
N LEU A 85 -0.54 -12.28 -8.36
CA LEU A 85 -0.25 -10.96 -8.90
C LEU A 85 -0.28 -9.90 -7.80
N GLY A 86 -1.11 -10.12 -6.79
CA GLY A 86 -1.21 -9.18 -5.69
C GLY A 86 0.00 -9.20 -4.79
N ASP A 87 1.14 -8.75 -5.31
CA ASP A 87 2.38 -8.72 -4.55
C ASP A 87 3.49 -8.04 -5.35
N LEU A 88 3.60 -6.72 -5.19
CA LEU A 88 4.62 -5.95 -5.89
C LEU A 88 5.14 -4.81 -5.02
N LEU A 89 4.23 -3.96 -4.56
CA LEU A 89 4.59 -2.83 -3.71
C LEU A 89 5.53 -1.88 -4.45
N ARG A 90 4.96 -0.88 -5.10
CA ARG A 90 5.76 0.10 -5.85
C ARG A 90 5.65 1.48 -5.22
N GLY A 91 4.49 1.79 -4.65
CA GLY A 91 4.29 3.07 -4.02
C GLY A 91 5.19 3.28 -2.82
N VAL A 92 5.97 4.35 -2.85
CA VAL A 92 6.89 4.66 -1.76
C VAL A 92 6.78 6.13 -1.36
N LEU A 93 6.79 6.40 -0.05
CA LEU A 93 6.69 7.76 0.45
C LEU A 93 7.62 7.97 1.64
N ASP A 94 8.42 9.03 1.58
CA ASP A 94 9.36 9.35 2.66
C ASP A 94 8.61 9.60 3.96
N VAL A 95 8.91 8.79 4.98
CA VAL A 95 8.25 8.93 6.28
C VAL A 95 8.91 10.01 7.16
N PRO A 96 10.25 10.19 7.07
CA PRO A 96 10.95 11.19 7.88
C PRO A 96 10.74 12.62 7.38
N ALA A 97 9.46 13.01 7.24
CA ALA A 97 9.12 14.35 6.77
C ALA A 97 7.64 14.45 6.44
N CYS A 98 6.81 13.88 7.31
CA CYS A 98 5.36 13.91 7.11
C CYS A 98 4.64 14.49 8.32
N GLN A 99 3.39 14.88 8.12
CA GLN A 99 2.58 15.46 9.19
C GLN A 99 1.12 15.05 9.04
N ILE A 100 0.70 14.05 9.83
CA ILE A 100 -0.66 13.56 9.78
C ILE A 100 -1.64 14.57 10.36
N ALA A 101 -2.91 14.42 10.01
CA ALA A 101 -3.96 15.32 10.50
C ALA A 101 -5.32 14.63 10.45
N ILE A 102 -5.68 13.97 11.55
CA ILE A 102 -6.96 13.26 11.63
C ILE A 102 -8.13 14.21 11.36
N ARG A 103 -9.20 13.66 10.80
CA ARG A 103 -10.39 14.44 10.49
C ARG A 103 -11.65 13.62 10.74
N PRO A 104 -12.47 14.01 11.73
CA PRO A 104 -13.71 13.28 12.07
C PRO A 104 -14.78 13.39 10.97
N GLU A 105 -14.45 14.08 9.88
CA GLU A 105 -15.39 14.23 8.77
C GLU A 105 -14.65 14.16 7.43
N GLY A 106 -13.99 13.02 7.21
CA GLY A 106 -13.24 12.83 5.97
C GLY A 106 -13.98 13.30 4.74
N LYS A 107 -14.83 12.44 4.19
CA LYS A 107 -15.59 12.79 2.99
C LYS A 107 -16.55 11.66 2.60
N ASN A 108 -17.56 12.00 1.81
CA ASN A 108 -18.55 11.03 1.35
C ASN A 108 -19.29 10.41 2.52
N ASN A 109 -18.70 9.38 3.11
CA ASN A 109 -19.32 8.69 4.25
C ASN A 109 -18.26 8.18 5.21
N ARG A 110 -17.15 8.91 5.30
CA ARG A 110 -16.06 8.53 6.20
C ARG A 110 -15.88 9.58 7.29
N LEU A 111 -16.41 9.28 8.47
CA LEU A 111 -16.30 10.20 9.61
C LEU A 111 -14.98 10.01 10.36
N PHE A 112 -14.11 9.16 9.82
CA PHE A 112 -12.82 8.91 10.45
C PHE A 112 -11.71 8.79 9.42
N VAL A 113 -11.26 9.93 8.91
CA VAL A 113 -10.20 9.97 7.92
C VAL A 113 -9.09 10.93 8.32
N PHE A 114 -7.84 10.49 8.15
CA PHE A 114 -6.69 11.30 8.51
C PHE A 114 -5.88 11.67 7.28
N SER A 115 -5.71 12.98 7.06
CA SER A 115 -4.96 13.47 5.91
C SER A 115 -3.53 13.81 6.31
N ILE A 116 -2.58 13.40 5.48
CA ILE A 116 -1.17 13.67 5.73
C ILE A 116 -0.70 14.92 4.99
N SER A 117 0.38 15.51 5.47
CA SER A 117 0.93 16.71 4.86
C SER A 117 2.44 16.78 5.05
N MET A 118 3.08 17.68 4.31
CA MET A 118 4.53 17.85 4.41
C MET A 118 4.92 19.33 4.36
N PRO A 119 5.20 19.94 5.52
CA PRO A 119 5.58 21.35 5.60
C PRO A 119 7.04 21.59 5.24
N SER A 120 7.44 21.12 4.06
CA SER A 120 8.83 21.28 3.61
C SER A 120 9.03 20.64 2.24
N VAL A 121 8.15 20.95 1.30
CA VAL A 121 8.24 20.39 -0.04
C VAL A 121 7.41 21.21 -1.03
N ALA A 122 6.10 20.95 -1.07
CA ALA A 122 5.21 21.67 -1.97
C ALA A 122 3.77 21.61 -1.47
N GLN A 123 2.83 21.97 -2.34
CA GLN A 123 1.42 21.96 -1.98
C GLN A 123 0.82 20.56 -2.16
N TRP A 124 1.40 19.59 -1.48
CA TRP A 124 0.92 18.21 -1.56
C TRP A 124 0.15 17.83 -0.30
N SER A 125 -0.83 16.95 -0.46
CA SER A 125 -1.66 16.50 0.66
C SER A 125 -2.21 15.11 0.40
N LEU A 126 -1.92 14.19 1.32
CA LEU A 126 -2.40 12.82 1.19
C LEU A 126 -3.59 12.56 2.11
N ASP A 127 -4.40 11.57 1.76
CA ASP A 127 -5.58 11.22 2.54
C ASP A 127 -5.64 9.72 2.79
N VAL A 128 -5.92 9.33 4.03
CA VAL A 128 -6.01 7.92 4.39
C VAL A 128 -6.95 7.72 5.57
N ALA A 129 -7.45 6.50 5.74
CA ALA A 129 -8.36 6.18 6.82
C ALA A 129 -8.38 4.69 7.10
N ALA A 130 -7.96 4.31 8.31
CA ALA A 130 -7.93 2.90 8.71
C ALA A 130 -9.31 2.44 9.15
N ASP A 131 -9.71 1.26 8.68
CA ASP A 131 -11.02 0.69 9.03
C ASP A 131 -11.19 0.63 10.54
N SER A 132 -10.09 0.36 11.24
CA SER A 132 -10.11 0.28 12.70
C SER A 132 -9.69 1.60 13.33
N GLN A 133 -10.61 2.25 14.01
CA GLN A 133 -10.34 3.52 14.66
C GLN A 133 -9.05 3.43 15.48
N GLU A 134 -8.74 2.21 15.94
CA GLU A 134 -7.53 1.99 16.72
C GLU A 134 -6.31 1.96 15.81
N GLU A 135 -6.45 1.27 14.69
CA GLU A 135 -5.37 1.17 13.73
C GLU A 135 -5.09 2.54 13.11
N LEU A 136 -6.14 3.34 12.99
CA LEU A 136 -6.02 4.69 12.44
C LEU A 136 -5.21 5.57 13.37
N GLN A 137 -5.60 5.59 14.64
CA GLN A 137 -4.91 6.40 15.64
C GLN A 137 -3.49 5.87 15.85
N ASP A 138 -3.36 4.55 15.81
CA ASP A 138 -2.06 3.91 15.99
C ASP A 138 -1.17 4.18 14.78
N TRP A 139 -1.78 4.29 13.61
CA TRP A 139 -1.04 4.56 12.38
C TRP A 139 -0.42 5.94 12.42
N VAL A 140 -1.20 6.92 12.88
CA VAL A 140 -0.72 8.29 12.96
C VAL A 140 0.41 8.42 13.97
N LYS A 141 0.24 7.77 15.12
CA LYS A 141 1.25 7.80 16.17
C LYS A 141 2.54 7.14 15.70
N LYS A 142 2.41 6.11 14.87
CA LYS A 142 3.56 5.40 14.36
C LYS A 142 4.36 6.29 13.41
N ILE A 143 3.67 6.91 12.46
CA ILE A 143 4.33 7.81 11.53
C ILE A 143 5.10 8.87 12.29
N ARG A 144 4.51 9.32 13.39
CA ARG A 144 5.13 10.32 14.24
C ARG A 144 6.21 9.69 15.12
N GLU A 145 6.05 8.39 15.42
CA GLU A 145 7.02 7.68 16.24
C GLU A 145 8.27 7.37 15.44
N VAL A 146 8.10 7.13 14.15
CA VAL A 146 9.23 6.82 13.27
C VAL A 146 9.94 8.12 12.88
N ALA A 147 9.17 9.19 12.73
CA ALA A 147 9.71 10.49 12.38
C ALA A 147 10.49 11.07 13.55
N GLN A 148 10.02 10.81 14.76
CA GLN A 148 10.67 11.31 15.96
C GLN A 148 11.95 10.52 16.27
N THR A 149 12.13 9.42 15.55
CA THR A 149 13.32 8.58 15.74
C THR A 149 14.05 8.35 14.42
N ALA A 150 13.81 9.23 13.45
CA ALA A 150 14.45 9.12 12.15
C ALA A 150 14.13 7.77 11.49
N SER A 1 9.17 -2.51 8.01
CA SER A 1 7.69 -2.68 8.04
C SER A 1 7.19 -2.83 9.47
N ILE A 2 6.95 -1.71 10.14
CA ILE A 2 6.46 -1.73 11.51
C ILE A 2 4.96 -2.00 11.56
N LYS A 3 4.24 -1.50 10.57
CA LYS A 3 2.80 -1.69 10.50
C LYS A 3 2.34 -1.97 9.07
N ASN A 4 1.22 -2.66 8.94
CA ASN A 4 0.67 -2.99 7.63
C ASN A 4 -0.80 -3.37 7.72
N GLY A 5 -1.64 -2.66 6.96
CA GLY A 5 -3.06 -2.93 6.98
C GLY A 5 -3.76 -2.40 5.75
N ILE A 6 -5.09 -2.57 5.70
CA ILE A 6 -5.88 -2.10 4.58
C ILE A 6 -6.35 -0.67 4.81
N LEU A 7 -5.56 0.29 4.34
CA LEU A 7 -5.90 1.71 4.49
C LEU A 7 -6.61 2.22 3.23
N TYR A 8 -7.69 2.97 3.45
CA TYR A 8 -8.46 3.54 2.34
C TYR A 8 -7.74 4.74 1.72
N LEU A 9 -8.08 5.05 0.48
CA LEU A 9 -7.48 6.18 -0.22
C LEU A 9 -8.34 6.59 -1.41
N GLU A 10 -8.65 7.87 -1.49
CA GLU A 10 -9.46 8.40 -2.59
C GLU A 10 -8.68 8.40 -3.89
N ASP A 11 -9.09 7.55 -4.82
CA ASP A 11 -8.43 7.46 -6.12
C ASP A 11 -8.98 8.53 -7.08
N PRO A 12 -8.09 9.32 -7.69
CA PRO A 12 -8.50 10.38 -8.62
C PRO A 12 -9.34 9.86 -9.79
N VAL A 13 -9.30 8.55 -10.01
CA VAL A 13 -10.06 7.93 -11.09
C VAL A 13 -11.56 7.98 -10.83
N ASN A 14 -11.94 7.71 -9.58
CA ASN A 14 -13.35 7.72 -9.20
C ASN A 14 -13.64 8.78 -8.14
N HIS A 15 -12.58 9.37 -7.59
CA HIS A 15 -12.74 10.40 -6.56
C HIS A 15 -13.41 9.83 -5.32
N GLU A 16 -13.17 8.55 -5.06
CA GLU A 16 -13.76 7.87 -3.90
C GLU A 16 -12.75 6.93 -3.25
N TRP A 17 -12.99 6.59 -1.99
CA TRP A 17 -12.10 5.70 -1.26
C TRP A 17 -11.93 4.37 -2.00
N TYR A 18 -10.69 3.88 -2.03
CA TYR A 18 -10.38 2.62 -2.69
C TYR A 18 -9.66 1.67 -1.74
N PRO A 19 -10.19 0.44 -1.56
CA PRO A 19 -9.59 -0.55 -0.68
C PRO A 19 -8.27 -1.09 -1.22
N HIS A 20 -7.17 -0.75 -0.54
CA HIS A 20 -5.85 -1.20 -0.96
C HIS A 20 -4.93 -1.39 0.24
N TYR A 21 -4.10 -2.42 0.20
CA TYR A 21 -3.17 -2.71 1.28
C TYR A 21 -2.23 -1.53 1.51
N PHE A 22 -1.72 -1.41 2.74
CA PHE A 22 -0.81 -0.33 3.08
C PHE A 22 0.21 -0.79 4.12
N VAL A 23 1.46 -0.37 3.94
CA VAL A 23 2.53 -0.73 4.85
C VAL A 23 3.34 0.50 5.27
N LEU A 24 3.90 0.46 6.47
CA LEU A 24 4.69 1.56 6.98
C LEU A 24 5.99 1.06 7.62
N THR A 25 7.12 1.49 7.07
CA THR A 25 8.42 1.08 7.58
C THR A 25 9.00 2.14 8.50
N SER A 26 9.91 1.72 9.37
CA SER A 26 10.55 2.63 10.33
C SER A 26 11.07 3.90 9.66
N SER A 27 11.60 3.77 8.46
CA SER A 27 12.14 4.92 7.74
C SER A 27 11.60 5.01 6.31
N LYS A 28 10.32 4.70 6.14
CA LYS A 28 9.70 4.76 4.83
C LYS A 28 8.26 4.25 4.86
N ILE A 29 7.54 4.45 3.76
CA ILE A 29 6.16 4.00 3.65
C ILE A 29 5.95 3.20 2.37
N TYR A 30 4.97 2.30 2.39
CA TYR A 30 4.68 1.47 1.23
C TYR A 30 3.19 1.51 0.88
N TYR A 31 2.88 1.42 -0.41
CA TYR A 31 1.51 1.44 -0.87
C TYR A 31 1.33 0.56 -2.10
N SER A 32 0.18 -0.11 -2.20
CA SER A 32 -0.10 -0.98 -3.33
C SER A 32 -1.40 -0.57 -4.01
N GLU A 33 -1.71 -1.23 -5.13
CA GLU A 33 -2.92 -0.94 -5.88
C GLU A 33 -3.45 -2.21 -6.55
N GLU A 34 -4.58 -2.08 -7.25
CA GLU A 34 -5.19 -3.21 -7.93
C GLU A 34 -4.56 -3.41 -9.31
N THR A 35 -4.65 -4.64 -9.81
CA THR A 35 -4.09 -4.97 -11.12
C THR A 35 -4.86 -4.25 -12.23
N SER A 36 -4.11 -3.63 -13.14
CA SER A 36 -4.72 -2.90 -14.25
C SER A 36 -3.69 -2.65 -15.36
N SER A 37 -2.76 -3.59 -15.52
CA SER A 37 -1.73 -3.47 -16.54
C SER A 37 -0.87 -2.22 -16.31
N ASP A 38 -0.20 -2.19 -15.16
CA ASP A 38 0.66 -1.07 -14.81
C ASP A 38 1.99 -1.14 -15.56
N GLN A 39 2.24 -0.16 -16.43
CA GLN A 39 3.46 -0.11 -17.21
C GLN A 39 3.87 1.33 -17.48
N GLY A 40 4.12 2.08 -16.41
CA GLY A 40 4.52 3.47 -16.55
C GLY A 40 4.76 4.16 -15.22
N ASN A 41 4.00 3.74 -14.20
CA ASN A 41 4.13 4.33 -12.88
C ASN A 41 5.07 3.50 -12.00
N GLU A 42 6.07 2.88 -12.63
CA GLU A 42 7.03 2.06 -11.91
C GLU A 42 8.34 2.81 -11.72
N ASP A 43 8.24 4.13 -11.56
CA ASP A 43 9.42 4.97 -11.36
C ASP A 43 10.35 4.88 -12.57
N GLU A 44 10.04 5.68 -13.59
CA GLU A 44 10.85 5.70 -14.81
C GLU A 44 12.01 6.68 -14.68
N GLU A 45 12.84 6.74 -15.72
CA GLU A 45 13.99 7.64 -15.71
C GLU A 45 13.92 8.62 -16.88
N GLU A 46 14.21 9.88 -16.61
CA GLU A 46 14.18 10.91 -17.64
C GLU A 46 12.80 11.01 -18.28
N PRO A 47 11.84 11.66 -17.60
CA PRO A 47 10.47 11.81 -18.11
C PRO A 47 10.44 12.44 -19.50
N LYS A 48 10.53 11.59 -20.53
CA LYS A 48 10.52 12.06 -21.90
C LYS A 48 9.09 12.07 -22.45
N GLU A 49 8.97 12.26 -23.77
CA GLU A 49 7.67 12.29 -24.42
C GLU A 49 7.37 10.96 -25.11
N ALA A 50 6.29 10.31 -24.68
CA ALA A 50 5.90 9.03 -25.26
C ALA A 50 4.60 9.16 -26.05
N SER A 51 4.72 9.20 -27.37
CA SER A 51 3.55 9.32 -28.23
C SER A 51 3.00 7.95 -28.60
N GLY A 52 2.10 7.44 -27.77
CA GLY A 52 1.50 6.15 -28.03
C GLY A 52 2.51 5.02 -27.90
N SER A 53 2.06 3.89 -27.35
CA SER A 53 2.93 2.73 -27.17
C SER A 53 2.28 1.47 -27.72
N THR A 54 2.98 0.78 -28.61
CA THR A 54 2.47 -0.44 -29.21
C THR A 54 3.06 -1.68 -28.54
N GLU A 55 3.25 -1.58 -27.23
CA GLU A 55 3.82 -2.69 -26.46
C GLU A 55 2.75 -3.74 -26.14
N LEU A 56 3.18 -4.99 -26.02
CA LEU A 56 2.26 -6.08 -25.73
C LEU A 56 1.20 -6.21 -26.82
N HIS A 57 1.54 -6.91 -27.90
CA HIS A 57 0.62 -7.11 -29.01
C HIS A 57 0.59 -8.57 -29.44
N SER A 58 -0.43 -8.93 -30.22
CA SER A 58 -0.58 -10.30 -30.69
C SER A 58 -0.18 -10.41 -32.16
N SER A 59 0.07 -11.64 -32.61
CA SER A 59 0.46 -11.88 -33.98
C SER A 59 -0.60 -11.38 -34.96
N LEU A 60 -0.16 -10.64 -35.98
CA LEU A 60 -1.07 -10.10 -36.97
C LEU A 60 -1.15 -11.00 -38.19
N GLU A 61 -0.03 -11.18 -38.86
CA GLU A 61 0.05 -12.02 -40.05
C GLU A 61 -0.35 -13.46 -39.71
N VAL A 62 -0.02 -13.89 -38.50
CA VAL A 62 -0.35 -15.24 -38.06
C VAL A 62 -1.84 -15.38 -37.80
N LEU A 63 -2.49 -14.28 -37.45
CA LEU A 63 -3.92 -14.28 -37.17
C LEU A 63 -4.73 -14.27 -38.47
N PHE A 64 -4.07 -13.98 -39.58
CA PHE A 64 -4.75 -13.96 -40.88
C PHE A 64 -4.79 -15.36 -41.48
N GLN A 65 -4.70 -16.36 -40.61
CA GLN A 65 -4.72 -17.77 -40.99
C GLN A 65 -4.40 -18.63 -39.76
N GLY A 66 -4.88 -18.18 -38.60
CA GLY A 66 -4.63 -18.90 -37.37
C GLY A 66 -4.91 -18.04 -36.14
N PRO A 67 -6.17 -17.65 -35.91
CA PRO A 67 -6.55 -16.82 -34.76
C PRO A 67 -6.35 -17.55 -33.43
N ASN A 68 -5.84 -16.83 -32.45
CA ASN A 68 -5.59 -17.40 -31.12
C ASN A 68 -4.58 -18.55 -31.20
N PRO A 69 -3.41 -18.29 -31.83
CA PRO A 69 -2.36 -19.31 -31.96
C PRO A 69 -1.51 -19.45 -30.71
N ALA A 70 -1.84 -18.69 -29.67
CA ALA A 70 -1.09 -18.74 -28.42
C ALA A 70 -1.76 -19.67 -27.41
N ILE A 71 -2.43 -20.70 -27.91
CA ILE A 71 -3.11 -21.65 -27.06
C ILE A 71 -2.38 -22.99 -27.01
N LEU A 72 -1.36 -23.14 -27.84
CA LEU A 72 -0.59 -24.39 -27.87
C LEU A 72 0.58 -24.34 -26.90
N GLU A 73 0.48 -23.44 -25.94
CA GLU A 73 1.51 -23.27 -24.91
C GLU A 73 0.87 -22.91 -23.57
N PRO A 74 0.53 -23.93 -22.75
CA PRO A 74 -0.09 -23.72 -21.44
C PRO A 74 0.84 -23.04 -20.45
N GLU A 75 1.29 -21.84 -20.80
CA GLU A 75 2.19 -21.08 -19.94
C GLU A 75 1.59 -19.72 -19.60
N ARG A 76 0.97 -19.09 -20.59
CA ARG A 76 0.36 -17.79 -20.39
C ARG A 76 -0.86 -17.89 -19.48
N GLU A 77 -1.60 -16.79 -19.37
CA GLU A 77 -2.79 -16.76 -18.53
C GLU A 77 -2.43 -16.98 -17.06
N HIS A 78 -1.24 -16.52 -16.67
CA HIS A 78 -0.77 -16.68 -15.30
C HIS A 78 0.59 -16.01 -15.12
N LEU A 79 0.59 -14.67 -15.06
CA LEU A 79 1.82 -13.92 -14.88
C LEU A 79 1.68 -12.89 -13.77
N ASP A 80 2.80 -12.54 -13.15
CA ASP A 80 2.80 -11.56 -12.07
C ASP A 80 1.91 -12.02 -10.90
N GLU A 81 1.84 -13.33 -10.72
CA GLU A 81 1.03 -13.90 -9.65
C GLU A 81 1.67 -13.62 -8.29
N ASN A 82 1.10 -14.20 -7.24
CA ASN A 82 1.61 -14.00 -5.89
C ASN A 82 2.56 -15.12 -5.49
N SER A 83 3.38 -15.57 -6.44
CA SER A 83 4.35 -16.62 -6.18
C SER A 83 5.33 -16.16 -5.10
N PRO A 84 6.19 -17.06 -4.61
CA PRO A 84 7.17 -16.72 -3.57
C PRO A 84 8.23 -15.74 -4.09
N LEU A 85 7.79 -14.56 -4.49
CA LEU A 85 8.70 -13.54 -5.01
C LEU A 85 8.71 -12.30 -4.11
N GLY A 86 7.54 -11.95 -3.60
CA GLY A 86 7.44 -10.79 -2.73
C GLY A 86 7.92 -9.51 -3.41
N ASP A 87 6.99 -8.74 -3.95
CA ASP A 87 7.31 -7.49 -4.62
C ASP A 87 6.69 -6.31 -3.91
N LEU A 88 5.39 -6.11 -4.13
CA LEU A 88 4.67 -5.01 -3.51
C LEU A 88 5.25 -3.67 -3.93
N LEU A 89 5.71 -3.59 -5.17
CA LEU A 89 6.30 -2.36 -5.69
C LEU A 89 5.27 -1.56 -6.48
N ARG A 90 4.88 -0.40 -5.95
CA ARG A 90 3.91 0.45 -6.60
C ARG A 90 3.97 1.87 -6.05
N GLY A 91 3.97 1.97 -4.72
CA GLY A 91 4.02 3.28 -4.08
C GLY A 91 4.93 3.28 -2.86
N VAL A 92 5.64 4.38 -2.66
CA VAL A 92 6.56 4.52 -1.53
C VAL A 92 6.71 5.98 -1.12
N LEU A 93 6.66 6.22 0.19
CA LEU A 93 6.80 7.58 0.72
C LEU A 93 7.96 7.67 1.70
N ASP A 94 8.12 8.84 2.30
CA ASP A 94 9.19 9.05 3.28
C ASP A 94 8.62 9.44 4.64
N VAL A 95 9.23 8.93 5.70
CA VAL A 95 8.78 9.23 7.06
C VAL A 95 9.30 10.58 7.54
N PRO A 96 10.60 10.87 7.35
CA PRO A 96 11.20 12.13 7.78
C PRO A 96 10.96 13.26 6.78
N ALA A 97 9.69 13.44 6.39
CA ALA A 97 9.33 14.48 5.44
C ALA A 97 7.83 14.47 5.16
N CYS A 98 7.04 14.20 6.20
CA CYS A 98 5.59 14.16 6.07
C CYS A 98 4.92 14.92 7.21
N GLN A 99 3.59 14.91 7.21
CA GLN A 99 2.83 15.59 8.23
C GLN A 99 1.37 15.11 8.24
N ILE A 100 1.05 14.22 9.19
CA ILE A 100 -0.29 13.68 9.30
C ILE A 100 -1.24 14.69 9.94
N ALA A 101 -2.54 14.48 9.74
CA ALA A 101 -3.55 15.37 10.29
C ALA A 101 -4.91 14.68 10.37
N ILE A 102 -5.18 14.06 11.51
CA ILE A 102 -6.44 13.35 11.71
C ILE A 102 -7.63 14.28 11.52
N ARG A 103 -8.78 13.69 11.23
CA ARG A 103 -10.01 14.45 11.02
C ARG A 103 -11.23 13.62 11.39
N PRO A 104 -11.94 13.98 12.46
CA PRO A 104 -13.12 13.23 12.91
C PRO A 104 -14.36 13.53 12.05
N GLU A 105 -14.18 13.45 10.73
CA GLU A 105 -15.28 13.70 9.79
C GLU A 105 -14.72 13.84 8.36
N GLY A 106 -14.10 12.78 7.87
CA GLY A 106 -13.54 12.81 6.53
C GLY A 106 -14.55 13.20 5.48
N LYS A 107 -15.16 12.20 4.84
CA LYS A 107 -16.16 12.44 3.81
C LYS A 107 -16.60 11.14 3.14
N ASN A 108 -17.72 11.19 2.45
CA ASN A 108 -18.26 10.02 1.77
C ASN A 108 -18.49 8.87 2.75
N ASN A 109 -19.24 9.15 3.81
CA ASN A 109 -19.55 8.15 4.82
C ASN A 109 -18.28 7.67 5.52
N ARG A 110 -17.49 8.63 6.03
CA ARG A 110 -16.26 8.31 6.73
C ARG A 110 -15.97 9.33 7.81
N LEU A 111 -16.35 9.00 9.04
CA LEU A 111 -16.13 9.90 10.18
C LEU A 111 -14.67 9.88 10.63
N PHE A 112 -14.02 8.73 10.48
CA PHE A 112 -12.63 8.58 10.87
C PHE A 112 -11.72 8.61 9.65
N VAL A 113 -11.03 9.73 9.45
CA VAL A 113 -10.12 9.89 8.32
C VAL A 113 -9.01 10.88 8.64
N PHE A 114 -7.78 10.51 8.31
CA PHE A 114 -6.63 11.36 8.57
C PHE A 114 -5.93 11.72 7.25
N SER A 115 -5.65 13.01 7.08
CA SER A 115 -4.98 13.49 5.87
C SER A 115 -3.50 13.72 6.12
N ILE A 116 -2.67 13.22 5.21
CA ILE A 116 -1.22 13.36 5.32
C ILE A 116 -0.71 14.42 4.36
N SER A 117 0.48 14.95 4.64
CA SER A 117 1.08 15.97 3.79
C SER A 117 2.60 15.98 3.94
N MET A 118 3.26 16.87 3.21
CA MET A 118 4.71 16.98 3.25
C MET A 118 5.15 18.43 3.15
N PRO A 119 5.34 19.12 4.29
CA PRO A 119 5.75 20.52 4.32
C PRO A 119 7.24 20.70 4.02
N SER A 120 7.95 19.59 3.83
CA SER A 120 9.38 19.65 3.54
C SER A 120 9.67 19.26 2.09
N VAL A 121 8.74 19.61 1.20
CA VAL A 121 8.90 19.31 -0.22
C VAL A 121 8.01 20.20 -1.07
N ALA A 122 6.73 19.82 -1.19
CA ALA A 122 5.78 20.60 -1.99
C ALA A 122 4.40 20.58 -1.34
N GLN A 123 3.40 21.00 -2.11
CA GLN A 123 2.02 21.04 -1.61
C GLN A 123 1.34 19.68 -1.81
N TRP A 124 1.95 18.62 -1.28
CA TRP A 124 1.40 17.28 -1.40
C TRP A 124 0.40 17.01 -0.29
N SER A 125 -0.67 16.30 -0.62
CA SER A 125 -1.70 15.96 0.36
C SER A 125 -2.44 14.68 -0.04
N LEU A 126 -2.37 13.68 0.83
CA LEU A 126 -3.03 12.40 0.57
C LEU A 126 -3.90 11.99 1.76
N ASP A 127 -5.17 11.73 1.51
CA ASP A 127 -6.10 11.33 2.55
C ASP A 127 -6.07 9.82 2.75
N VAL A 128 -6.19 9.38 4.01
CA VAL A 128 -6.18 7.96 4.32
C VAL A 128 -6.99 7.68 5.58
N ALA A 129 -7.71 6.55 5.58
CA ALA A 129 -8.53 6.17 6.72
C ALA A 129 -8.46 4.67 6.96
N ALA A 130 -8.23 4.29 8.21
CA ALA A 130 -8.14 2.89 8.59
C ALA A 130 -9.49 2.36 9.06
N ASP A 131 -9.84 1.15 8.64
CA ASP A 131 -11.11 0.53 9.02
C ASP A 131 -11.25 0.49 10.54
N SER A 132 -10.16 0.19 11.23
CA SER A 132 -10.16 0.12 12.68
C SER A 132 -9.79 1.47 13.30
N GLN A 133 -10.75 2.08 13.97
CA GLN A 133 -10.52 3.37 14.62
C GLN A 133 -9.24 3.35 15.42
N GLU A 134 -8.87 2.17 15.91
CA GLU A 134 -7.66 2.00 16.69
C GLU A 134 -6.44 2.00 15.77
N GLU A 135 -6.55 1.28 14.67
CA GLU A 135 -5.46 1.21 13.70
C GLU A 135 -5.24 2.57 13.06
N LEU A 136 -6.32 3.33 12.92
CA LEU A 136 -6.25 4.66 12.34
C LEU A 136 -5.48 5.61 13.25
N GLN A 137 -5.88 5.63 14.53
CA GLN A 137 -5.22 6.48 15.51
C GLN A 137 -3.80 5.98 15.76
N ASP A 138 -3.64 4.66 15.72
CA ASP A 138 -2.33 4.06 15.94
C ASP A 138 -1.43 4.32 14.74
N TRP A 139 -2.04 4.44 13.56
CA TRP A 139 -1.28 4.70 12.34
C TRP A 139 -0.67 6.09 12.39
N VAL A 140 -1.49 7.07 12.76
CA VAL A 140 -1.03 8.45 12.85
C VAL A 140 0.08 8.58 13.88
N LYS A 141 -0.12 7.97 15.04
CA LYS A 141 0.86 8.02 16.12
C LYS A 141 2.17 7.35 15.68
N LYS A 142 2.05 6.28 14.92
CA LYS A 142 3.22 5.56 14.43
C LYS A 142 4.02 6.44 13.48
N ILE A 143 3.36 6.93 12.42
CA ILE A 143 4.03 7.80 11.46
C ILE A 143 4.72 8.95 12.21
N ARG A 144 4.13 9.34 13.33
CA ARG A 144 4.68 10.41 14.14
C ARG A 144 5.84 9.90 14.99
N GLU A 145 5.78 8.62 15.36
CA GLU A 145 6.83 8.02 16.17
C GLU A 145 8.06 7.70 15.32
N VAL A 146 7.83 7.30 14.08
CA VAL A 146 8.91 6.99 13.15
C VAL A 146 9.49 8.28 12.57
N ALA A 147 8.66 9.30 12.49
CA ALA A 147 9.08 10.59 11.95
C ALA A 147 9.94 11.33 12.97
N GLN A 148 9.58 11.19 14.25
CA GLN A 148 10.33 11.84 15.32
C GLN A 148 11.68 11.17 15.53
N THR A 149 11.86 9.98 14.95
CA THR A 149 13.11 9.25 15.08
C THR A 149 13.90 9.31 13.77
N ALA A 150 13.17 9.22 12.65
CA ALA A 150 13.80 9.27 11.34
C ALA A 150 14.87 8.19 11.20
N SER A 1 9.29 -2.64 8.90
CA SER A 1 7.83 -2.92 8.78
C SER A 1 7.16 -2.88 10.15
N ILE A 2 6.78 -1.69 10.59
CA ILE A 2 6.12 -1.51 11.88
C ILE A 2 4.61 -1.66 11.75
N LYS A 3 4.07 -1.23 10.62
CA LYS A 3 2.64 -1.32 10.36
C LYS A 3 2.37 -1.80 8.94
N ASN A 4 1.34 -2.63 8.78
CA ASN A 4 0.99 -3.16 7.48
C ASN A 4 -0.50 -3.53 7.42
N GLY A 5 -1.21 -2.92 6.50
CA GLY A 5 -2.64 -3.20 6.36
C GLY A 5 -3.23 -2.59 5.10
N ILE A 6 -4.54 -2.73 4.94
CA ILE A 6 -5.23 -2.19 3.77
C ILE A 6 -5.98 -0.91 4.13
N LEU A 7 -5.30 0.23 4.02
CA LEU A 7 -5.90 1.52 4.32
C LEU A 7 -6.73 2.02 3.13
N TYR A 8 -7.86 2.65 3.43
CA TYR A 8 -8.73 3.17 2.39
C TYR A 8 -8.19 4.48 1.81
N LEU A 9 -8.39 4.67 0.52
CA LEU A 9 -7.94 5.89 -0.17
C LEU A 9 -8.82 6.19 -1.37
N GLU A 10 -9.52 7.30 -1.33
CA GLU A 10 -10.40 7.70 -2.42
C GLU A 10 -9.61 8.17 -3.63
N ASP A 11 -10.08 7.79 -4.82
CA ASP A 11 -9.42 8.17 -6.06
C ASP A 11 -10.23 9.23 -6.79
N PRO A 12 -9.55 10.14 -7.53
CA PRO A 12 -10.23 11.20 -8.28
C PRO A 12 -10.94 10.69 -9.51
N VAL A 13 -10.77 9.41 -9.82
CA VAL A 13 -11.41 8.81 -10.99
C VAL A 13 -12.92 8.79 -10.82
N ASN A 14 -13.38 8.49 -9.61
CA ASN A 14 -14.81 8.44 -9.31
C ASN A 14 -15.11 9.04 -7.95
N HIS A 15 -14.11 9.68 -7.33
CA HIS A 15 -14.28 10.31 -6.02
C HIS A 15 -14.95 9.35 -5.03
N GLU A 16 -14.31 8.21 -4.80
CA GLU A 16 -14.85 7.21 -3.88
C GLU A 16 -13.72 6.43 -3.21
N TRP A 17 -13.88 6.18 -1.91
CA TRP A 17 -12.87 5.43 -1.16
C TRP A 17 -12.63 4.06 -1.77
N TYR A 18 -11.38 3.62 -1.75
CA TYR A 18 -11.01 2.32 -2.31
C TYR A 18 -10.06 1.57 -1.36
N PRO A 19 -10.27 0.26 -1.17
CA PRO A 19 -9.44 -0.55 -0.29
C PRO A 19 -8.10 -0.91 -0.93
N HIS A 20 -7.10 -0.07 -0.71
CA HIS A 20 -5.77 -0.29 -1.27
C HIS A 20 -4.77 -0.61 -0.17
N TYR A 21 -3.89 -1.57 -0.43
CA TYR A 21 -2.87 -1.96 0.54
C TYR A 21 -1.96 -0.79 0.87
N PHE A 22 -1.28 -0.87 2.02
CA PHE A 22 -0.38 0.19 2.44
C PHE A 22 0.44 -0.25 3.66
N VAL A 23 1.76 -0.10 3.56
CA VAL A 23 2.65 -0.49 4.65
C VAL A 23 3.48 0.70 5.13
N LEU A 24 3.90 0.67 6.39
CA LEU A 24 4.71 1.74 6.96
C LEU A 24 5.96 1.18 7.63
N THR A 25 7.13 1.60 7.12
CA THR A 25 8.40 1.14 7.67
C THR A 25 8.99 2.18 8.62
N SER A 26 9.81 1.72 9.54
CA SER A 26 10.44 2.60 10.52
C SER A 26 11.20 3.74 9.85
N SER A 27 11.63 3.53 8.61
CA SER A 27 12.37 4.55 7.89
C SER A 27 11.90 4.67 6.44
N LYS A 28 10.60 4.50 6.23
CA LYS A 28 10.03 4.60 4.88
C LYS A 28 8.57 4.14 4.87
N ILE A 29 7.94 4.24 3.71
CA ILE A 29 6.54 3.84 3.55
C ILE A 29 6.34 3.14 2.21
N TYR A 30 5.67 1.99 2.24
CA TYR A 30 5.41 1.22 1.03
C TYR A 30 3.92 1.26 0.67
N TYR A 31 3.64 1.29 -0.63
CA TYR A 31 2.27 1.32 -1.10
C TYR A 31 2.10 0.43 -2.33
N SER A 32 1.08 -0.44 -2.29
CA SER A 32 0.81 -1.35 -3.39
C SER A 32 -0.68 -1.39 -3.71
N GLU A 33 -1.04 -2.17 -4.71
CA GLU A 33 -2.44 -2.29 -5.13
C GLU A 33 -2.78 -3.74 -5.49
N GLU A 34 -1.90 -4.36 -6.27
CA GLU A 34 -2.11 -5.74 -6.69
C GLU A 34 -0.78 -6.47 -6.78
N THR A 35 -0.54 -7.39 -5.84
CA THR A 35 0.69 -8.16 -5.81
C THR A 35 0.58 -9.41 -6.68
N SER A 36 1.67 -10.15 -6.79
CA SER A 36 1.68 -11.37 -7.60
C SER A 36 2.65 -12.40 -7.02
N SER A 37 2.28 -13.67 -7.12
CA SER A 37 3.12 -14.75 -6.61
C SER A 37 2.93 -16.02 -7.43
N ASP A 38 3.95 -16.37 -8.21
CA ASP A 38 3.89 -17.57 -9.04
C ASP A 38 5.28 -18.19 -9.19
N GLN A 39 5.73 -18.87 -8.15
CA GLN A 39 7.04 -19.51 -8.15
C GLN A 39 6.99 -20.86 -7.45
N GLY A 40 5.84 -21.54 -7.56
CA GLY A 40 5.68 -22.84 -6.94
C GLY A 40 5.99 -23.98 -7.88
N ASN A 41 7.20 -24.53 -7.76
CA ASN A 41 7.62 -25.63 -8.62
C ASN A 41 8.94 -26.23 -8.13
N GLU A 42 8.88 -26.92 -7.01
CA GLU A 42 10.07 -27.54 -6.43
C GLU A 42 9.75 -28.92 -5.87
N ASP A 43 8.99 -29.71 -6.63
CA ASP A 43 8.62 -31.05 -6.21
C ASP A 43 7.79 -31.00 -4.93
N GLU A 44 6.96 -32.02 -4.72
CA GLU A 44 6.12 -32.11 -3.54
C GLU A 44 6.86 -32.80 -2.39
N GLU A 45 7.13 -32.04 -1.33
CA GLU A 45 7.82 -32.57 -0.17
C GLU A 45 6.91 -33.48 0.64
N GLU A 46 7.45 -34.08 1.70
CA GLU A 46 6.68 -34.97 2.56
C GLU A 46 5.99 -34.18 3.68
N PRO A 47 4.64 -34.13 3.67
CA PRO A 47 3.88 -33.40 4.69
C PRO A 47 4.29 -33.79 6.11
N LYS A 48 3.96 -32.93 7.06
CA LYS A 48 4.28 -33.19 8.46
C LYS A 48 3.20 -34.01 9.14
N GLU A 49 3.04 -35.25 8.68
CA GLU A 49 2.02 -36.14 9.25
C GLU A 49 2.61 -36.99 10.37
N ALA A 50 1.74 -37.68 11.10
CA ALA A 50 2.17 -38.53 12.21
C ALA A 50 1.16 -39.64 12.48
N SER A 51 1.68 -40.84 12.76
CA SER A 51 0.82 -41.99 13.04
C SER A 51 1.61 -43.12 13.69
N GLY A 52 2.59 -42.74 14.50
CA GLY A 52 3.42 -43.73 15.18
C GLY A 52 4.23 -43.14 16.31
N SER A 53 5.16 -43.92 16.83
CA SER A 53 6.01 -43.47 17.93
C SER A 53 7.49 -43.61 17.57
N THR A 54 7.80 -43.46 16.29
CA THR A 54 9.17 -43.57 15.82
C THR A 54 9.54 -42.40 14.92
N GLU A 55 9.94 -41.29 15.53
CA GLU A 55 10.32 -40.10 14.79
C GLU A 55 10.90 -39.04 15.73
N LEU A 56 11.71 -38.14 15.17
CA LEU A 56 12.32 -37.07 15.95
C LEU A 56 13.26 -37.65 17.02
N HIS A 57 14.32 -36.93 17.33
CA HIS A 57 15.29 -37.37 18.33
C HIS A 57 16.04 -36.18 18.92
N SER A 58 15.65 -35.77 20.13
CA SER A 58 16.29 -34.65 20.79
C SER A 58 16.14 -33.37 19.97
N SER A 59 16.32 -32.23 20.63
CA SER A 59 16.20 -30.94 19.96
C SER A 59 17.56 -30.45 19.47
N LEU A 60 17.66 -30.18 18.17
CA LEU A 60 18.90 -29.71 17.58
C LEU A 60 18.64 -29.11 16.21
N GLU A 61 17.83 -29.79 15.41
CA GLU A 61 17.51 -29.33 14.06
C GLU A 61 16.66 -28.06 14.11
N VAL A 62 15.78 -27.98 15.11
CA VAL A 62 14.92 -26.83 15.27
C VAL A 62 15.72 -25.60 15.72
N LEU A 63 16.79 -25.85 16.45
CA LEU A 63 17.64 -24.77 16.95
C LEU A 63 18.54 -24.23 15.83
N PHE A 64 18.64 -24.97 14.73
CA PHE A 64 19.47 -24.54 13.61
C PHE A 64 18.65 -23.72 12.62
N GLN A 65 17.58 -23.11 13.13
CA GLN A 65 16.70 -22.27 12.33
C GLN A 65 15.85 -21.40 13.24
N GLY A 66 16.41 -21.07 14.41
CA GLY A 66 15.71 -20.25 15.37
C GLY A 66 16.49 -19.00 15.74
N PRO A 67 17.57 -19.14 16.53
CA PRO A 67 18.40 -18.01 16.94
C PRO A 67 18.95 -17.23 15.76
N ASN A 68 18.15 -16.30 15.23
CA ASN A 68 18.56 -15.49 14.09
C ASN A 68 18.99 -16.38 12.91
N PRO A 69 18.05 -16.68 12.00
CA PRO A 69 18.33 -17.52 10.83
C PRO A 69 19.09 -16.78 9.73
N ALA A 70 19.39 -15.50 9.96
CA ALA A 70 20.12 -14.70 8.99
C ALA A 70 21.61 -14.65 9.30
N ILE A 71 22.11 -15.72 9.91
CA ILE A 71 23.52 -15.81 10.26
C ILE A 71 24.22 -16.96 9.54
N LEU A 72 23.44 -17.80 8.86
CA LEU A 72 24.01 -18.93 8.15
C LEU A 72 24.42 -18.56 6.72
N GLU A 73 24.60 -17.28 6.50
CA GLU A 73 25.00 -16.77 5.19
C GLU A 73 25.92 -15.56 5.35
N PRO A 74 27.12 -15.75 5.93
CA PRO A 74 28.08 -14.68 6.14
C PRO A 74 28.98 -14.46 4.92
N GLU A 75 28.39 -14.54 3.73
CA GLU A 75 29.14 -14.34 2.50
C GLU A 75 28.98 -12.91 1.99
N ARG A 76 27.80 -12.34 2.22
CA ARG A 76 27.53 -10.97 1.78
C ARG A 76 26.78 -10.20 2.87
N GLU A 77 26.71 -8.89 2.70
CA GLU A 77 26.03 -8.03 3.66
C GLU A 77 25.99 -6.58 3.16
N HIS A 78 24.78 -6.01 3.15
CA HIS A 78 24.60 -4.64 2.69
C HIS A 78 24.96 -4.51 1.21
N LEU A 79 24.72 -5.58 0.46
CA LEU A 79 25.00 -5.60 -0.97
C LEU A 79 23.83 -5.01 -1.77
N ASP A 80 23.88 -5.18 -3.08
CA ASP A 80 22.83 -4.68 -3.95
C ASP A 80 21.62 -5.61 -3.93
N GLU A 81 20.86 -5.55 -2.84
CA GLU A 81 19.66 -6.38 -2.68
C GLU A 81 18.51 -5.83 -3.51
N ASN A 82 17.73 -6.73 -4.10
CA ASN A 82 16.58 -6.33 -4.91
C ASN A 82 15.29 -6.40 -4.11
N SER A 83 15.38 -6.15 -2.81
CA SER A 83 14.22 -6.20 -1.93
C SER A 83 13.29 -5.02 -2.20
N PRO A 84 13.80 -3.78 -2.05
CA PRO A 84 13.03 -2.56 -2.27
C PRO A 84 12.82 -2.27 -3.76
N LEU A 85 13.70 -2.80 -4.59
CA LEU A 85 13.61 -2.60 -6.04
C LEU A 85 12.93 -3.78 -6.70
N GLY A 86 11.98 -4.39 -6.00
CA GLY A 86 11.26 -5.53 -6.55
C GLY A 86 10.18 -5.12 -7.53
N ASP A 87 9.92 -5.97 -8.52
CA ASP A 87 8.91 -5.69 -9.52
C ASP A 87 7.52 -5.58 -8.89
N LEU A 88 7.36 -6.18 -7.72
CA LEU A 88 6.08 -6.15 -7.01
C LEU A 88 6.06 -5.04 -5.97
N LEU A 89 6.66 -3.91 -6.30
CA LEU A 89 6.71 -2.77 -5.40
C LEU A 89 6.86 -1.46 -6.17
N ARG A 90 5.81 -0.66 -6.19
CA ARG A 90 5.82 0.61 -6.89
C ARG A 90 5.72 1.78 -5.92
N GLY A 91 4.99 1.59 -4.84
CA GLY A 91 4.83 2.64 -3.85
C GLY A 91 5.98 2.72 -2.87
N VAL A 92 6.59 3.89 -2.76
CA VAL A 92 7.71 4.09 -1.85
C VAL A 92 7.87 5.56 -1.50
N LEU A 93 7.99 5.85 -0.21
CA LEU A 93 8.15 7.23 0.24
C LEU A 93 9.00 7.30 1.52
N ASP A 94 9.70 8.41 1.69
CA ASP A 94 10.55 8.60 2.86
C ASP A 94 9.72 9.07 4.06
N VAL A 95 9.87 8.38 5.19
CA VAL A 95 9.13 8.73 6.39
C VAL A 95 9.64 10.03 7.04
N PRO A 96 10.95 10.34 6.94
CA PRO A 96 11.50 11.56 7.54
C PRO A 96 11.13 12.81 6.74
N ALA A 97 9.83 13.04 6.55
CA ALA A 97 9.34 14.20 5.82
C ALA A 97 7.84 14.08 5.55
N CYS A 98 7.05 14.06 6.61
CA CYS A 98 5.60 13.95 6.49
C CYS A 98 4.89 14.73 7.59
N GLN A 99 3.58 14.91 7.43
CA GLN A 99 2.78 15.63 8.41
C GLN A 99 1.32 15.16 8.36
N ILE A 100 0.96 14.28 9.28
CA ILE A 100 -0.40 13.75 9.34
C ILE A 100 -1.36 14.77 9.94
N ALA A 101 -2.65 14.59 9.66
CA ALA A 101 -3.68 15.49 10.16
C ALA A 101 -5.02 14.78 10.26
N ILE A 102 -5.28 14.14 11.40
CA ILE A 102 -6.52 13.42 11.61
C ILE A 102 -7.73 14.34 11.45
N ARG A 103 -8.87 13.74 11.14
CA ARG A 103 -10.11 14.49 10.98
C ARG A 103 -11.29 13.65 11.45
N PRO A 104 -12.11 14.18 12.38
CA PRO A 104 -13.26 13.46 12.91
C PRO A 104 -14.50 13.56 12.01
N GLU A 105 -14.27 13.68 10.71
CA GLU A 105 -15.36 13.78 9.74
C GLU A 105 -14.83 13.86 8.32
N GLY A 106 -14.27 12.76 7.84
CA GLY A 106 -13.72 12.72 6.50
C GLY A 106 -14.73 13.12 5.44
N LYS A 107 -15.40 12.15 4.86
CA LYS A 107 -16.40 12.41 3.83
C LYS A 107 -17.12 11.13 3.42
N ASN A 108 -18.19 11.28 2.64
CA ASN A 108 -18.96 10.14 2.17
C ASN A 108 -19.57 9.36 3.35
N ASN A 109 -18.78 8.49 3.95
CA ASN A 109 -19.23 7.70 5.09
C ASN A 109 -18.06 7.28 5.97
N ARG A 110 -17.05 8.14 6.03
CA ARG A 110 -15.86 7.86 6.84
C ARG A 110 -15.70 8.91 7.94
N LEU A 111 -16.30 8.64 9.09
CA LEU A 111 -16.23 9.57 10.22
C LEU A 111 -14.78 9.73 10.70
N PHE A 112 -13.99 8.68 10.54
CA PHE A 112 -12.59 8.71 10.95
C PHE A 112 -11.66 8.71 9.74
N VAL A 113 -11.08 9.87 9.45
CA VAL A 113 -10.17 10.00 8.32
C VAL A 113 -9.04 10.99 8.64
N PHE A 114 -7.84 10.64 8.23
CA PHE A 114 -6.67 11.48 8.47
C PHE A 114 -5.98 11.85 7.16
N SER A 115 -5.66 13.13 7.01
CA SER A 115 -5.00 13.62 5.81
C SER A 115 -3.51 13.88 6.06
N ILE A 116 -2.67 13.33 5.20
CA ILE A 116 -1.23 13.50 5.33
C ILE A 116 -0.72 14.61 4.42
N SER A 117 0.46 15.13 4.75
CA SER A 117 1.05 16.22 3.96
C SER A 117 2.56 16.25 4.15
N MET A 118 3.23 17.13 3.40
CA MET A 118 4.68 17.27 3.47
C MET A 118 5.09 18.74 3.46
N PRO A 119 5.21 19.36 4.65
CA PRO A 119 5.59 20.78 4.75
C PRO A 119 7.09 21.01 4.52
N SER A 120 7.83 19.92 4.29
CA SER A 120 9.27 20.02 4.06
C SER A 120 9.61 19.72 2.61
N VAL A 121 8.70 20.06 1.70
CA VAL A 121 8.92 19.83 0.28
C VAL A 121 8.03 20.75 -0.56
N ALA A 122 6.78 20.33 -0.77
CA ALA A 122 5.84 21.12 -1.55
C ALA A 122 4.42 20.97 -1.01
N GLN A 123 3.44 21.38 -1.80
CA GLN A 123 2.04 21.30 -1.40
C GLN A 123 1.47 19.91 -1.71
N TRP A 124 2.11 18.88 -1.15
CA TRP A 124 1.66 17.51 -1.36
C TRP A 124 0.90 17.00 -0.14
N SER A 125 -0.38 16.68 -0.33
CA SER A 125 -1.20 16.17 0.75
C SER A 125 -2.16 15.10 0.25
N LEU A 126 -2.32 14.05 1.06
CA LEU A 126 -3.20 12.94 0.70
C LEU A 126 -4.19 12.65 1.81
N ASP A 127 -5.18 11.80 1.52
CA ASP A 127 -6.19 11.44 2.51
C ASP A 127 -6.24 9.92 2.70
N VAL A 128 -6.19 9.49 3.95
CA VAL A 128 -6.24 8.07 4.28
C VAL A 128 -7.07 7.83 5.53
N ALA A 129 -7.55 6.59 5.70
CA ALA A 129 -8.36 6.23 6.85
C ALA A 129 -8.36 4.73 7.08
N ALA A 130 -8.48 4.32 8.34
CA ALA A 130 -8.50 2.91 8.70
C ALA A 130 -9.87 2.50 9.23
N ASP A 131 -10.36 1.36 8.77
CA ASP A 131 -11.67 0.86 9.20
C ASP A 131 -11.76 0.82 10.72
N SER A 132 -10.64 0.50 11.36
CA SER A 132 -10.58 0.42 12.82
C SER A 132 -10.13 1.75 13.42
N GLN A 133 -11.04 2.42 14.12
CA GLN A 133 -10.73 3.70 14.75
C GLN A 133 -9.42 3.61 15.53
N GLU A 134 -9.09 2.41 16.00
CA GLU A 134 -7.86 2.20 16.74
C GLU A 134 -6.67 2.15 15.80
N GLU A 135 -6.84 1.44 14.68
CA GLU A 135 -5.79 1.32 13.69
C GLU A 135 -5.52 2.67 13.05
N LEU A 136 -6.56 3.49 12.95
CA LEU A 136 -6.44 4.82 12.37
C LEU A 136 -5.63 5.73 13.28
N GLN A 137 -6.01 5.77 14.55
CA GLN A 137 -5.31 6.59 15.52
C GLN A 137 -3.91 6.05 15.77
N ASP A 138 -3.79 4.74 15.76
CA ASP A 138 -2.50 4.09 15.97
C ASP A 138 -1.60 4.30 14.76
N TRP A 139 -2.21 4.46 13.58
CA TRP A 139 -1.45 4.68 12.36
C TRP A 139 -0.81 6.06 12.37
N VAL A 140 -1.59 7.07 12.74
CA VAL A 140 -1.10 8.44 12.80
C VAL A 140 0.00 8.58 13.84
N LYS A 141 -0.20 7.93 14.99
CA LYS A 141 0.78 7.99 16.06
C LYS A 141 2.09 7.33 15.63
N LYS A 142 1.99 6.26 14.85
CA LYS A 142 3.16 5.56 14.36
C LYS A 142 3.96 6.45 13.41
N ILE A 143 3.30 6.95 12.37
CA ILE A 143 3.96 7.83 11.42
C ILE A 143 4.64 8.98 12.17
N ARG A 144 4.03 9.37 13.28
CA ARG A 144 4.58 10.44 14.11
C ARG A 144 5.70 9.92 15.00
N GLU A 145 5.63 8.63 15.35
CA GLU A 145 6.64 8.02 16.19
C GLU A 145 7.94 7.83 15.41
N VAL A 146 7.81 7.43 14.16
CA VAL A 146 8.97 7.22 13.30
C VAL A 146 9.50 8.55 12.80
N ALA A 147 8.58 9.49 12.59
CA ALA A 147 8.93 10.82 12.12
C ALA A 147 9.60 11.62 13.24
N GLN A 148 9.16 11.38 14.47
CA GLN A 148 9.71 12.06 15.63
C GLN A 148 11.11 11.54 15.95
N THR A 149 11.47 10.40 15.34
CA THR A 149 12.77 9.79 15.57
C THR A 149 13.53 9.62 14.26
N ALA A 150 13.12 10.36 13.23
CA ALA A 150 13.77 10.28 11.93
C ALA A 150 13.80 11.64 11.26
N SER A 1 9.56 -2.54 8.33
CA SER A 1 8.08 -2.68 8.32
C SER A 1 7.50 -2.63 9.73
N ILE A 2 7.16 -1.42 10.18
CA ILE A 2 6.59 -1.24 11.50
C ILE A 2 5.12 -1.64 11.52
N LYS A 3 4.43 -1.37 10.42
CA LYS A 3 3.01 -1.69 10.32
C LYS A 3 2.59 -1.80 8.85
N ASN A 4 1.59 -2.64 8.58
CA ASN A 4 1.10 -2.83 7.24
C ASN A 4 -0.33 -3.36 7.25
N GLY A 5 -1.16 -2.82 6.36
CA GLY A 5 -2.55 -3.26 6.28
C GLY A 5 -3.26 -2.71 5.07
N ILE A 6 -4.52 -3.07 4.91
CA ILE A 6 -5.32 -2.60 3.78
C ILE A 6 -6.10 -1.35 4.14
N LEU A 7 -5.41 -0.20 4.13
CA LEU A 7 -6.05 1.06 4.46
C LEU A 7 -6.89 1.58 3.28
N TYR A 8 -7.76 2.53 3.56
CA TYR A 8 -8.63 3.10 2.53
C TYR A 8 -8.09 4.44 2.05
N LEU A 9 -8.23 4.68 0.74
CA LEU A 9 -7.75 5.94 0.15
C LEU A 9 -8.63 6.34 -1.03
N GLU A 10 -9.47 7.34 -0.83
CA GLU A 10 -10.36 7.81 -1.88
C GLU A 10 -9.58 8.34 -3.08
N ASP A 11 -9.80 7.73 -4.24
CA ASP A 11 -9.11 8.13 -5.46
C ASP A 11 -9.79 9.36 -6.07
N PRO A 12 -9.02 10.41 -6.39
CA PRO A 12 -9.56 11.63 -6.97
C PRO A 12 -10.07 11.43 -8.41
N VAL A 13 -9.78 10.27 -8.98
CA VAL A 13 -10.22 9.96 -10.34
C VAL A 13 -11.74 9.91 -10.41
N ASN A 14 -12.33 9.32 -9.38
CA ASN A 14 -13.79 9.20 -9.31
C ASN A 14 -14.30 9.39 -7.87
N HIS A 15 -13.42 9.90 -7.00
CA HIS A 15 -13.80 10.13 -5.61
C HIS A 15 -14.45 8.89 -4.99
N GLU A 16 -13.62 7.92 -4.61
CA GLU A 16 -14.13 6.68 -4.01
C GLU A 16 -13.02 5.94 -3.28
N TRP A 17 -13.31 5.50 -2.06
CA TRP A 17 -12.34 4.77 -1.26
C TRP A 17 -12.05 3.40 -1.87
N TYR A 18 -10.77 3.02 -1.88
CA TYR A 18 -10.36 1.74 -2.43
C TYR A 18 -9.33 1.07 -1.55
N PRO A 19 -9.51 -0.23 -1.23
CA PRO A 19 -8.57 -0.98 -0.38
C PRO A 19 -7.14 -0.90 -0.89
N HIS A 20 -6.22 -0.51 -0.03
CA HIS A 20 -4.81 -0.39 -0.40
C HIS A 20 -3.92 -0.99 0.69
N TYR A 21 -3.11 -1.97 0.31
CA TYR A 21 -2.20 -2.63 1.24
C TYR A 21 -0.94 -1.78 1.47
N PHE A 22 -1.03 -0.83 2.38
CA PHE A 22 0.09 0.03 2.70
C PHE A 22 1.10 -0.67 3.60
N VAL A 23 2.34 -0.21 3.59
CA VAL A 23 3.39 -0.80 4.41
C VAL A 23 4.34 0.26 4.96
N LEU A 24 4.19 0.58 6.24
CA LEU A 24 5.05 1.57 6.88
C LEU A 24 6.33 0.92 7.40
N THR A 25 7.46 1.36 6.86
CA THR A 25 8.76 0.82 7.26
C THR A 25 9.46 1.75 8.26
N SER A 26 10.39 1.19 9.02
CA SER A 26 11.15 1.95 10.03
C SER A 26 11.62 3.29 9.48
N SER A 27 11.93 3.33 8.19
CA SER A 27 12.41 4.57 7.58
C SER A 27 11.90 4.69 6.14
N LYS A 28 10.61 4.44 5.95
CA LYS A 28 10.01 4.55 4.62
C LYS A 28 8.52 4.19 4.66
N ILE A 29 7.82 4.49 3.58
CA ILE A 29 6.39 4.21 3.47
C ILE A 29 6.04 3.68 2.09
N TYR A 30 5.78 2.39 2.00
CA TYR A 30 5.43 1.76 0.72
C TYR A 30 3.92 1.64 0.57
N TYR A 31 3.44 1.90 -0.64
CA TYR A 31 2.00 1.82 -0.92
C TYR A 31 1.77 1.21 -2.30
N SER A 32 1.17 0.01 -2.32
CA SER A 32 0.89 -0.68 -3.57
C SER A 32 -0.60 -1.02 -3.67
N GLU A 33 -1.09 -1.10 -4.90
CA GLU A 33 -2.49 -1.42 -5.13
C GLU A 33 -2.67 -2.91 -5.42
N GLU A 34 -3.61 -3.54 -4.72
CA GLU A 34 -3.88 -4.96 -4.90
C GLU A 34 -4.47 -5.22 -6.28
N THR A 35 -4.52 -6.50 -6.66
CA THR A 35 -5.08 -6.88 -7.96
C THR A 35 -6.13 -7.97 -7.79
N SER A 36 -6.58 -8.53 -8.91
CA SER A 36 -7.60 -9.57 -8.89
C SER A 36 -7.72 -10.23 -10.26
N SER A 37 -7.42 -11.53 -10.31
CA SER A 37 -7.50 -12.28 -11.56
C SER A 37 -8.53 -13.41 -11.46
N ASP A 38 -9.77 -13.10 -11.81
CA ASP A 38 -10.84 -14.09 -11.75
C ASP A 38 -11.03 -14.62 -10.33
N GLN A 39 -11.37 -13.72 -9.42
CA GLN A 39 -11.57 -14.09 -8.02
C GLN A 39 -12.69 -13.27 -7.40
N GLY A 40 -13.86 -13.31 -8.02
CA GLY A 40 -15.01 -12.57 -7.51
C GLY A 40 -15.32 -11.36 -8.36
N ASN A 41 -15.05 -11.45 -9.66
CA ASN A 41 -15.32 -10.35 -10.57
C ASN A 41 -15.30 -10.83 -12.02
N GLU A 42 -16.04 -11.89 -12.29
CA GLU A 42 -16.11 -12.45 -13.63
C GLU A 42 -17.36 -11.97 -14.36
N ASP A 43 -17.79 -10.75 -14.04
CA ASP A 43 -18.98 -10.17 -14.67
C ASP A 43 -18.60 -9.30 -15.86
N GLU A 44 -19.50 -9.19 -16.82
CA GLU A 44 -19.26 -8.38 -18.01
C GLU A 44 -19.71 -6.94 -17.79
N GLU A 45 -18.80 -6.11 -17.30
CA GLU A 45 -19.11 -4.71 -17.04
C GLU A 45 -20.23 -4.57 -16.02
N GLU A 46 -20.74 -3.35 -15.85
CA GLU A 46 -21.81 -3.09 -14.92
C GLU A 46 -23.06 -2.60 -15.65
N PRO A 47 -23.89 -3.54 -16.16
CA PRO A 47 -25.12 -3.19 -16.88
C PRO A 47 -26.02 -2.27 -16.08
N LYS A 48 -26.89 -1.54 -16.78
CA LYS A 48 -27.81 -0.62 -16.13
C LYS A 48 -29.12 -1.32 -15.77
N GLU A 49 -29.76 -0.87 -14.70
CA GLU A 49 -31.01 -1.45 -14.25
C GLU A 49 -32.07 -0.36 -14.03
N ALA A 50 -33.30 -0.79 -13.82
CA ALA A 50 -34.40 0.15 -13.59
C ALA A 50 -35.58 -0.54 -12.92
N SER A 51 -36.69 0.18 -12.78
CA SER A 51 -37.88 -0.36 -12.15
C SER A 51 -38.93 -0.74 -13.19
N GLY A 52 -38.46 -1.15 -14.36
CA GLY A 52 -39.37 -1.54 -15.42
C GLY A 52 -38.93 -1.02 -16.78
N SER A 53 -39.33 0.21 -17.11
CA SER A 53 -38.98 0.82 -18.38
C SER A 53 -38.94 2.33 -18.26
N THR A 54 -38.22 2.97 -19.17
CA THR A 54 -38.09 4.43 -19.17
C THR A 54 -38.90 5.05 -20.32
N GLU A 55 -38.80 6.36 -20.47
CA GLU A 55 -39.52 7.06 -21.52
C GLU A 55 -38.72 8.26 -22.02
N LEU A 56 -39.32 9.04 -22.90
CA LEU A 56 -38.66 10.22 -23.47
C LEU A 56 -39.01 11.47 -22.66
N HIS A 57 -40.21 11.49 -22.10
CA HIS A 57 -40.66 12.63 -21.30
C HIS A 57 -40.56 12.33 -19.81
N SER A 58 -39.58 11.50 -19.45
CA SER A 58 -39.38 11.15 -18.05
C SER A 58 -37.94 11.41 -17.62
N SER A 59 -37.28 12.34 -18.30
CA SER A 59 -35.90 12.70 -17.98
C SER A 59 -34.97 11.51 -18.19
N LEU A 60 -33.93 11.71 -18.99
CA LEU A 60 -32.97 10.65 -19.26
C LEU A 60 -31.58 11.23 -19.58
N GLU A 61 -31.57 12.25 -20.43
CA GLU A 61 -30.31 12.90 -20.81
C GLU A 61 -29.70 13.65 -19.62
N VAL A 62 -30.56 14.15 -18.74
CA VAL A 62 -30.12 14.89 -17.58
C VAL A 62 -29.51 13.95 -16.53
N LEU A 63 -30.00 12.71 -16.50
CA LEU A 63 -29.50 11.73 -15.55
C LEU A 63 -28.17 11.14 -16.00
N PHE A 64 -27.82 11.36 -17.27
CA PHE A 64 -26.56 10.86 -17.82
C PHE A 64 -25.45 11.91 -17.68
N GLN A 65 -25.61 12.78 -16.69
CA GLN A 65 -24.63 13.82 -16.42
C GLN A 65 -24.90 14.47 -15.06
N GLY A 66 -25.46 13.67 -14.15
CA GLY A 66 -25.77 14.16 -12.82
C GLY A 66 -24.86 13.58 -11.76
N PRO A 67 -24.85 12.24 -11.60
CA PRO A 67 -24.01 11.58 -10.61
C PRO A 67 -22.55 11.97 -10.72
N ASN A 68 -22.15 12.99 -9.98
CA ASN A 68 -20.77 13.47 -9.99
C ASN A 68 -20.36 13.89 -11.41
N PRO A 69 -20.74 15.11 -11.82
CA PRO A 69 -20.41 15.62 -13.15
C PRO A 69 -19.07 16.36 -13.19
N ALA A 70 -18.24 16.13 -12.18
CA ALA A 70 -16.94 16.78 -12.11
C ALA A 70 -15.83 15.86 -12.62
N ILE A 71 -16.18 14.98 -13.55
CA ILE A 71 -15.23 14.04 -14.12
C ILE A 71 -15.03 14.27 -15.61
N LEU A 72 -15.89 15.09 -16.22
CA LEU A 72 -15.78 15.36 -17.64
C LEU A 72 -14.86 16.53 -17.92
N GLU A 73 -13.99 16.83 -16.97
CA GLU A 73 -13.04 17.93 -17.11
C GLU A 73 -11.71 17.58 -16.43
N PRO A 74 -11.03 16.53 -16.92
CA PRO A 74 -9.75 16.09 -16.36
C PRO A 74 -8.61 17.02 -16.77
N GLU A 75 -8.72 18.29 -16.39
CA GLU A 75 -7.70 19.28 -16.70
C GLU A 75 -6.69 19.41 -15.57
N ARG A 76 -7.19 19.57 -14.37
CA ARG A 76 -6.34 19.71 -13.19
C ARG A 76 -6.06 18.36 -12.54
N GLU A 77 -5.29 18.36 -11.47
CA GLU A 77 -4.95 17.13 -10.76
C GLU A 77 -4.17 16.19 -11.67
N HIS A 78 -2.89 15.98 -11.34
CA HIS A 78 -2.03 15.10 -12.13
C HIS A 78 -1.89 15.60 -13.56
N LEU A 79 -0.97 16.55 -13.76
CA LEU A 79 -0.75 17.12 -15.08
C LEU A 79 0.54 16.57 -15.69
N ASP A 80 0.96 17.17 -16.81
CA ASP A 80 2.17 16.74 -17.49
C ASP A 80 3.41 17.29 -16.80
N GLU A 81 3.99 16.51 -15.90
CA GLU A 81 5.18 16.93 -15.17
C GLU A 81 6.13 15.75 -14.94
N ASN A 82 7.41 16.05 -14.74
CA ASN A 82 8.41 15.02 -14.52
C ASN A 82 8.67 14.82 -13.02
N SER A 83 7.68 15.16 -12.20
CA SER A 83 7.82 15.03 -10.76
C SER A 83 7.74 13.56 -10.33
N PRO A 84 6.61 12.90 -10.63
CA PRO A 84 6.39 11.49 -10.29
C PRO A 84 7.19 10.55 -11.19
N LEU A 85 7.56 11.03 -12.38
CA LEU A 85 8.31 10.22 -13.33
C LEU A 85 7.51 9.01 -13.78
N GLY A 86 7.49 7.97 -12.96
CA GLY A 86 6.76 6.77 -13.30
C GLY A 86 6.69 5.78 -12.15
N ASP A 87 5.65 5.88 -11.34
CA ASP A 87 5.47 4.99 -10.19
C ASP A 87 4.04 4.49 -10.10
N LEU A 88 3.68 3.55 -10.97
CA LEU A 88 2.34 2.99 -10.98
C LEU A 88 2.09 2.15 -9.74
N LEU A 89 3.02 1.25 -9.44
CA LEU A 89 2.90 0.37 -8.27
C LEU A 89 4.18 0.41 -7.44
N ARG A 90 4.09 -0.09 -6.21
CA ARG A 90 5.24 -0.12 -5.32
C ARG A 90 5.75 1.29 -5.05
N GLY A 91 4.84 2.18 -4.68
CA GLY A 91 5.21 3.56 -4.40
C GLY A 91 6.00 3.69 -3.11
N VAL A 92 7.27 4.09 -3.24
CA VAL A 92 8.14 4.27 -2.09
C VAL A 92 8.16 5.72 -1.64
N LEU A 93 8.02 5.93 -0.33
CA LEU A 93 8.04 7.28 0.22
C LEU A 93 8.96 7.37 1.43
N ASP A 94 9.49 8.57 1.68
CA ASP A 94 10.38 8.80 2.79
C ASP A 94 9.60 9.21 4.04
N VAL A 95 9.83 8.50 5.15
CA VAL A 95 9.13 8.78 6.40
C VAL A 95 9.61 10.08 7.06
N PRO A 96 10.91 10.43 6.94
CA PRO A 96 11.46 11.66 7.55
C PRO A 96 11.03 12.92 6.81
N ALA A 97 9.73 13.10 6.66
CA ALA A 97 9.18 14.27 5.96
C ALA A 97 7.68 14.12 5.71
N CYS A 98 6.91 14.10 6.78
CA CYS A 98 5.46 13.94 6.67
C CYS A 98 4.74 14.80 7.71
N GLN A 99 3.45 15.05 7.47
CA GLN A 99 2.65 15.83 8.39
C GLN A 99 1.19 15.37 8.36
N ILE A 100 0.78 14.67 9.41
CA ILE A 100 -0.59 14.17 9.50
C ILE A 100 -1.56 15.27 9.90
N ALA A 101 -2.86 15.01 9.68
CA ALA A 101 -3.89 15.97 10.02
C ALA A 101 -5.25 15.28 10.14
N ILE A 102 -5.55 14.79 11.34
CA ILE A 102 -6.81 14.11 11.58
C ILE A 102 -8.00 14.99 11.23
N ARG A 103 -9.12 14.36 10.92
CA ARG A 103 -10.34 15.07 10.57
C ARG A 103 -11.57 14.27 11.01
N PRO A 104 -12.39 14.82 11.91
CA PRO A 104 -13.59 14.15 12.41
C PRO A 104 -14.78 14.27 11.46
N GLU A 105 -14.49 14.30 10.16
CA GLU A 105 -15.55 14.42 9.15
C GLU A 105 -14.93 14.46 7.75
N GLY A 106 -14.38 13.33 7.33
CA GLY A 106 -13.76 13.25 6.02
C GLY A 106 -14.74 13.52 4.88
N LYS A 107 -15.23 12.46 4.27
CA LYS A 107 -16.19 12.58 3.18
C LYS A 107 -17.06 11.34 3.06
N ASN A 108 -18.09 11.42 2.23
CA ASN A 108 -19.00 10.30 2.02
C ASN A 108 -19.71 9.91 3.32
N ASN A 109 -19.03 9.11 4.14
CA ASN A 109 -19.60 8.68 5.41
C ASN A 109 -18.49 8.16 6.34
N ARG A 110 -17.31 8.73 6.21
CA ARG A 110 -16.17 8.34 7.04
C ARG A 110 -15.69 9.52 7.88
N LEU A 111 -16.19 9.60 9.11
CA LEU A 111 -15.80 10.68 10.02
C LEU A 111 -14.36 10.53 10.47
N PHE A 112 -13.93 9.27 10.63
CA PHE A 112 -12.56 8.99 11.06
C PHE A 112 -11.62 8.93 9.86
N VAL A 113 -11.18 10.10 9.42
CA VAL A 113 -10.26 10.20 8.28
C VAL A 113 -9.12 11.16 8.57
N PHE A 114 -7.90 10.65 8.51
CA PHE A 114 -6.72 11.46 8.75
C PHE A 114 -5.97 11.74 7.46
N SER A 115 -5.83 13.01 7.12
CA SER A 115 -5.14 13.42 5.91
C SER A 115 -3.66 13.68 6.17
N ILE A 116 -2.81 13.11 5.33
CA ILE A 116 -1.36 13.28 5.46
C ILE A 116 -0.88 14.45 4.60
N SER A 117 0.32 14.93 4.89
CA SER A 117 0.88 16.05 4.14
C SER A 117 2.41 15.96 4.12
N MET A 118 3.04 16.94 3.46
CA MET A 118 4.49 16.96 3.35
C MET A 118 4.98 18.40 3.12
N PRO A 119 5.40 19.10 4.19
CA PRO A 119 5.89 20.47 4.08
C PRO A 119 7.21 20.57 3.33
N SER A 120 7.99 19.49 3.37
CA SER A 120 9.28 19.44 2.69
C SER A 120 9.13 18.82 1.30
N VAL A 121 8.09 19.21 0.58
CA VAL A 121 7.83 18.70 -0.76
C VAL A 121 7.02 19.70 -1.58
N ALA A 122 5.76 19.87 -1.19
CA ALA A 122 4.86 20.79 -1.88
C ALA A 122 3.49 20.79 -1.22
N GLN A 123 2.46 21.15 -1.97
CA GLN A 123 1.11 21.17 -1.44
C GLN A 123 0.47 19.78 -1.51
N TRP A 124 1.19 18.78 -1.01
CA TRP A 124 0.69 17.41 -1.01
C TRP A 124 -0.22 17.16 0.20
N SER A 125 -1.46 16.74 -0.06
CA SER A 125 -2.42 16.47 0.99
C SER A 125 -3.27 15.26 0.65
N LEU A 126 -2.88 14.09 1.15
CA LEU A 126 -3.61 12.86 0.89
C LEU A 126 -4.54 12.52 2.05
N ASP A 127 -5.51 11.66 1.79
CA ASP A 127 -6.47 11.24 2.82
C ASP A 127 -6.36 9.75 3.09
N VAL A 128 -6.51 9.38 4.36
CA VAL A 128 -6.43 7.98 4.76
C VAL A 128 -7.34 7.71 5.95
N ALA A 129 -7.99 6.55 5.95
CA ALA A 129 -8.89 6.17 7.04
C ALA A 129 -8.85 4.66 7.29
N ALA A 130 -8.78 4.28 8.56
CA ALA A 130 -8.74 2.87 8.94
C ALA A 130 -10.12 2.40 9.40
N ASP A 131 -10.50 1.19 8.97
CA ASP A 131 -11.79 0.62 9.34
C ASP A 131 -11.99 0.65 10.86
N SER A 132 -10.89 0.45 11.59
CA SER A 132 -10.94 0.45 13.05
C SER A 132 -10.43 1.77 13.62
N GLN A 133 -11.32 2.50 14.28
CA GLN A 133 -10.96 3.78 14.88
C GLN A 133 -9.67 3.65 15.69
N GLU A 134 -9.43 2.44 16.19
CA GLU A 134 -8.22 2.17 16.97
C GLU A 134 -7.01 2.11 16.06
N GLU A 135 -7.19 1.50 14.88
CA GLU A 135 -6.12 1.39 13.91
C GLU A 135 -5.79 2.76 13.33
N LEU A 136 -6.81 3.60 13.22
CA LEU A 136 -6.65 4.94 12.68
C LEU A 136 -5.79 5.79 13.62
N GLN A 137 -6.10 5.72 14.90
CA GLN A 137 -5.36 6.47 15.91
C GLN A 137 -3.96 5.88 16.08
N ASP A 138 -3.89 4.56 16.04
CA ASP A 138 -2.62 3.87 16.18
C ASP A 138 -1.75 4.11 14.95
N TRP A 139 -2.39 4.30 13.80
CA TRP A 139 -1.67 4.55 12.57
C TRP A 139 -1.02 5.93 12.60
N VAL A 140 -1.78 6.93 13.02
CA VAL A 140 -1.28 8.29 13.10
C VAL A 140 -0.10 8.38 14.08
N LYS A 141 -0.22 7.66 15.19
CA LYS A 141 0.84 7.64 16.19
C LYS A 141 2.09 6.94 15.67
N LYS A 142 1.87 5.89 14.90
CA LYS A 142 2.97 5.13 14.32
C LYS A 142 3.71 5.97 13.29
N ILE A 143 2.97 6.53 12.34
CA ILE A 143 3.56 7.38 11.32
C ILE A 143 4.37 8.49 11.99
N ARG A 144 3.86 8.96 13.13
CA ARG A 144 4.53 10.00 13.89
C ARG A 144 5.68 9.43 14.70
N GLU A 145 5.58 8.14 15.06
CA GLU A 145 6.63 7.49 15.83
C GLU A 145 7.81 7.13 14.95
N VAL A 146 7.52 6.79 13.70
CA VAL A 146 8.56 6.43 12.75
C VAL A 146 9.18 7.68 12.14
N ALA A 147 8.38 8.74 12.05
CA ALA A 147 8.84 10.00 11.51
C ALA A 147 9.61 10.79 12.56
N GLN A 148 9.18 10.66 13.80
CA GLN A 148 9.83 11.35 14.91
C GLN A 148 11.10 10.62 15.34
N THR A 149 11.28 9.40 14.84
CA THR A 149 12.45 8.60 15.17
C THR A 149 13.43 8.53 13.99
N ALA A 150 12.91 8.77 12.79
CA ALA A 150 13.74 8.72 11.59
C ALA A 150 14.22 10.11 11.21
N SER A 1 9.38 -2.31 8.27
CA SER A 1 7.91 -2.58 8.32
C SER A 1 7.39 -2.51 9.75
N ILE A 2 7.06 -1.30 10.19
CA ILE A 2 6.54 -1.09 11.54
C ILE A 2 5.07 -1.48 11.63
N LYS A 3 4.33 -1.24 10.55
CA LYS A 3 2.91 -1.57 10.51
C LYS A 3 2.37 -1.51 9.10
N ASN A 4 1.49 -2.45 8.76
CA ASN A 4 0.90 -2.52 7.43
C ASN A 4 -0.54 -3.04 7.50
N GLY A 5 -1.41 -2.47 6.68
CA GLY A 5 -2.80 -2.91 6.68
C GLY A 5 -3.54 -2.45 5.44
N ILE A 6 -4.86 -2.64 5.44
CA ILE A 6 -5.69 -2.26 4.31
C ILE A 6 -6.35 -0.91 4.54
N LEU A 7 -5.60 0.16 4.33
CA LEU A 7 -6.12 1.51 4.52
C LEU A 7 -6.76 2.02 3.25
N TYR A 8 -7.95 2.62 3.39
CA TYR A 8 -8.68 3.15 2.24
C TYR A 8 -8.03 4.43 1.71
N LEU A 9 -8.43 4.83 0.51
CA LEU A 9 -7.90 6.03 -0.13
C LEU A 9 -8.83 6.52 -1.22
N GLU A 10 -9.41 7.70 -1.01
CA GLU A 10 -10.33 8.28 -1.99
C GLU A 10 -9.59 8.79 -3.21
N ASP A 11 -9.42 7.93 -4.21
CA ASP A 11 -8.74 8.30 -5.44
C ASP A 11 -9.46 9.45 -6.13
N PRO A 12 -8.82 10.64 -6.20
CA PRO A 12 -9.42 11.83 -6.85
C PRO A 12 -9.87 11.57 -8.28
N VAL A 13 -9.34 10.50 -8.89
CA VAL A 13 -9.69 10.16 -10.26
C VAL A 13 -11.14 9.68 -10.37
N ASN A 14 -11.56 8.89 -9.40
CA ASN A 14 -12.93 8.37 -9.37
C ASN A 14 -13.72 8.93 -8.20
N HIS A 15 -13.02 9.57 -7.25
CA HIS A 15 -13.67 10.13 -6.07
C HIS A 15 -14.36 9.06 -5.26
N GLU A 16 -13.64 7.99 -4.95
CA GLU A 16 -14.19 6.89 -4.17
C GLU A 16 -13.09 6.16 -3.40
N TRP A 17 -13.46 5.57 -2.26
CA TRP A 17 -12.50 4.85 -1.43
C TRP A 17 -12.26 3.45 -1.98
N TYR A 18 -10.99 3.13 -2.23
CA TYR A 18 -10.62 1.82 -2.75
C TYR A 18 -9.68 1.09 -1.79
N PRO A 19 -9.83 -0.24 -1.65
CA PRO A 19 -9.00 -1.04 -0.75
C PRO A 19 -7.56 -1.13 -1.24
N HIS A 20 -6.68 -0.34 -0.64
CA HIS A 20 -5.27 -0.32 -1.02
C HIS A 20 -4.39 -0.73 0.16
N TYR A 21 -3.38 -1.55 -0.11
CA TYR A 21 -2.47 -2.01 0.93
C TYR A 21 -1.38 -0.98 1.19
N PHE A 22 -1.04 -0.79 2.46
CA PHE A 22 0.00 0.16 2.84
C PHE A 22 0.97 -0.45 3.84
N VAL A 23 2.26 -0.42 3.51
CA VAL A 23 3.29 -0.97 4.38
C VAL A 23 4.17 0.14 4.94
N LEU A 24 3.94 0.48 6.21
CA LEU A 24 4.71 1.53 6.87
C LEU A 24 6.04 1.00 7.38
N THR A 25 7.13 1.41 6.74
CA THR A 25 8.46 0.97 7.15
C THR A 25 9.15 2.04 7.99
N SER A 26 10.10 1.61 8.81
CA SER A 26 10.83 2.52 9.68
C SER A 26 11.66 3.52 8.90
N SER A 27 11.82 3.29 7.60
CA SER A 27 12.61 4.20 6.76
C SER A 27 11.78 4.78 5.61
N LYS A 28 10.49 4.45 5.56
CA LYS A 28 9.62 4.96 4.49
C LYS A 28 8.24 4.31 4.55
N ILE A 29 7.44 4.57 3.53
CA ILE A 29 6.10 4.02 3.44
C ILE A 29 5.80 3.51 2.03
N TYR A 30 5.51 2.22 1.93
CA TYR A 30 5.22 1.60 0.64
C TYR A 30 3.72 1.38 0.46
N TYR A 31 3.26 1.37 -0.79
CA TYR A 31 1.85 1.17 -1.09
C TYR A 31 1.65 0.88 -2.57
N SER A 32 0.63 0.08 -2.89
CA SER A 32 0.33 -0.27 -4.26
C SER A 32 -1.04 -0.92 -4.37
N GLU A 33 -1.39 -1.36 -5.58
CA GLU A 33 -2.68 -1.98 -5.82
C GLU A 33 -2.76 -3.35 -5.13
N GLU A 34 -3.83 -3.55 -4.36
CA GLU A 34 -4.03 -4.80 -3.65
C GLU A 34 -5.45 -4.91 -3.12
N THR A 35 -5.82 -6.08 -2.62
CA THR A 35 -7.15 -6.31 -2.08
C THR A 35 -7.15 -6.20 -0.55
N SER A 36 -8.34 -6.28 0.04
CA SER A 36 -8.47 -6.18 1.49
C SER A 36 -8.39 -7.57 2.13
N SER A 37 -7.30 -7.82 2.83
CA SER A 37 -7.10 -9.11 3.50
C SER A 37 -7.26 -8.96 5.01
N ASP A 38 -8.10 -9.82 5.60
CA ASP A 38 -8.34 -9.79 7.03
C ASP A 38 -7.75 -11.02 7.72
N GLN A 39 -7.71 -12.13 6.99
CA GLN A 39 -7.17 -13.37 7.52
C GLN A 39 -6.25 -14.04 6.51
N GLY A 40 -5.26 -13.29 6.04
CA GLY A 40 -4.33 -13.83 5.06
C GLY A 40 -3.07 -14.37 5.71
N ASN A 41 -3.21 -15.01 6.86
CA ASN A 41 -2.09 -15.58 7.57
C ASN A 41 -1.08 -14.49 7.95
N GLU A 42 -1.58 -13.28 8.19
CA GLU A 42 -0.73 -12.16 8.55
C GLU A 42 -1.01 -11.69 9.98
N ASP A 43 -1.19 -12.65 10.88
CA ASP A 43 -1.47 -12.35 12.28
C ASP A 43 -0.31 -12.75 13.17
N GLU A 44 -0.45 -12.51 14.47
CA GLU A 44 0.59 -12.85 15.43
C GLU A 44 0.52 -14.33 15.82
N GLU A 45 1.38 -15.14 15.21
CA GLU A 45 1.42 -16.57 15.49
C GLU A 45 2.01 -16.84 16.87
N GLU A 46 1.72 -18.02 17.40
CA GLU A 46 2.23 -18.40 18.72
C GLU A 46 3.68 -18.83 18.65
N PRO A 47 4.52 -18.40 19.62
CA PRO A 47 5.94 -18.75 19.65
C PRO A 47 6.17 -20.26 19.59
N LYS A 48 7.41 -20.65 19.34
CA LYS A 48 7.76 -22.06 19.25
C LYS A 48 8.26 -22.58 20.59
N GLU A 49 7.81 -23.77 20.97
CA GLU A 49 8.21 -24.38 22.24
C GLU A 49 9.19 -25.52 22.00
N ALA A 50 10.00 -25.40 20.96
CA ALA A 50 10.98 -26.41 20.62
C ALA A 50 12.38 -26.00 21.08
N SER A 51 13.19 -26.98 21.46
CA SER A 51 14.56 -26.71 21.91
C SER A 51 15.53 -27.74 21.35
N GLY A 52 15.18 -29.01 21.48
CA GLY A 52 16.03 -30.07 20.97
C GLY A 52 16.10 -31.25 21.92
N SER A 53 16.07 -30.98 23.22
CA SER A 53 16.13 -32.03 24.23
C SER A 53 17.44 -32.81 24.11
N THR A 54 18.40 -32.47 24.97
CA THR A 54 19.70 -33.14 24.96
C THR A 54 20.47 -32.83 26.23
N GLU A 55 20.05 -33.42 27.34
CA GLU A 55 20.71 -33.21 28.63
C GLU A 55 20.11 -34.11 29.70
N LEU A 56 20.55 -33.92 30.95
CA LEU A 56 20.07 -34.72 32.06
C LEU A 56 20.00 -33.87 33.33
N HIS A 57 21.08 -33.16 33.63
CA HIS A 57 21.14 -32.32 34.81
C HIS A 57 21.00 -30.84 34.44
N SER A 58 20.58 -30.03 35.41
CA SER A 58 20.40 -28.61 35.18
C SER A 58 20.79 -27.81 36.42
N SER A 59 21.63 -26.80 36.23
CA SER A 59 22.08 -25.96 37.33
C SER A 59 21.40 -24.58 37.28
N LEU A 60 20.70 -24.24 38.35
CA LEU A 60 20.00 -22.97 38.43
C LEU A 60 20.95 -21.86 38.87
N GLU A 61 21.76 -22.15 39.87
CA GLU A 61 22.73 -21.18 40.40
C GLU A 61 23.83 -20.92 39.38
N VAL A 62 24.25 -21.99 38.69
CA VAL A 62 25.29 -21.87 37.69
C VAL A 62 24.79 -21.07 36.48
N LEU A 63 23.49 -21.15 36.23
CA LEU A 63 22.89 -20.44 35.11
C LEU A 63 22.61 -18.98 35.48
N PHE A 64 22.88 -18.61 36.73
CA PHE A 64 22.67 -17.24 37.19
C PHE A 64 23.91 -16.39 36.91
N GLN A 65 24.68 -16.81 35.91
CA GLN A 65 25.90 -16.12 35.52
C GLN A 65 26.52 -16.82 34.31
N GLY A 66 25.67 -17.39 33.46
CA GLY A 66 26.15 -18.09 32.29
C GLY A 66 25.04 -18.32 31.26
N PRO A 67 24.29 -17.27 30.89
CA PRO A 67 23.21 -17.37 29.92
C PRO A 67 23.73 -17.48 28.49
N ASN A 68 22.80 -17.43 27.53
CA ASN A 68 23.15 -17.53 26.11
C ASN A 68 23.95 -16.29 25.68
N PRO A 69 25.24 -16.48 25.34
CA PRO A 69 26.10 -15.37 24.92
C PRO A 69 25.84 -14.93 23.47
N ALA A 70 24.89 -15.60 22.81
CA ALA A 70 24.57 -15.28 21.43
C ALA A 70 23.36 -14.35 21.35
N ILE A 71 23.18 -13.53 22.38
CA ILE A 71 22.06 -12.59 22.42
C ILE A 71 22.54 -11.14 22.45
N LEU A 72 23.83 -10.94 22.68
CA LEU A 72 24.38 -9.59 22.72
C LEU A 72 24.80 -9.09 21.35
N GLU A 73 24.29 -9.77 20.33
CA GLU A 73 24.59 -9.41 18.95
C GLU A 73 23.34 -9.58 18.07
N PRO A 74 22.28 -8.82 18.35
CA PRO A 74 21.04 -8.89 17.59
C PRO A 74 21.12 -8.17 16.24
N GLU A 75 22.13 -8.52 15.44
CA GLU A 75 22.33 -7.91 14.14
C GLU A 75 21.99 -8.90 13.03
N ARG A 76 22.28 -10.17 13.27
CA ARG A 76 22.01 -11.21 12.28
C ARG A 76 21.44 -12.46 12.96
N GLU A 77 21.30 -13.53 12.18
CA GLU A 77 20.77 -14.79 12.71
C GLU A 77 19.33 -14.61 13.17
N HIS A 78 18.41 -15.22 12.45
CA HIS A 78 16.99 -15.14 12.79
C HIS A 78 16.49 -13.70 12.72
N LEU A 79 15.99 -13.30 11.55
CA LEU A 79 15.49 -11.96 11.35
C LEU A 79 14.09 -11.98 10.74
N ASP A 80 13.53 -10.80 10.48
CA ASP A 80 12.21 -10.70 9.89
C ASP A 80 12.27 -10.85 8.37
N GLU A 81 12.77 -12.01 7.94
CA GLU A 81 12.89 -12.29 6.51
C GLU A 81 11.61 -12.92 5.96
N ASN A 82 11.58 -13.14 4.66
CA ASN A 82 10.42 -13.73 4.01
C ASN A 82 9.17 -12.90 4.24
N SER A 83 9.35 -11.63 4.60
CA SER A 83 8.22 -10.73 4.82
C SER A 83 7.41 -10.58 3.55
N PRO A 84 6.28 -9.87 3.60
CA PRO A 84 5.43 -9.66 2.42
C PRO A 84 6.10 -8.80 1.36
N LEU A 85 7.24 -9.28 0.84
CA LEU A 85 7.98 -8.54 -0.17
C LEU A 85 7.76 -9.15 -1.55
N GLY A 86 6.59 -9.72 -1.76
CA GLY A 86 6.28 -10.33 -3.04
C GLY A 86 5.96 -9.30 -4.11
N ASP A 87 4.77 -8.72 -4.03
CA ASP A 87 4.35 -7.71 -4.99
C ASP A 87 3.64 -6.55 -4.30
N LEU A 88 4.41 -5.70 -3.64
CA LEU A 88 3.86 -4.55 -2.93
C LEU A 88 4.80 -3.36 -2.99
N LEU A 89 5.43 -3.19 -4.14
CA LEU A 89 6.37 -2.07 -4.34
C LEU A 89 5.97 -1.24 -5.56
N ARG A 90 5.73 0.04 -5.34
CA ARG A 90 5.34 0.94 -6.42
C ARG A 90 5.20 2.37 -5.91
N GLY A 91 4.64 2.51 -4.71
CA GLY A 91 4.45 3.82 -4.13
C GLY A 91 5.18 3.99 -2.82
N VAL A 92 6.34 4.64 -2.86
CA VAL A 92 7.14 4.86 -1.67
C VAL A 92 6.89 6.26 -1.10
N LEU A 93 7.17 6.42 0.19
CA LEU A 93 6.99 7.70 0.86
C LEU A 93 7.96 7.87 2.02
N ASP A 94 8.66 9.00 2.05
CA ASP A 94 9.62 9.28 3.11
C ASP A 94 8.92 9.56 4.43
N VAL A 95 9.47 9.01 5.51
CA VAL A 95 8.89 9.19 6.84
C VAL A 95 9.24 10.56 7.42
N PRO A 96 10.54 10.96 7.38
CA PRO A 96 10.98 12.25 7.92
C PRO A 96 10.68 13.41 6.99
N ALA A 97 9.41 13.54 6.61
CA ALA A 97 8.99 14.63 5.71
C ALA A 97 7.51 14.48 5.36
N CYS A 98 6.70 14.11 6.34
CA CYS A 98 5.27 13.94 6.12
C CYS A 98 4.50 14.07 7.44
N GLN A 99 3.84 15.20 7.63
CA GLN A 99 3.08 15.44 8.85
C GLN A 99 1.64 14.97 8.67
N ILE A 100 1.15 14.21 9.65
CA ILE A 100 -0.22 13.69 9.60
C ILE A 100 -1.22 14.74 10.08
N ALA A 101 -2.48 14.55 9.72
CA ALA A 101 -3.54 15.47 10.12
C ALA A 101 -4.89 14.77 10.15
N ILE A 102 -5.28 14.28 11.32
CA ILE A 102 -6.55 13.58 11.48
C ILE A 102 -7.73 14.48 11.09
N ARG A 103 -8.80 13.85 10.62
CA ARG A 103 -9.99 14.59 10.21
C ARG A 103 -11.26 13.85 10.64
N PRO A 104 -12.05 14.43 11.56
CA PRO A 104 -13.28 13.82 12.04
C PRO A 104 -14.43 13.87 11.03
N GLU A 105 -14.11 14.23 9.78
CA GLU A 105 -15.11 14.32 8.73
C GLU A 105 -14.45 14.16 7.36
N GLY A 106 -13.90 12.97 7.11
CA GLY A 106 -13.24 12.71 5.85
C GLY A 106 -14.07 13.12 4.65
N LYS A 107 -14.89 12.19 4.15
CA LYS A 107 -15.74 12.47 2.99
C LYS A 107 -16.72 11.33 2.74
N ASN A 108 -17.65 11.56 1.82
CA ASN A 108 -18.65 10.55 1.49
C ASN A 108 -19.51 10.18 2.69
N ASN A 109 -19.00 9.28 3.52
CA ASN A 109 -19.72 8.84 4.71
C ASN A 109 -18.76 8.32 5.77
N ARG A 110 -17.56 8.89 5.82
CA ARG A 110 -16.56 8.48 6.79
C ARG A 110 -16.13 9.67 7.65
N LEU A 111 -16.51 9.63 8.92
CA LEU A 111 -16.17 10.71 9.85
C LEU A 111 -14.93 10.35 10.67
N PHE A 112 -14.11 9.46 10.13
CA PHE A 112 -12.89 9.04 10.81
C PHE A 112 -11.76 8.79 9.81
N VAL A 113 -11.28 9.87 9.18
CA VAL A 113 -10.21 9.77 8.21
C VAL A 113 -9.10 10.77 8.51
N PHE A 114 -7.86 10.34 8.32
CA PHE A 114 -6.71 11.20 8.56
C PHE A 114 -5.93 11.45 7.28
N SER A 115 -5.59 12.70 7.02
CA SER A 115 -4.84 13.06 5.82
C SER A 115 -3.43 13.51 6.17
N ILE A 116 -2.46 13.05 5.38
CA ILE A 116 -1.07 13.40 5.60
C ILE A 116 -0.64 14.51 4.65
N SER A 117 0.44 15.21 5.01
CA SER A 117 0.95 16.29 4.19
C SER A 117 2.46 16.41 4.31
N MET A 118 3.08 17.06 3.32
CA MET A 118 4.53 17.24 3.31
C MET A 118 4.89 18.71 3.48
N PRO A 119 6.10 19.00 3.99
CA PRO A 119 6.56 20.38 4.19
C PRO A 119 6.75 21.12 2.87
N SER A 120 5.63 21.51 2.26
CA SER A 120 5.68 22.23 0.99
C SER A 120 6.39 21.42 -0.07
N VAL A 121 5.63 20.89 -1.03
CA VAL A 121 6.20 20.09 -2.11
C VAL A 121 5.51 20.41 -3.43
N ALA A 122 4.23 20.06 -3.54
CA ALA A 122 3.46 20.29 -4.76
C ALA A 122 1.98 20.05 -4.52
N GLN A 123 1.46 20.55 -3.40
CA GLN A 123 0.05 20.37 -3.07
C GLN A 123 -0.29 18.90 -2.92
N TRP A 124 0.63 18.12 -2.35
CA TRP A 124 0.42 16.69 -2.15
C TRP A 124 -0.21 16.42 -0.80
N SER A 125 -1.44 15.91 -0.81
CA SER A 125 -2.16 15.60 0.42
C SER A 125 -2.70 14.18 0.39
N LEU A 126 -2.23 13.36 1.32
CA LEU A 126 -2.68 11.97 1.41
C LEU A 126 -3.97 11.85 2.20
N ASP A 127 -4.78 10.84 1.86
CA ASP A 127 -6.05 10.61 2.55
C ASP A 127 -6.26 9.13 2.83
N VAL A 128 -6.36 8.78 4.10
CA VAL A 128 -6.57 7.39 4.50
C VAL A 128 -7.45 7.31 5.74
N ALA A 129 -8.14 6.18 5.89
CA ALA A 129 -9.02 5.96 7.04
C ALA A 129 -9.07 4.49 7.42
N ALA A 130 -8.72 4.20 8.68
CA ALA A 130 -8.72 2.83 9.17
C ALA A 130 -10.08 2.48 9.78
N ASP A 131 -10.62 1.34 9.39
CA ASP A 131 -11.92 0.88 9.89
C ASP A 131 -11.91 0.82 11.41
N SER A 132 -10.78 0.45 11.98
CA SER A 132 -10.63 0.35 13.43
C SER A 132 -10.13 1.67 14.01
N GLN A 133 -11.00 2.35 14.76
CA GLN A 133 -10.64 3.62 15.37
C GLN A 133 -9.30 3.49 16.10
N GLU A 134 -9.00 2.29 16.57
CA GLU A 134 -7.75 2.02 17.28
C GLU A 134 -6.59 1.98 16.30
N GLU A 135 -6.83 1.37 15.14
CA GLU A 135 -5.81 1.27 14.11
C GLU A 135 -5.52 2.64 13.52
N LEU A 136 -6.54 3.47 13.46
CA LEU A 136 -6.40 4.82 12.92
C LEU A 136 -5.53 5.67 13.84
N GLN A 137 -5.83 5.62 15.13
CA GLN A 137 -5.06 6.38 16.12
C GLN A 137 -3.66 5.82 16.24
N ASP A 138 -3.56 4.49 16.22
CA ASP A 138 -2.27 3.82 16.31
C ASP A 138 -1.44 4.10 15.07
N TRP A 139 -2.13 4.30 13.95
CA TRP A 139 -1.47 4.59 12.68
C TRP A 139 -0.77 5.94 12.75
N VAL A 140 -1.51 6.95 13.17
CA VAL A 140 -0.97 8.30 13.27
C VAL A 140 0.19 8.36 14.26
N LYS A 141 0.06 7.60 15.35
CA LYS A 141 1.10 7.55 16.37
C LYS A 141 2.36 6.88 15.85
N LYS A 142 2.18 5.83 15.06
CA LYS A 142 3.31 5.11 14.49
C LYS A 142 4.05 5.97 13.49
N ILE A 143 3.32 6.53 12.53
CA ILE A 143 3.92 7.40 11.54
C ILE A 143 4.67 8.54 12.25
N ARG A 144 4.12 8.95 13.39
CA ARG A 144 4.72 10.00 14.19
C ARG A 144 5.89 9.47 15.00
N GLU A 145 5.84 8.18 15.34
CA GLU A 145 6.92 7.55 16.10
C GLU A 145 8.13 7.31 15.22
N VAL A 146 7.89 6.88 13.99
CA VAL A 146 8.96 6.63 13.04
C VAL A 146 9.48 7.95 12.48
N ALA A 147 8.61 8.96 12.44
CA ALA A 147 8.98 10.27 11.93
C ALA A 147 9.85 11.00 12.95
N GLN A 148 9.51 10.85 14.23
CA GLN A 148 10.26 11.49 15.29
C GLN A 148 11.62 10.82 15.49
N THR A 149 11.75 9.61 14.96
CA THR A 149 13.00 8.86 15.07
C THR A 149 13.67 8.72 13.69
N ALA A 150 13.26 9.56 12.75
CA ALA A 150 13.81 9.52 11.40
C ALA A 150 14.54 10.83 11.07
N SER A 1 9.33 -2.59 8.15
CA SER A 1 7.89 -2.95 8.17
C SER A 1 7.31 -2.89 9.58
N ILE A 2 7.09 -1.67 10.07
CA ILE A 2 6.54 -1.47 11.40
C ILE A 2 5.07 -1.80 11.45
N LYS A 3 4.36 -1.46 10.37
CA LYS A 3 2.93 -1.72 10.28
C LYS A 3 2.47 -1.80 8.83
N ASN A 4 1.50 -2.67 8.57
CA ASN A 4 0.97 -2.84 7.22
C ASN A 4 -0.39 -3.53 7.26
N GLY A 5 -1.33 -3.00 6.49
CA GLY A 5 -2.66 -3.59 6.44
C GLY A 5 -3.45 -3.16 5.22
N ILE A 6 -4.76 -3.36 5.27
CA ILE A 6 -5.62 -2.99 4.16
C ILE A 6 -6.33 -1.66 4.42
N LEU A 7 -5.56 -0.57 4.33
CA LEU A 7 -6.11 0.75 4.56
C LEU A 7 -6.86 1.26 3.32
N TYR A 8 -7.87 2.09 3.56
CA TYR A 8 -8.67 2.63 2.46
C TYR A 8 -8.05 3.92 1.92
N LEU A 9 -8.05 4.05 0.59
CA LEU A 9 -7.48 5.23 -0.05
C LEU A 9 -8.50 5.86 -1.00
N GLU A 10 -8.13 7.00 -1.58
CA GLU A 10 -9.01 7.72 -2.50
C GLU A 10 -8.38 7.82 -3.88
N ASP A 11 -8.91 7.05 -4.83
CA ASP A 11 -8.40 7.06 -6.19
C ASP A 11 -8.96 8.27 -6.96
N PRO A 12 -8.16 8.83 -7.89
CA PRO A 12 -8.58 9.99 -8.69
C PRO A 12 -9.58 9.62 -9.78
N VAL A 13 -9.66 8.33 -10.10
CA VAL A 13 -10.57 7.86 -11.14
C VAL A 13 -12.02 7.98 -10.69
N ASN A 14 -12.27 7.59 -9.45
CA ASN A 14 -13.62 7.65 -8.88
C ASN A 14 -13.71 8.70 -7.77
N HIS A 15 -12.56 9.09 -7.24
CA HIS A 15 -12.51 10.08 -6.16
C HIS A 15 -13.24 9.57 -4.93
N GLU A 16 -13.25 8.26 -4.75
CA GLU A 16 -13.92 7.64 -3.60
C GLU A 16 -13.00 6.64 -2.91
N TRP A 17 -13.47 6.08 -1.80
CA TRP A 17 -12.68 5.10 -1.05
C TRP A 17 -12.39 3.87 -1.91
N TYR A 18 -11.16 3.37 -1.82
CA TYR A 18 -10.75 2.20 -2.59
C TYR A 18 -9.88 1.27 -1.76
N PRO A 19 -10.06 -0.05 -1.90
CA PRO A 19 -9.26 -1.04 -1.16
C PRO A 19 -7.85 -1.17 -1.68
N HIS A 20 -6.87 -1.01 -0.79
CA HIS A 20 -5.46 -1.11 -1.17
C HIS A 20 -4.62 -1.58 0.01
N TYR A 21 -3.37 -1.94 -0.27
CA TYR A 21 -2.46 -2.42 0.77
C TYR A 21 -1.38 -1.38 1.05
N PHE A 22 -1.39 -0.84 2.26
CA PHE A 22 -0.40 0.16 2.66
C PHE A 22 0.60 -0.42 3.66
N VAL A 23 1.86 -0.03 3.52
CA VAL A 23 2.91 -0.51 4.41
C VAL A 23 3.68 0.66 5.02
N LEU A 24 4.16 0.46 6.24
CA LEU A 24 4.93 1.48 6.95
C LEU A 24 6.25 0.92 7.45
N THR A 25 7.34 1.39 6.85
CA THR A 25 8.68 0.95 7.23
C THR A 25 9.34 1.95 8.17
N SER A 26 10.28 1.46 8.97
CA SER A 26 11.00 2.30 9.93
C SER A 26 11.75 3.44 9.25
N SER A 27 11.96 3.33 7.93
CA SER A 27 12.69 4.36 7.21
C SER A 27 11.99 4.75 5.91
N LYS A 28 10.68 4.53 5.85
CA LYS A 28 9.91 4.89 4.65
C LYS A 28 8.47 4.37 4.71
N ILE A 29 7.73 4.57 3.64
CA ILE A 29 6.35 4.15 3.55
C ILE A 29 6.01 3.70 2.13
N TYR A 30 5.48 2.49 2.00
CA TYR A 30 5.12 1.95 0.70
C TYR A 30 3.61 2.00 0.48
N TYR A 31 3.20 2.30 -0.75
CA TYR A 31 1.78 2.38 -1.09
C TYR A 31 1.57 2.18 -2.59
N SER A 32 1.15 0.97 -2.96
CA SER A 32 0.91 0.64 -4.36
C SER A 32 0.20 -0.70 -4.48
N GLU A 33 -0.46 -0.92 -5.62
CA GLU A 33 -1.17 -2.16 -5.87
C GLU A 33 -0.19 -3.28 -6.23
N GLU A 34 -0.63 -4.52 -6.04
CA GLU A 34 0.20 -5.68 -6.34
C GLU A 34 -0.63 -6.96 -6.33
N THR A 35 -0.17 -7.97 -7.07
CA THR A 35 -0.86 -9.25 -7.13
C THR A 35 0.07 -10.40 -6.78
N SER A 36 -0.40 -11.62 -6.97
CA SER A 36 0.40 -12.81 -6.68
C SER A 36 0.07 -13.93 -7.65
N SER A 37 0.89 -14.04 -8.70
CA SER A 37 0.69 -15.07 -9.71
C SER A 37 2.04 -15.55 -10.26
N ASP A 38 2.34 -16.83 -10.02
CA ASP A 38 3.60 -17.41 -10.49
C ASP A 38 3.34 -18.70 -11.26
N GLN A 39 3.08 -18.58 -12.56
CA GLN A 39 2.81 -19.73 -13.39
C GLN A 39 3.41 -19.54 -14.79
N GLY A 40 4.57 -18.92 -14.85
CA GLY A 40 5.22 -18.68 -16.12
C GLY A 40 6.73 -18.86 -16.05
N ASN A 41 7.16 -20.07 -15.71
CA ASN A 41 8.58 -20.38 -15.61
C ASN A 41 9.07 -21.13 -16.84
N GLU A 42 8.51 -20.79 -17.99
CA GLU A 42 8.89 -21.44 -19.24
C GLU A 42 9.14 -20.42 -20.34
N ASP A 43 9.67 -19.26 -19.95
CA ASP A 43 9.97 -18.19 -20.89
C ASP A 43 8.71 -17.74 -21.62
N GLU A 44 8.05 -16.72 -21.09
CA GLU A 44 6.83 -16.20 -21.68
C GLU A 44 6.95 -14.69 -21.93
N GLU A 45 6.16 -14.20 -22.87
CA GLU A 45 6.17 -12.78 -23.21
C GLU A 45 4.76 -12.20 -23.20
N GLU A 46 4.64 -10.94 -23.58
CA GLU A 46 3.35 -10.27 -23.60
C GLU A 46 2.94 -9.92 -25.04
N PRO A 47 2.28 -10.85 -25.74
CA PRO A 47 1.84 -10.63 -27.13
C PRO A 47 1.04 -9.35 -27.29
N LYS A 48 0.69 -9.02 -28.52
CA LYS A 48 -0.07 -7.82 -28.82
C LYS A 48 -1.57 -8.10 -28.77
N GLU A 49 -2.21 -7.70 -27.68
CA GLU A 49 -3.64 -7.91 -27.51
C GLU A 49 -4.39 -6.60 -27.49
N ALA A 50 -5.58 -6.58 -28.08
CA ALA A 50 -6.40 -5.36 -28.12
C ALA A 50 -5.67 -4.24 -28.84
N SER A 51 -4.92 -4.59 -29.89
CA SER A 51 -4.16 -3.61 -30.65
C SER A 51 -5.11 -2.60 -31.31
N GLY A 52 -4.54 -1.51 -31.81
CA GLY A 52 -5.34 -0.49 -32.46
C GLY A 52 -5.84 -0.92 -33.82
N SER A 53 -7.16 -1.05 -33.95
CA SER A 53 -7.76 -1.47 -35.21
C SER A 53 -7.72 -0.33 -36.24
N THR A 54 -8.05 -0.66 -37.48
CA THR A 54 -8.05 0.33 -38.56
C THR A 54 -9.47 0.72 -38.94
N GLU A 55 -10.36 0.70 -37.96
CA GLU A 55 -11.76 1.06 -38.19
C GLU A 55 -12.41 1.60 -36.91
N LEU A 56 -13.25 2.62 -37.07
CA LEU A 56 -13.93 3.22 -35.93
C LEU A 56 -15.16 2.42 -35.53
N HIS A 57 -15.25 2.07 -34.25
CA HIS A 57 -16.37 1.30 -33.73
C HIS A 57 -16.80 1.79 -32.36
N SER A 58 -17.88 1.22 -31.84
CA SER A 58 -18.39 1.60 -30.53
C SER A 58 -18.78 3.08 -30.51
N SER A 59 -19.47 3.48 -29.43
CA SER A 59 -19.89 4.86 -29.28
C SER A 59 -19.44 5.43 -27.94
N LEU A 60 -19.61 6.74 -27.78
CA LEU A 60 -19.22 7.43 -26.55
C LEU A 60 -17.70 7.64 -26.48
N GLU A 61 -16.98 7.14 -27.48
CA GLU A 61 -15.54 7.29 -27.52
C GLU A 61 -15.16 8.49 -28.40
N VAL A 62 -16.02 8.80 -29.35
CA VAL A 62 -15.80 9.93 -30.25
C VAL A 62 -16.05 11.25 -29.54
N LEU A 63 -16.96 11.22 -28.57
CA LEU A 63 -17.30 12.43 -27.81
C LEU A 63 -16.26 12.70 -26.73
N PHE A 64 -15.35 11.75 -26.51
CA PHE A 64 -14.31 11.92 -25.50
C PHE A 64 -13.04 12.49 -26.14
N GLN A 65 -13.22 13.22 -27.23
CA GLN A 65 -12.11 13.83 -27.95
C GLN A 65 -12.64 14.87 -28.93
N GLY A 66 -13.77 15.47 -28.58
CA GLY A 66 -14.38 16.48 -29.44
C GLY A 66 -14.25 17.87 -28.85
N PRO A 67 -14.83 18.11 -27.67
CA PRO A 67 -14.78 19.43 -27.01
C PRO A 67 -13.34 19.93 -26.86
N ASN A 68 -13.15 21.23 -27.07
CA ASN A 68 -11.82 21.82 -26.97
C ASN A 68 -10.86 21.19 -27.97
N PRO A 69 -10.62 21.86 -29.11
CA PRO A 69 -9.71 21.35 -30.15
C PRO A 69 -8.24 21.43 -29.76
N ALA A 70 -7.96 22.01 -28.59
CA ALA A 70 -6.60 22.14 -28.12
C ALA A 70 -6.21 20.99 -27.18
N ILE A 71 -6.84 19.83 -27.39
CA ILE A 71 -6.57 18.66 -26.58
C ILE A 71 -5.99 17.52 -27.40
N LEU A 72 -6.06 17.64 -28.73
CA LEU A 72 -5.53 16.60 -29.60
C LEU A 72 -4.07 16.82 -29.92
N GLU A 73 -3.42 17.62 -29.09
CA GLU A 73 -2.00 17.92 -29.26
C GLU A 73 -1.33 18.04 -27.89
N PRO A 74 -1.08 16.90 -27.22
CA PRO A 74 -0.45 16.86 -25.91
C PRO A 74 1.02 17.30 -25.95
N GLU A 75 1.25 18.53 -26.41
CA GLU A 75 2.60 19.06 -26.50
C GLU A 75 2.95 19.89 -25.26
N ARG A 76 1.95 20.60 -24.74
CA ARG A 76 2.14 21.43 -23.56
C ARG A 76 1.52 20.78 -22.33
N GLU A 77 1.70 21.40 -21.18
CA GLU A 77 1.15 20.88 -19.93
C GLU A 77 1.71 19.50 -19.64
N HIS A 78 2.65 19.42 -18.70
CA HIS A 78 3.25 18.14 -18.33
C HIS A 78 3.96 17.50 -19.53
N LEU A 79 5.22 17.88 -19.74
CA LEU A 79 5.99 17.34 -20.85
C LEU A 79 6.99 16.30 -20.35
N ASP A 80 7.32 15.34 -21.20
CA ASP A 80 8.27 14.28 -20.85
C ASP A 80 7.76 13.48 -19.66
N GLU A 81 6.46 13.18 -19.66
CA GLU A 81 5.86 12.41 -18.58
C GLU A 81 5.05 11.24 -19.14
N ASN A 82 5.49 10.70 -20.26
CA ASN A 82 4.81 9.58 -20.90
C ASN A 82 5.57 8.27 -20.64
N SER A 83 6.87 8.37 -20.45
CA SER A 83 7.71 7.20 -20.20
C SER A 83 7.20 6.41 -19.01
N PRO A 84 7.15 7.04 -17.83
CA PRO A 84 6.69 6.40 -16.59
C PRO A 84 5.18 6.21 -16.57
N LEU A 85 4.46 7.05 -17.31
CA LEU A 85 3.00 6.99 -17.37
C LEU A 85 2.36 7.49 -16.08
N GLY A 86 3.17 8.03 -15.18
CA GLY A 86 2.64 8.54 -13.93
C GLY A 86 1.89 7.49 -13.13
N ASP A 87 2.49 7.03 -12.03
CA ASP A 87 1.85 6.03 -11.19
C ASP A 87 0.66 6.61 -10.44
N LEU A 88 0.77 7.88 -10.07
CA LEU A 88 -0.30 8.57 -9.36
C LEU A 88 -0.55 7.94 -7.99
N LEU A 89 0.01 8.55 -6.94
CA LEU A 89 -0.16 8.06 -5.58
C LEU A 89 0.19 6.58 -5.48
N ARG A 90 1.22 6.16 -6.20
CA ARG A 90 1.66 4.77 -6.20
C ARG A 90 3.18 4.67 -6.22
N GLY A 91 3.79 4.53 -5.04
CA GLY A 91 5.23 4.43 -4.96
C GLY A 91 5.72 4.43 -3.52
N VAL A 92 6.90 5.01 -3.30
CA VAL A 92 7.49 5.07 -1.97
C VAL A 92 7.41 6.48 -1.39
N LEU A 93 7.37 6.57 -0.07
CA LEU A 93 7.30 7.87 0.60
C LEU A 93 8.19 7.89 1.85
N ASP A 94 9.03 8.91 1.95
CA ASP A 94 9.93 9.05 3.09
C ASP A 94 9.15 9.36 4.37
N VAL A 95 9.58 8.77 5.48
CA VAL A 95 8.93 8.98 6.76
C VAL A 95 9.36 10.29 7.44
N PRO A 96 10.61 10.76 7.20
CA PRO A 96 11.10 11.99 7.80
C PRO A 96 10.72 13.24 7.00
N ALA A 97 9.46 13.32 6.61
CA ALA A 97 8.96 14.45 5.84
C ALA A 97 7.47 14.32 5.57
N CYS A 98 6.74 13.81 6.56
CA CYS A 98 5.29 13.63 6.41
C CYS A 98 4.56 14.19 7.63
N GLN A 99 3.68 15.15 7.39
CA GLN A 99 2.91 15.78 8.46
C GLN A 99 1.46 15.30 8.42
N ILE A 100 1.07 14.49 9.39
CA ILE A 100 -0.29 13.96 9.46
C ILE A 100 -1.26 15.03 9.96
N ALA A 101 -2.54 14.85 9.64
CA ALA A 101 -3.56 15.79 10.05
C ALA A 101 -4.92 15.11 10.15
N ILE A 102 -5.21 14.54 11.32
CA ILE A 102 -6.48 13.85 11.54
C ILE A 102 -7.66 14.79 11.31
N ARG A 103 -8.75 14.23 10.82
CA ARG A 103 -9.96 15.00 10.54
C ARG A 103 -11.21 14.19 10.89
N PRO A 104 -11.86 14.50 12.02
CA PRO A 104 -13.07 13.78 12.45
C PRO A 104 -14.30 14.14 11.60
N GLU A 105 -14.16 14.03 10.28
CA GLU A 105 -15.24 14.34 9.35
C GLU A 105 -14.72 14.40 7.92
N GLY A 106 -14.10 13.31 7.47
CA GLY A 106 -13.55 13.27 6.13
C GLY A 106 -14.63 13.33 5.06
N LYS A 107 -14.93 12.18 4.48
CA LYS A 107 -15.95 12.10 3.43
C LYS A 107 -16.56 10.71 3.36
N ASN A 108 -17.45 10.51 2.39
CA ASN A 108 -18.12 9.23 2.20
C ASN A 108 -18.67 8.66 3.52
N ASN A 109 -19.25 9.54 4.32
CA ASN A 109 -19.82 9.13 5.60
C ASN A 109 -18.75 8.57 6.54
N ARG A 110 -17.53 9.07 6.40
CA ARG A 110 -16.42 8.62 7.24
C ARG A 110 -15.87 9.77 8.07
N LEU A 111 -16.17 9.76 9.36
CA LEU A 111 -15.71 10.81 10.25
C LEU A 111 -14.44 10.40 10.99
N PHE A 112 -13.64 9.56 10.33
CA PHE A 112 -12.38 9.09 10.91
C PHE A 112 -11.33 8.91 9.82
N VAL A 113 -10.99 10.02 9.17
CA VAL A 113 -10.00 9.99 8.10
C VAL A 113 -8.88 11.00 8.37
N PHE A 114 -7.64 10.52 8.34
CA PHE A 114 -6.49 11.39 8.57
C PHE A 114 -5.78 11.71 7.27
N SER A 115 -5.51 12.99 7.05
CA SER A 115 -4.83 13.43 5.83
C SER A 115 -3.38 13.78 6.10
N ILE A 116 -2.48 13.19 5.32
CA ILE A 116 -1.06 13.45 5.47
C ILE A 116 -0.61 14.53 4.49
N SER A 117 0.51 15.18 4.80
CA SER A 117 1.03 16.24 3.94
C SER A 117 2.54 16.38 4.11
N MET A 118 3.25 16.45 2.99
CA MET A 118 4.71 16.59 3.02
C MET A 118 5.10 18.06 2.96
N PRO A 119 5.74 18.59 4.03
CA PRO A 119 6.18 19.99 4.08
C PRO A 119 7.46 20.24 3.32
N SER A 120 7.49 19.83 2.05
CA SER A 120 8.66 20.01 1.21
C SER A 120 8.43 19.40 -0.17
N VAL A 121 7.23 19.59 -0.70
CA VAL A 121 6.88 19.07 -2.02
C VAL A 121 5.91 20.00 -2.74
N ALA A 122 4.69 20.07 -2.24
CA ALA A 122 3.66 20.92 -2.84
C ALA A 122 2.35 20.82 -2.06
N GLN A 123 1.24 21.08 -2.71
CA GLN A 123 -0.07 21.01 -2.06
C GLN A 123 -0.60 19.58 -2.06
N TRP A 124 0.24 18.63 -1.64
CA TRP A 124 -0.16 17.23 -1.59
C TRP A 124 -1.10 16.98 -0.42
N SER A 125 -1.69 15.79 -0.38
CA SER A 125 -2.62 15.43 0.68
C SER A 125 -2.95 13.94 0.64
N LEU A 126 -2.27 13.16 1.47
CA LEU A 126 -2.50 11.72 1.53
C LEU A 126 -3.68 11.38 2.43
N ASP A 127 -4.85 11.22 1.83
CA ASP A 127 -6.05 10.89 2.57
C ASP A 127 -6.12 9.40 2.87
N VAL A 128 -6.38 9.07 4.14
CA VAL A 128 -6.46 7.67 4.56
C VAL A 128 -7.39 7.53 5.77
N ALA A 129 -7.89 6.32 5.98
CA ALA A 129 -8.79 6.04 7.09
C ALA A 129 -8.93 4.54 7.34
N ALA A 130 -8.76 4.13 8.60
CA ALA A 130 -8.87 2.72 8.97
C ALA A 130 -10.26 2.41 9.51
N ASP A 131 -10.78 1.24 9.16
CA ASP A 131 -12.10 0.82 9.63
C ASP A 131 -12.19 0.86 11.15
N SER A 132 -11.08 0.54 11.80
CA SER A 132 -11.02 0.54 13.26
C SER A 132 -10.51 1.87 13.79
N GLN A 133 -11.38 2.59 14.49
CA GLN A 133 -11.02 3.89 15.06
C GLN A 133 -9.70 3.78 15.84
N GLU A 134 -9.41 2.58 16.34
CA GLU A 134 -8.18 2.35 17.08
C GLU A 134 -6.99 2.28 16.13
N GLU A 135 -7.17 1.55 15.04
CA GLU A 135 -6.11 1.40 14.05
C GLU A 135 -5.82 2.75 13.40
N LEU A 136 -6.85 3.59 13.29
CA LEU A 136 -6.71 4.91 12.70
C LEU A 136 -5.86 5.80 13.59
N GLN A 137 -6.19 5.84 14.87
CA GLN A 137 -5.45 6.65 15.83
C GLN A 137 -4.06 6.07 16.04
N ASP A 138 -3.97 4.75 16.03
CA ASP A 138 -2.68 4.07 16.20
C ASP A 138 -1.81 4.29 14.97
N TRP A 139 -2.44 4.38 13.81
CA TRP A 139 -1.72 4.59 12.56
C TRP A 139 -1.04 5.96 12.57
N VAL A 140 -1.80 6.98 12.95
CA VAL A 140 -1.27 8.33 13.00
C VAL A 140 -0.14 8.43 14.02
N LYS A 141 -0.35 7.83 15.18
CA LYS A 141 0.65 7.85 16.24
C LYS A 141 1.94 7.16 15.78
N LYS A 142 1.80 6.16 14.93
CA LYS A 142 2.95 5.43 14.41
C LYS A 142 3.74 6.31 13.45
N ILE A 143 3.05 6.90 12.48
CA ILE A 143 3.71 7.79 11.53
C ILE A 143 4.47 8.88 12.28
N ARG A 144 3.95 9.24 13.45
CA ARG A 144 4.57 10.26 14.28
C ARG A 144 5.72 9.67 15.09
N GLU A 145 5.62 8.40 15.46
CA GLU A 145 6.67 7.76 16.24
C GLU A 145 7.84 7.36 15.35
N VAL A 146 7.54 7.05 14.09
CA VAL A 146 8.57 6.67 13.14
C VAL A 146 9.20 7.91 12.53
N ALA A 147 8.42 8.98 12.43
CA ALA A 147 8.89 10.24 11.89
C ALA A 147 9.79 10.96 12.88
N GLN A 148 9.47 10.81 14.16
CA GLN A 148 10.26 11.44 15.22
C GLN A 148 11.58 10.70 15.43
N THR A 149 11.69 9.52 14.83
CA THR A 149 12.91 8.71 14.95
C THR A 149 13.58 8.52 13.60
N ALA A 150 13.15 9.29 12.60
CA ALA A 150 13.72 9.20 11.26
C ALA A 150 13.56 7.80 10.69
N SER A 1 9.39 -2.78 8.39
CA SER A 1 7.90 -2.85 8.29
C SER A 1 7.26 -2.91 9.67
N ILE A 2 6.92 -1.74 10.21
CA ILE A 2 6.29 -1.67 11.53
C ILE A 2 4.78 -1.76 11.42
N LYS A 3 4.24 -1.24 10.33
CA LYS A 3 2.80 -1.26 10.10
C LYS A 3 2.47 -1.89 8.75
N ASN A 4 1.48 -2.77 8.74
CA ASN A 4 1.07 -3.44 7.51
C ASN A 4 -0.39 -3.87 7.59
N GLY A 5 -1.20 -3.40 6.64
CA GLY A 5 -2.59 -3.74 6.61
C GLY A 5 -3.28 -3.30 5.34
N ILE A 6 -4.55 -2.91 5.46
CA ILE A 6 -5.32 -2.46 4.31
C ILE A 6 -5.97 -1.11 4.58
N LEU A 7 -5.24 -0.03 4.29
CA LEU A 7 -5.74 1.32 4.51
C LEU A 7 -6.52 1.81 3.29
N TYR A 8 -7.57 2.59 3.54
CA TYR A 8 -8.39 3.11 2.46
C TYR A 8 -7.70 4.29 1.77
N LEU A 9 -8.22 4.67 0.61
CA LEU A 9 -7.66 5.78 -0.16
C LEU A 9 -8.56 6.14 -1.33
N GLU A 10 -9.33 7.21 -1.17
CA GLU A 10 -10.23 7.66 -2.22
C GLU A 10 -9.48 8.42 -3.30
N ASP A 11 -10.12 8.60 -4.46
CA ASP A 11 -9.52 9.31 -5.58
C ASP A 11 -10.44 10.44 -6.06
N PRO A 12 -9.90 11.65 -6.24
CA PRO A 12 -10.69 12.81 -6.69
C PRO A 12 -11.37 12.57 -8.05
N VAL A 13 -10.91 11.55 -8.77
CA VAL A 13 -11.47 11.23 -10.07
C VAL A 13 -12.90 10.71 -9.96
N ASN A 14 -13.12 9.84 -8.98
CA ASN A 14 -14.44 9.26 -8.76
C ASN A 14 -15.02 9.69 -7.40
N HIS A 15 -14.16 10.21 -6.53
CA HIS A 15 -14.58 10.65 -5.21
C HIS A 15 -15.13 9.48 -4.40
N GLU A 16 -14.43 8.34 -4.46
CA GLU A 16 -14.85 7.15 -3.73
C GLU A 16 -13.64 6.48 -3.09
N TRP A 17 -13.80 6.09 -1.83
CA TRP A 17 -12.73 5.43 -1.09
C TRP A 17 -12.41 4.07 -1.70
N TYR A 18 -11.12 3.78 -1.86
CA TYR A 18 -10.68 2.52 -2.42
C TYR A 18 -9.80 1.75 -1.43
N PRO A 19 -10.35 0.69 -0.80
CA PRO A 19 -9.60 -0.11 0.18
C PRO A 19 -8.45 -0.90 -0.48
N HIS A 20 -7.22 -0.46 -0.22
CA HIS A 20 -6.05 -1.12 -0.77
C HIS A 20 -5.01 -1.36 0.30
N TYR A 21 -4.11 -2.31 0.07
CA TYR A 21 -3.06 -2.64 1.02
C TYR A 21 -2.16 -1.43 1.28
N PHE A 22 -1.59 -1.37 2.47
CA PHE A 22 -0.72 -0.27 2.85
C PHE A 22 0.28 -0.70 3.93
N VAL A 23 1.50 -0.19 3.84
CA VAL A 23 2.53 -0.54 4.82
C VAL A 23 3.36 0.69 5.19
N LEU A 24 3.79 0.74 6.44
CA LEU A 24 4.60 1.86 6.93
C LEU A 24 5.90 1.37 7.56
N THR A 25 7.02 1.73 6.94
CA THR A 25 8.33 1.32 7.44
C THR A 25 8.89 2.35 8.42
N SER A 26 9.81 1.90 9.27
CA SER A 26 10.42 2.77 10.26
C SER A 26 10.98 4.05 9.65
N SER A 27 11.30 3.99 8.35
CA SER A 27 11.85 5.15 7.66
C SER A 27 11.33 5.26 6.23
N LYS A 28 10.07 4.87 6.03
CA LYS A 28 9.47 4.93 4.70
C LYS A 28 8.04 4.38 4.71
N ILE A 29 7.40 4.40 3.55
CA ILE A 29 6.03 3.91 3.41
C ILE A 29 5.86 3.17 2.10
N TYR A 30 5.28 1.96 2.16
CA TYR A 30 5.06 1.16 0.97
C TYR A 30 3.60 0.76 0.84
N TYR A 31 3.05 0.92 -0.36
CA TYR A 31 1.66 0.59 -0.62
C TYR A 31 1.44 0.30 -2.10
N SER A 32 0.43 -0.51 -2.39
CA SER A 32 0.11 -0.87 -3.78
C SER A 32 -1.36 -1.29 -3.90
N GLU A 33 -1.72 -1.80 -5.07
CA GLU A 33 -3.08 -2.25 -5.31
C GLU A 33 -3.09 -3.52 -6.17
N GLU A 34 -2.09 -4.36 -5.97
CA GLU A 34 -1.98 -5.61 -6.71
C GLU A 34 -2.05 -6.81 -5.77
N THR A 35 -3.25 -7.36 -5.62
CA THR A 35 -3.46 -8.51 -4.75
C THR A 35 -3.24 -9.81 -5.51
N SER A 36 -3.53 -10.93 -4.85
CA SER A 36 -3.37 -12.25 -5.47
C SER A 36 -1.92 -12.49 -5.88
N SER A 37 -0.99 -12.03 -5.05
CA SER A 37 0.43 -12.19 -5.32
C SER A 37 1.07 -13.17 -4.33
N ASP A 38 0.34 -14.21 -3.98
CA ASP A 38 0.82 -15.22 -3.04
C ASP A 38 0.74 -16.61 -3.65
N GLN A 39 1.86 -17.09 -4.18
CA GLN A 39 1.91 -18.41 -4.79
C GLN A 39 0.93 -18.52 -5.95
N GLY A 40 0.72 -17.40 -6.64
CA GLY A 40 -0.20 -17.40 -7.77
C GLY A 40 0.40 -18.02 -9.02
N ASN A 41 0.35 -19.34 -9.09
CA ASN A 41 0.90 -20.07 -10.23
C ASN A 41 2.38 -19.78 -10.41
N GLU A 42 3.14 -19.93 -9.32
CA GLU A 42 4.57 -19.69 -9.36
C GLU A 42 5.34 -21.00 -9.49
N ASP A 43 4.76 -21.94 -10.22
CA ASP A 43 5.38 -23.25 -10.43
C ASP A 43 5.57 -23.98 -9.11
N GLU A 44 4.54 -24.73 -8.71
CA GLU A 44 4.59 -25.49 -7.46
C GLU A 44 5.21 -26.85 -7.67
N GLU A 45 6.27 -27.15 -6.94
CA GLU A 45 6.95 -28.43 -7.05
C GLU A 45 8.04 -28.57 -5.99
N GLU A 46 8.71 -29.71 -5.98
CA GLU A 46 9.78 -29.96 -5.01
C GLU A 46 10.74 -31.03 -5.53
N PRO A 47 11.73 -30.63 -6.36
CA PRO A 47 12.72 -31.55 -6.92
C PRO A 47 13.70 -32.07 -5.87
N LYS A 48 14.11 -33.32 -6.02
CA LYS A 48 15.06 -33.92 -5.09
C LYS A 48 16.39 -33.21 -5.11
N GLU A 49 17.21 -33.45 -4.09
CA GLU A 49 18.52 -32.81 -4.00
C GLU A 49 19.41 -33.22 -5.18
N ALA A 50 20.59 -32.63 -5.24
CA ALA A 50 21.54 -32.93 -6.32
C ALA A 50 22.98 -32.74 -5.87
N SER A 51 23.72 -33.84 -5.78
CA SER A 51 25.11 -33.80 -5.35
C SER A 51 25.24 -33.29 -3.92
N GLY A 52 25.16 -31.97 -3.76
CA GLY A 52 25.27 -31.38 -2.43
C GLY A 52 25.92 -30.01 -2.47
N SER A 53 25.28 -29.04 -1.83
CA SER A 53 25.80 -27.67 -1.79
C SER A 53 25.43 -26.99 -0.47
N THR A 54 26.26 -26.05 -0.05
CA THR A 54 26.03 -25.32 1.19
C THR A 54 26.48 -23.87 1.06
N GLU A 55 26.22 -23.08 2.11
CA GLU A 55 26.61 -21.67 2.12
C GLU A 55 27.51 -21.37 3.31
N LEU A 56 28.50 -20.52 3.08
CA LEU A 56 29.43 -20.14 4.14
C LEU A 56 28.78 -19.18 5.13
N HIS A 57 28.31 -18.05 4.62
CA HIS A 57 27.67 -17.04 5.46
C HIS A 57 26.69 -16.21 4.64
N SER A 58 27.14 -15.74 3.47
CA SER A 58 26.31 -14.93 2.60
C SER A 58 26.30 -15.49 1.19
N SER A 59 25.21 -15.23 0.46
CA SER A 59 25.07 -15.70 -0.92
C SER A 59 26.12 -15.07 -1.82
N LEU A 60 26.98 -15.90 -2.40
CA LEU A 60 28.03 -15.42 -3.29
C LEU A 60 28.38 -16.46 -4.35
N GLU A 61 28.54 -17.71 -3.90
CA GLU A 61 28.87 -18.81 -4.80
C GLU A 61 27.79 -18.97 -5.87
N VAL A 62 26.56 -18.66 -5.51
CA VAL A 62 25.43 -18.77 -6.44
C VAL A 62 25.46 -17.66 -7.48
N LEU A 63 25.99 -16.50 -7.07
CA LEU A 63 26.08 -15.36 -7.98
C LEU A 63 27.34 -15.41 -8.83
N PHE A 64 28.18 -16.42 -8.58
CA PHE A 64 29.41 -16.58 -9.36
C PHE A 64 29.16 -17.48 -10.56
N GLN A 65 27.91 -17.50 -11.00
CA GLN A 65 27.49 -18.30 -12.14
C GLN A 65 25.99 -18.13 -12.37
N GLY A 66 25.49 -16.94 -12.07
CA GLY A 66 24.08 -16.64 -12.24
C GLY A 66 23.78 -15.16 -12.16
N PRO A 67 24.52 -14.33 -12.92
CA PRO A 67 24.31 -12.88 -12.94
C PRO A 67 22.96 -12.49 -13.52
N ASN A 68 22.21 -11.68 -12.78
CA ASN A 68 20.89 -11.24 -13.22
C ASN A 68 19.94 -12.43 -13.34
N PRO A 69 18.86 -12.46 -12.55
CA PRO A 69 17.89 -13.54 -12.58
C PRO A 69 16.75 -13.26 -13.57
N ALA A 70 15.51 -13.54 -13.17
CA ALA A 70 14.37 -13.32 -14.03
C ALA A 70 14.50 -14.10 -15.33
N ILE A 71 15.21 -15.22 -15.26
CA ILE A 71 15.41 -16.07 -16.42
C ILE A 71 14.78 -17.44 -16.23
N LEU A 72 14.46 -17.79 -14.99
CA LEU A 72 13.86 -19.08 -14.70
C LEU A 72 12.34 -19.04 -14.85
N GLU A 73 11.87 -18.04 -15.56
CA GLU A 73 10.45 -17.86 -15.81
C GLU A 73 10.23 -17.19 -17.17
N PRO A 74 10.26 -17.98 -18.26
CA PRO A 74 10.08 -17.48 -19.62
C PRO A 74 8.67 -16.94 -19.86
N GLU A 75 8.28 -15.94 -19.07
CA GLU A 75 6.97 -15.33 -19.20
C GLU A 75 7.04 -14.06 -20.06
N ARG A 76 7.71 -14.16 -21.20
CA ARG A 76 7.86 -13.03 -22.11
C ARG A 76 8.65 -11.90 -21.44
N GLU A 77 9.68 -11.42 -22.13
CA GLU A 77 10.51 -10.35 -21.61
C GLU A 77 10.54 -9.16 -22.57
N HIS A 78 10.05 -8.02 -22.11
CA HIS A 78 10.02 -6.81 -22.92
C HIS A 78 9.21 -7.04 -24.20
N LEU A 79 7.90 -6.89 -24.09
CA LEU A 79 7.01 -7.07 -25.23
C LEU A 79 6.03 -5.90 -25.34
N ASP A 80 4.96 -6.11 -26.11
CA ASP A 80 3.95 -5.08 -26.31
C ASP A 80 2.90 -5.14 -25.19
N GLU A 81 3.36 -5.11 -23.95
CA GLU A 81 2.47 -5.16 -22.79
C GLU A 81 2.30 -3.78 -22.18
N ASN A 82 1.06 -3.30 -22.12
CA ASN A 82 0.77 -1.99 -21.56
C ASN A 82 0.38 -2.09 -20.08
N SER A 83 0.74 -3.21 -19.45
CA SER A 83 0.42 -3.42 -18.04
C SER A 83 1.43 -2.68 -17.15
N PRO A 84 2.72 -2.97 -17.33
CA PRO A 84 3.79 -2.36 -16.55
C PRO A 84 4.22 -1.01 -17.11
N LEU A 85 3.24 -0.14 -17.39
CA LEU A 85 3.53 1.18 -17.92
C LEU A 85 2.83 2.27 -17.10
N GLY A 86 2.66 2.01 -15.82
CA GLY A 86 2.02 2.97 -14.95
C GLY A 86 1.39 2.33 -13.72
N ASP A 87 0.28 2.89 -13.27
CA ASP A 87 -0.42 2.36 -12.10
C ASP A 87 0.46 2.43 -10.86
N LEU A 88 1.51 3.26 -10.91
CA LEU A 88 2.42 3.42 -9.79
C LEU A 88 2.88 2.07 -9.25
N LEU A 89 3.90 1.50 -9.88
CA LEU A 89 4.44 0.21 -9.47
C LEU A 89 5.24 0.35 -8.17
N ARG A 90 4.78 -0.32 -7.13
CA ARG A 90 5.45 -0.27 -5.84
C ARG A 90 5.49 1.16 -5.30
N GLY A 91 4.41 1.58 -4.67
CA GLY A 91 4.33 2.92 -4.13
C GLY A 91 5.28 3.12 -2.96
N VAL A 92 6.05 4.20 -3.00
CA VAL A 92 6.99 4.51 -1.93
C VAL A 92 6.82 5.94 -1.44
N LEU A 93 6.97 6.13 -0.13
CA LEU A 93 6.83 7.46 0.46
C LEU A 93 7.77 7.61 1.67
N ASP A 94 8.28 8.82 1.85
CA ASP A 94 9.19 9.11 2.96
C ASP A 94 8.41 9.51 4.20
N VAL A 95 8.77 8.93 5.34
CA VAL A 95 8.10 9.23 6.61
C VAL A 95 8.66 10.49 7.25
N PRO A 96 9.99 10.65 7.28
CA PRO A 96 10.63 11.83 7.88
C PRO A 96 10.45 13.09 7.03
N ALA A 97 9.20 13.42 6.74
CA ALA A 97 8.87 14.60 5.94
C ALA A 97 7.40 14.59 5.53
N CYS A 98 6.53 14.19 6.44
CA CYS A 98 5.10 14.12 6.16
C CYS A 98 4.29 14.18 7.45
N GLN A 99 3.80 15.38 7.79
CA GLN A 99 3.01 15.56 9.00
C GLN A 99 1.56 15.11 8.78
N ILE A 100 1.06 14.29 9.68
CA ILE A 100 -0.31 13.78 9.58
C ILE A 100 -1.30 14.78 10.18
N ALA A 101 -2.55 14.67 9.76
CA ALA A 101 -3.60 15.55 10.25
C ALA A 101 -4.94 14.81 10.33
N ILE A 102 -5.18 14.17 11.47
CA ILE A 102 -6.42 13.43 11.68
C ILE A 102 -7.64 14.32 11.50
N ARG A 103 -8.70 13.74 10.93
CA ARG A 103 -9.94 14.47 10.70
C ARG A 103 -11.13 13.63 11.17
N PRO A 104 -11.97 14.19 12.06
CA PRO A 104 -13.14 13.47 12.58
C PRO A 104 -14.34 13.51 11.64
N GLU A 105 -14.08 13.71 10.35
CA GLU A 105 -15.14 13.76 9.35
C GLU A 105 -14.55 13.92 7.95
N GLY A 106 -14.00 12.82 7.42
CA GLY A 106 -13.40 12.86 6.10
C GLY A 106 -14.37 13.37 5.04
N LYS A 107 -15.06 12.45 4.39
CA LYS A 107 -16.01 12.81 3.34
C LYS A 107 -16.67 11.57 2.74
N ASN A 108 -17.67 11.79 1.90
CA ASN A 108 -18.38 10.69 1.25
C ASN A 108 -19.08 9.80 2.27
N ASN A 109 -18.31 8.88 2.86
CA ASN A 109 -18.85 7.96 3.86
C ASN A 109 -17.76 7.50 4.82
N ARG A 110 -16.92 8.44 5.24
CA ARG A 110 -15.83 8.12 6.17
C ARG A 110 -15.75 9.18 7.28
N LEU A 111 -16.12 8.78 8.49
CA LEU A 111 -16.09 9.69 9.63
C LEU A 111 -14.67 9.84 10.16
N PHE A 112 -13.90 8.76 10.08
CA PHE A 112 -12.52 8.76 10.57
C PHE A 112 -11.54 8.72 9.40
N VAL A 113 -10.76 9.80 9.25
CA VAL A 113 -9.78 9.88 8.18
C VAL A 113 -8.64 10.81 8.56
N PHE A 114 -7.42 10.42 8.20
CA PHE A 114 -6.23 11.22 8.51
C PHE A 114 -5.51 11.64 7.23
N SER A 115 -5.48 12.95 6.98
CA SER A 115 -4.83 13.49 5.80
C SER A 115 -3.39 13.87 6.10
N ILE A 116 -2.46 13.34 5.31
CA ILE A 116 -1.04 13.63 5.49
C ILE A 116 -0.62 14.82 4.63
N SER A 117 0.50 15.44 4.98
CA SER A 117 1.01 16.58 4.25
C SER A 117 2.50 16.78 4.48
N MET A 118 3.15 17.49 3.57
CA MET A 118 4.58 17.75 3.69
C MET A 118 4.84 19.22 3.99
N PRO A 119 6.00 19.54 4.61
CA PRO A 119 6.35 20.92 4.95
C PRO A 119 6.57 21.79 3.71
N SER A 120 7.02 21.17 2.63
CA SER A 120 7.27 21.90 1.38
C SER A 120 7.76 20.95 0.29
N VAL A 121 7.13 21.02 -0.87
CA VAL A 121 7.51 20.17 -2.01
C VAL A 121 6.84 20.67 -3.29
N ALA A 122 5.59 20.30 -3.48
CA ALA A 122 4.84 20.70 -4.66
C ALA A 122 3.34 20.70 -4.40
N GLN A 123 2.96 21.10 -3.19
CA GLN A 123 1.55 21.15 -2.81
C GLN A 123 0.93 19.75 -2.87
N TRP A 124 1.65 18.76 -2.35
CA TRP A 124 1.17 17.39 -2.34
C TRP A 124 0.39 17.09 -1.08
N SER A 125 -0.77 16.47 -1.23
CA SER A 125 -1.63 16.12 -0.10
C SER A 125 -2.03 14.65 -0.15
N LEU A 126 -2.01 14.00 1.01
CA LEU A 126 -2.38 12.58 1.09
C LEU A 126 -3.59 12.38 1.99
N ASP A 127 -4.45 11.44 1.61
CA ASP A 127 -5.65 11.13 2.38
C ASP A 127 -5.77 9.63 2.62
N VAL A 128 -5.77 9.25 3.89
CA VAL A 128 -5.87 7.84 4.26
C VAL A 128 -6.75 7.65 5.49
N ALA A 129 -7.25 6.43 5.67
CA ALA A 129 -8.11 6.13 6.81
C ALA A 129 -8.15 4.62 7.08
N ALA A 130 -8.15 4.25 8.36
CA ALA A 130 -8.20 2.85 8.75
C ALA A 130 -9.57 2.48 9.28
N ASP A 131 -9.99 1.24 9.03
CA ASP A 131 -11.30 0.77 9.49
C ASP A 131 -11.41 0.88 11.00
N SER A 132 -10.52 0.17 11.69
CA SER A 132 -10.51 0.18 13.15
C SER A 132 -10.02 1.52 13.68
N GLN A 133 -10.90 2.24 14.37
CA GLN A 133 -10.56 3.54 14.94
C GLN A 133 -9.24 3.45 15.69
N GLU A 134 -8.91 2.26 16.19
CA GLU A 134 -7.67 2.05 16.92
C GLU A 134 -6.49 2.00 15.97
N GLU A 135 -6.66 1.30 14.86
CA GLU A 135 -5.61 1.17 13.86
C GLU A 135 -5.35 2.52 13.21
N LEU A 136 -6.39 3.33 13.10
CA LEU A 136 -6.26 4.66 12.51
C LEU A 136 -5.45 5.57 13.41
N GLN A 137 -5.81 5.61 14.69
CA GLN A 137 -5.11 6.43 15.66
C GLN A 137 -3.70 5.88 15.89
N ASP A 138 -3.59 4.56 15.89
CA ASP A 138 -2.30 3.91 16.08
C ASP A 138 -1.40 4.13 14.88
N TRP A 139 -2.00 4.27 13.70
CA TRP A 139 -1.26 4.49 12.48
C TRP A 139 -0.62 5.88 12.48
N VAL A 140 -1.41 6.87 12.85
CA VAL A 140 -0.92 8.25 12.90
C VAL A 140 0.19 8.40 13.94
N LYS A 141 0.01 7.74 15.07
CA LYS A 141 1.00 7.79 16.15
C LYS A 141 2.31 7.16 15.69
N LYS A 142 2.22 6.09 14.92
CA LYS A 142 3.40 5.40 14.42
C LYS A 142 4.18 6.30 13.47
N ILE A 143 3.49 6.81 12.44
CA ILE A 143 4.12 7.69 11.49
C ILE A 143 4.80 8.84 12.22
N ARG A 144 4.20 9.24 13.35
CA ARG A 144 4.74 10.32 14.16
C ARG A 144 5.87 9.80 15.04
N GLU A 145 5.81 8.52 15.40
CA GLU A 145 6.84 7.92 16.23
C GLU A 145 8.11 7.68 15.42
N VAL A 146 7.94 7.29 14.17
CA VAL A 146 9.07 7.04 13.29
C VAL A 146 9.60 8.36 12.72
N ALA A 147 8.71 9.33 12.61
CA ALA A 147 9.08 10.64 12.10
C ALA A 147 9.77 11.48 13.17
N GLN A 148 9.33 11.29 14.41
CA GLN A 148 9.91 12.02 15.53
C GLN A 148 11.25 11.40 15.96
N THR A 149 11.56 10.23 15.40
CA THR A 149 12.81 9.54 15.73
C THR A 149 13.76 9.54 14.54
N ALA A 150 13.18 9.54 13.33
CA ALA A 150 13.97 9.54 12.10
C ALA A 150 14.69 10.86 11.91
N SER A 1 8.65 -2.41 8.02
CA SER A 1 7.18 -2.72 7.99
C SER A 1 6.61 -2.79 9.39
N ILE A 2 6.45 -1.63 10.03
CA ILE A 2 5.91 -1.57 11.38
C ILE A 2 4.39 -1.71 11.37
N LYS A 3 3.76 -1.15 10.34
CA LYS A 3 2.30 -1.21 10.20
C LYS A 3 1.90 -1.50 8.76
N ASN A 4 1.53 -2.74 8.50
CA ASN A 4 1.12 -3.14 7.15
C ASN A 4 -0.20 -3.92 7.20
N GLY A 5 -1.19 -3.43 6.45
CA GLY A 5 -2.48 -4.09 6.42
C GLY A 5 -3.36 -3.61 5.27
N ILE A 6 -4.66 -3.59 5.50
CA ILE A 6 -5.61 -3.15 4.48
C ILE A 6 -6.19 -1.78 4.83
N LEU A 7 -5.48 -0.72 4.43
CA LEU A 7 -5.95 0.64 4.71
C LEU A 7 -6.85 1.13 3.59
N TYR A 8 -7.59 2.21 3.85
CA TYR A 8 -8.51 2.78 2.88
C TYR A 8 -8.01 4.14 2.38
N LEU A 9 -8.34 4.47 1.14
CA LEU A 9 -7.94 5.73 0.54
C LEU A 9 -8.81 6.07 -0.66
N GLU A 10 -9.33 7.29 -0.68
CA GLU A 10 -10.18 7.73 -1.79
C GLU A 10 -9.36 8.30 -2.92
N ASP A 11 -9.51 7.72 -4.10
CA ASP A 11 -8.78 8.17 -5.28
C ASP A 11 -9.57 9.25 -6.01
N PRO A 12 -8.87 10.22 -6.63
CA PRO A 12 -9.53 11.31 -7.36
C PRO A 12 -10.10 10.89 -8.71
N VAL A 13 -9.86 9.64 -9.10
CA VAL A 13 -10.36 9.14 -10.38
C VAL A 13 -11.89 9.04 -10.35
N ASN A 14 -12.41 8.49 -9.27
CA ASN A 14 -13.85 8.32 -9.11
C ASN A 14 -14.32 8.89 -7.76
N HIS A 15 -13.38 9.39 -6.96
CA HIS A 15 -13.70 9.95 -5.66
C HIS A 15 -14.43 8.94 -4.79
N GLU A 16 -13.69 7.96 -4.26
CA GLU A 16 -14.26 6.93 -3.42
C GLU A 16 -13.16 6.11 -2.74
N TRP A 17 -13.34 5.86 -1.44
CA TRP A 17 -12.37 5.08 -0.68
C TRP A 17 -12.29 3.65 -1.20
N TYR A 18 -11.06 3.16 -1.36
CA TYR A 18 -10.84 1.81 -1.86
C TYR A 18 -9.76 1.10 -1.05
N PRO A 19 -9.86 -0.23 -0.90
CA PRO A 19 -8.89 -1.02 -0.15
C PRO A 19 -7.55 -1.14 -0.87
N HIS A 20 -6.47 -0.75 -0.20
CA HIS A 20 -5.14 -0.81 -0.77
C HIS A 20 -4.11 -1.25 0.27
N TYR A 21 -3.58 -2.46 0.10
CA TYR A 21 -2.58 -2.99 1.03
C TYR A 21 -1.41 -2.02 1.20
N PHE A 22 -1.29 -1.44 2.39
CA PHE A 22 -0.22 -0.50 2.68
C PHE A 22 0.79 -1.11 3.65
N VAL A 23 2.02 -0.61 3.61
CA VAL A 23 3.07 -1.10 4.49
C VAL A 23 3.95 0.03 4.98
N LEU A 24 3.62 0.59 6.14
CA LEU A 24 4.39 1.68 6.72
C LEU A 24 5.68 1.17 7.34
N THR A 25 6.80 1.64 6.80
CA THR A 25 8.12 1.24 7.30
C THR A 25 8.68 2.27 8.27
N SER A 26 9.56 1.82 9.16
CA SER A 26 10.18 2.70 10.16
C SER A 26 10.81 3.92 9.52
N SER A 27 11.18 3.82 8.25
CA SER A 27 11.81 4.94 7.55
C SER A 27 11.31 5.05 6.10
N LYS A 28 10.03 4.79 5.89
CA LYS A 28 9.45 4.88 4.55
C LYS A 28 8.02 4.34 4.53
N ILE A 29 7.35 4.54 3.39
CA ILE A 29 5.97 4.08 3.22
C ILE A 29 5.80 3.38 1.88
N TYR A 30 5.47 2.09 1.93
CA TYR A 30 5.29 1.32 0.70
C TYR A 30 3.82 1.25 0.30
N TYR A 31 3.56 1.33 -1.00
CA TYR A 31 2.20 1.28 -1.52
C TYR A 31 2.02 0.09 -2.45
N SER A 32 1.05 -0.77 -2.15
CA SER A 32 0.78 -1.94 -2.97
C SER A 32 -0.71 -2.06 -3.28
N GLU A 33 -1.08 -3.13 -3.97
CA GLU A 33 -2.47 -3.37 -4.34
C GLU A 33 -2.95 -2.35 -5.38
N GLU A 34 -3.27 -2.83 -6.57
CA GLU A 34 -3.74 -1.96 -7.64
C GLU A 34 -5.26 -2.03 -7.77
N THR A 35 -5.85 -1.00 -8.39
CA THR A 35 -7.29 -0.95 -8.57
C THR A 35 -7.71 -1.76 -9.79
N SER A 36 -9.03 -1.87 -9.99
CA SER A 36 -9.57 -2.62 -11.11
C SER A 36 -9.17 -4.09 -11.03
N SER A 37 -10.17 -4.96 -10.85
CA SER A 37 -9.92 -6.39 -10.76
C SER A 37 -9.02 -6.71 -9.57
N ASP A 38 -8.56 -7.95 -9.50
CA ASP A 38 -7.68 -8.38 -8.41
C ASP A 38 -7.27 -9.84 -8.59
N GLN A 39 -8.21 -10.66 -9.06
CA GLN A 39 -7.95 -12.08 -9.28
C GLN A 39 -7.65 -12.78 -7.97
N GLY A 40 -8.63 -12.79 -7.07
CA GLY A 40 -8.45 -13.43 -5.78
C GLY A 40 -9.05 -14.81 -5.73
N ASN A 41 -8.26 -15.82 -6.10
CA ASN A 41 -8.73 -17.20 -6.11
C ASN A 41 -9.88 -17.38 -7.08
N GLU A 42 -9.80 -16.71 -8.23
CA GLU A 42 -10.84 -16.79 -9.24
C GLU A 42 -10.23 -16.96 -10.62
N ASP A 43 -9.13 -17.70 -10.70
CA ASP A 43 -8.45 -17.94 -11.97
C ASP A 43 -9.38 -18.63 -12.96
N GLU A 44 -9.15 -18.38 -14.25
CA GLU A 44 -9.96 -18.97 -15.30
C GLU A 44 -9.42 -20.34 -15.70
N GLU A 45 -10.25 -21.37 -15.61
CA GLU A 45 -9.86 -22.73 -15.97
C GLU A 45 -9.49 -22.80 -17.45
N GLU A 46 -8.45 -23.57 -17.76
CA GLU A 46 -8.01 -23.73 -19.13
C GLU A 46 -8.28 -25.14 -19.64
N PRO A 47 -9.38 -25.32 -20.41
CA PRO A 47 -9.76 -26.62 -20.95
C PRO A 47 -8.78 -27.10 -22.03
N LYS A 48 -7.53 -27.32 -21.63
CA LYS A 48 -6.50 -27.77 -22.55
C LYS A 48 -5.22 -28.14 -21.80
N GLU A 49 -4.16 -28.39 -22.56
CA GLU A 49 -2.87 -28.75 -21.96
C GLU A 49 -1.72 -28.13 -22.75
N ALA A 50 -0.93 -27.29 -22.07
CA ALA A 50 0.21 -26.64 -22.71
C ALA A 50 1.47 -27.47 -22.57
N SER A 51 1.98 -27.56 -21.35
CA SER A 51 3.18 -28.32 -21.07
C SER A 51 4.38 -27.76 -21.84
N GLY A 52 5.09 -26.82 -21.22
CA GLY A 52 6.24 -26.22 -21.86
C GLY A 52 7.46 -27.13 -21.83
N SER A 53 8.37 -26.90 -22.77
CA SER A 53 9.59 -27.71 -22.84
C SER A 53 10.77 -26.96 -22.24
N THR A 54 11.29 -27.51 -21.13
CA THR A 54 12.43 -26.89 -20.45
C THR A 54 13.65 -27.80 -20.49
N GLU A 55 14.83 -27.20 -20.57
CA GLU A 55 16.08 -27.94 -20.63
C GLU A 55 16.40 -28.56 -19.26
N LEU A 56 17.20 -29.62 -19.28
CA LEU A 56 17.59 -30.30 -18.05
C LEU A 56 18.43 -29.39 -17.16
N HIS A 57 19.53 -28.90 -17.71
CA HIS A 57 20.42 -28.00 -16.96
C HIS A 57 20.00 -26.55 -17.15
N SER A 58 19.61 -25.90 -16.05
CA SER A 58 19.19 -24.51 -16.08
C SER A 58 20.40 -23.58 -15.99
N SER A 59 20.28 -22.40 -16.60
CA SER A 59 21.36 -21.42 -16.58
C SER A 59 20.82 -20.01 -16.79
N LEU A 60 21.09 -19.13 -15.84
CA LEU A 60 20.64 -17.74 -15.92
C LEU A 60 21.27 -16.89 -14.84
N GLU A 61 21.36 -17.44 -13.63
CA GLU A 61 21.94 -16.74 -12.50
C GLU A 61 23.42 -16.47 -12.74
N VAL A 62 24.07 -17.35 -13.49
CA VAL A 62 25.49 -17.19 -13.80
C VAL A 62 25.72 -16.04 -14.76
N LEU A 63 24.80 -15.88 -15.72
CA LEU A 63 24.90 -14.81 -16.70
C LEU A 63 24.59 -13.45 -16.07
N PHE A 64 24.03 -13.46 -14.87
CA PHE A 64 23.71 -12.22 -14.17
C PHE A 64 24.88 -11.77 -13.30
N GLN A 65 26.07 -12.19 -13.67
CA GLN A 65 27.29 -11.85 -12.96
C GLN A 65 28.50 -12.14 -13.83
N GLY A 66 28.31 -12.04 -15.14
CA GLY A 66 29.38 -12.29 -16.09
C GLY A 66 29.69 -11.09 -16.95
N PRO A 67 28.81 -10.78 -17.92
CA PRO A 67 28.99 -9.63 -18.82
C PRO A 67 29.28 -8.34 -18.04
N ASN A 68 30.19 -7.53 -18.56
CA ASN A 68 30.55 -6.27 -17.92
C ASN A 68 31.15 -6.54 -16.53
N PRO A 69 32.45 -6.30 -16.36
CA PRO A 69 33.13 -6.53 -15.07
C PRO A 69 32.99 -5.35 -14.10
N ALA A 70 31.90 -4.59 -14.24
CA ALA A 70 31.67 -3.44 -13.37
C ALA A 70 30.69 -3.80 -12.25
N ILE A 71 30.70 -5.07 -11.86
CA ILE A 71 29.81 -5.55 -10.81
C ILE A 71 30.50 -5.52 -9.44
N LEU A 72 31.78 -5.15 -9.42
CA LEU A 72 32.53 -5.10 -8.18
C LEU A 72 32.49 -3.70 -7.57
N GLU A 73 31.53 -2.92 -7.99
CA GLU A 73 31.36 -1.55 -7.51
C GLU A 73 29.89 -1.24 -7.28
N PRO A 74 29.26 -1.87 -6.28
CA PRO A 74 27.85 -1.67 -5.96
C PRO A 74 27.58 -0.27 -5.39
N GLU A 75 27.89 0.74 -6.18
CA GLU A 75 27.69 2.13 -5.77
C GLU A 75 26.26 2.58 -6.08
N ARG A 76 25.68 2.02 -7.14
CA ARG A 76 24.33 2.38 -7.54
C ARG A 76 23.42 1.15 -7.52
N GLU A 77 22.29 1.26 -6.83
CA GLU A 77 21.34 0.17 -6.73
C GLU A 77 19.96 0.69 -6.33
N HIS A 78 18.93 0.22 -7.02
CA HIS A 78 17.56 0.63 -6.74
C HIS A 78 17.40 2.14 -6.93
N LEU A 79 18.17 2.69 -7.86
CA LEU A 79 18.13 4.12 -8.15
C LEU A 79 16.75 4.52 -8.67
N ASP A 80 16.65 5.74 -9.20
CA ASP A 80 15.40 6.25 -9.74
C ASP A 80 15.07 5.57 -11.06
N GLU A 81 14.75 4.28 -11.00
CA GLU A 81 14.41 3.51 -12.18
C GLU A 81 13.27 2.53 -11.89
N ASN A 82 12.93 1.71 -12.88
CA ASN A 82 11.85 0.73 -12.72
C ASN A 82 10.48 1.38 -12.83
N SER A 83 10.25 2.41 -12.03
CA SER A 83 8.97 3.10 -12.05
C SER A 83 7.85 2.13 -11.73
N PRO A 84 6.59 2.59 -11.70
CA PRO A 84 5.45 1.72 -11.40
C PRO A 84 5.11 0.77 -12.54
N LEU A 85 6.09 0.00 -12.99
CA LEU A 85 5.89 -0.94 -14.08
C LEU A 85 5.81 -2.37 -13.56
N GLY A 86 5.34 -2.52 -12.33
CA GLY A 86 5.21 -3.84 -11.74
C GLY A 86 3.84 -4.09 -11.15
N ASP A 87 3.73 -5.10 -10.29
CA ASP A 87 2.47 -5.43 -9.66
C ASP A 87 2.55 -5.26 -8.14
N LEU A 88 3.70 -5.60 -7.57
CA LEU A 88 3.91 -5.48 -6.14
C LEU A 88 4.06 -4.02 -5.73
N LEU A 89 5.24 -3.46 -5.97
CA LEU A 89 5.52 -2.07 -5.61
C LEU A 89 4.69 -1.13 -6.47
N ARG A 90 3.84 -0.33 -5.82
CA ARG A 90 2.99 0.61 -6.53
C ARG A 90 3.42 2.04 -6.23
N GLY A 91 3.89 2.28 -5.00
CA GLY A 91 4.32 3.61 -4.62
C GLY A 91 5.32 3.58 -3.48
N VAL A 92 5.95 4.73 -3.23
CA VAL A 92 6.93 4.84 -2.16
C VAL A 92 7.12 6.29 -1.73
N LEU A 93 7.12 6.52 -0.41
CA LEU A 93 7.28 7.86 0.12
C LEU A 93 8.05 7.83 1.45
N ASP A 94 8.72 8.94 1.76
CA ASP A 94 9.50 9.04 2.99
C ASP A 94 8.61 9.43 4.17
N VAL A 95 8.82 8.78 5.30
CA VAL A 95 8.03 9.06 6.50
C VAL A 95 8.58 10.26 7.28
N PRO A 96 9.90 10.56 7.21
CA PRO A 96 10.49 11.69 7.93
C PRO A 96 10.34 13.00 7.17
N ALA A 97 9.13 13.30 6.72
CA ALA A 97 8.86 14.53 5.98
C ALA A 97 7.40 14.59 5.55
N CYS A 98 6.51 14.14 6.43
CA CYS A 98 5.08 14.15 6.14
C CYS A 98 4.26 14.15 7.43
N GLN A 99 3.82 15.33 7.84
CA GLN A 99 3.02 15.47 9.06
C GLN A 99 1.57 15.07 8.79
N ILE A 100 0.99 14.31 9.73
CA ILE A 100 -0.39 13.87 9.59
C ILE A 100 -1.36 14.89 10.17
N ALA A 101 -2.63 14.79 9.78
CA ALA A 101 -3.65 15.70 10.26
C ALA A 101 -5.01 15.02 10.31
N ILE A 102 -5.38 14.52 11.49
CA ILE A 102 -6.66 13.84 11.67
C ILE A 102 -7.82 14.77 11.36
N ARG A 103 -8.92 14.19 10.88
CA ARG A 103 -10.11 14.95 10.55
C ARG A 103 -11.36 14.20 11.00
N PRO A 104 -12.21 14.82 11.85
CA PRO A 104 -13.43 14.19 12.35
C PRO A 104 -14.54 14.10 11.30
N GLU A 105 -14.19 14.36 10.04
CA GLU A 105 -15.16 14.31 8.95
C GLU A 105 -14.45 14.17 7.60
N GLY A 106 -13.82 13.02 7.40
CA GLY A 106 -13.11 12.77 6.15
C GLY A 106 -13.90 13.14 4.92
N LYS A 107 -14.69 12.21 4.41
CA LYS A 107 -15.49 12.44 3.22
C LYS A 107 -16.39 11.26 2.91
N ASN A 108 -17.40 11.50 2.09
CA ASN A 108 -18.35 10.44 1.70
C ASN A 108 -19.04 9.85 2.92
N ASN A 109 -18.40 8.88 3.56
CA ASN A 109 -18.96 8.23 4.74
C ASN A 109 -17.85 7.79 5.69
N ARG A 110 -16.76 8.54 5.72
CA ARG A 110 -15.64 8.23 6.59
C ARG A 110 -15.44 9.33 7.63
N LEU A 111 -16.02 9.14 8.81
CA LEU A 111 -15.91 10.11 9.89
C LEU A 111 -14.49 10.19 10.41
N PHE A 112 -13.76 9.09 10.32
CA PHE A 112 -12.38 9.04 10.78
C PHE A 112 -11.40 8.97 9.61
N VAL A 113 -10.81 10.12 9.27
CA VAL A 113 -9.86 10.19 8.17
C VAL A 113 -8.78 11.23 8.47
N PHE A 114 -7.52 10.82 8.36
CA PHE A 114 -6.40 11.72 8.62
C PHE A 114 -5.68 12.09 7.34
N SER A 115 -5.57 13.39 7.07
CA SER A 115 -4.91 13.88 5.88
C SER A 115 -3.44 14.20 6.17
N ILE A 116 -2.55 13.67 5.34
CA ILE A 116 -1.12 13.90 5.52
C ILE A 116 -0.65 15.08 4.67
N SER A 117 0.49 15.64 5.05
CA SER A 117 1.07 16.77 4.33
C SER A 117 2.57 16.88 4.61
N MET A 118 3.29 17.55 3.72
CA MET A 118 4.72 17.72 3.86
C MET A 118 5.06 19.08 4.46
N PRO A 119 6.21 19.18 5.17
CA PRO A 119 6.65 20.42 5.80
C PRO A 119 7.32 21.37 4.81
N SER A 120 6.50 22.07 4.02
CA SER A 120 7.00 23.02 3.03
C SER A 120 7.71 22.29 1.89
N VAL A 121 7.07 22.27 0.73
CA VAL A 121 7.64 21.60 -0.45
C VAL A 121 6.91 22.04 -1.72
N ALA A 122 5.72 21.48 -1.90
CA ALA A 122 4.88 21.76 -3.06
C ALA A 122 3.41 21.72 -2.70
N GLN A 123 2.57 21.34 -3.65
CA GLN A 123 1.13 21.25 -3.43
C GLN A 123 0.72 19.87 -2.91
N TRP A 124 1.62 19.22 -2.18
CA TRP A 124 1.36 17.89 -1.62
C TRP A 124 0.00 17.84 -0.95
N SER A 125 -0.45 16.63 -0.61
CA SER A 125 -1.73 16.43 0.05
C SER A 125 -2.16 14.96 -0.04
N LEU A 126 -2.01 14.23 1.07
CA LEU A 126 -2.38 12.82 1.10
C LEU A 126 -3.51 12.59 2.10
N ASP A 127 -4.25 11.49 1.90
CA ASP A 127 -5.35 11.15 2.80
C ASP A 127 -5.44 9.64 3.00
N VAL A 128 -5.70 9.23 4.23
CA VAL A 128 -5.81 7.82 4.57
C VAL A 128 -6.76 7.59 5.74
N ALA A 129 -7.36 6.40 5.80
CA ALA A 129 -8.29 6.07 6.86
C ALA A 129 -8.38 4.55 7.07
N ALA A 130 -8.37 4.12 8.33
CA ALA A 130 -8.45 2.70 8.65
C ALA A 130 -9.84 2.34 9.16
N ASP A 131 -10.35 1.18 8.73
CA ASP A 131 -11.66 0.71 9.14
C ASP A 131 -11.78 0.70 10.67
N SER A 132 -10.69 0.36 11.33
CA SER A 132 -10.67 0.32 12.79
C SER A 132 -10.19 1.63 13.37
N GLN A 133 -11.10 2.36 14.03
CA GLN A 133 -10.75 3.64 14.63
C GLN A 133 -9.48 3.52 15.46
N GLU A 134 -9.23 2.33 15.98
CA GLU A 134 -8.03 2.08 16.77
C GLU A 134 -6.80 2.02 15.87
N GLU A 135 -6.93 1.34 14.74
CA GLU A 135 -5.84 1.22 13.79
C GLU A 135 -5.54 2.57 13.16
N LEU A 136 -6.57 3.40 13.03
CA LEU A 136 -6.41 4.73 12.45
C LEU A 136 -5.60 5.61 13.37
N GLN A 137 -5.94 5.60 14.66
CA GLN A 137 -5.23 6.40 15.64
C GLN A 137 -3.82 5.85 15.85
N ASP A 138 -3.70 4.53 15.88
CA ASP A 138 -2.42 3.88 16.06
C ASP A 138 -1.54 4.12 14.83
N TRP A 139 -2.18 4.28 13.68
CA TRP A 139 -1.46 4.51 12.43
C TRP A 139 -0.80 5.88 12.45
N VAL A 140 -1.57 6.90 12.82
CA VAL A 140 -1.07 8.26 12.88
C VAL A 140 0.04 8.38 13.91
N LYS A 141 -0.14 7.71 15.04
CA LYS A 141 0.83 7.73 16.12
C LYS A 141 2.14 7.11 15.67
N LYS A 142 2.05 6.06 14.86
CA LYS A 142 3.24 5.39 14.35
C LYS A 142 4.01 6.31 13.41
N ILE A 143 3.31 6.85 12.42
CA ILE A 143 3.95 7.77 11.48
C ILE A 143 4.65 8.88 12.23
N ARG A 144 4.08 9.27 13.37
CA ARG A 144 4.64 10.32 14.21
C ARG A 144 5.78 9.76 15.05
N GLU A 145 5.73 8.47 15.36
CA GLU A 145 6.77 7.83 16.16
C GLU A 145 8.02 7.58 15.32
N VAL A 146 7.82 7.19 14.07
CA VAL A 146 8.93 6.93 13.17
C VAL A 146 9.48 8.24 12.61
N ALA A 147 8.60 9.24 12.50
CA ALA A 147 9.00 10.55 12.00
C ALA A 147 9.73 11.33 13.08
N GLN A 148 9.31 11.14 14.33
CA GLN A 148 9.92 11.82 15.46
C GLN A 148 11.28 11.22 15.78
N THR A 149 11.57 10.05 15.22
CA THR A 149 12.84 9.38 15.46
C THR A 149 13.74 9.45 14.22
N ALA A 150 13.12 9.65 13.06
CA ALA A 150 13.87 9.73 11.81
C ALA A 150 14.28 11.17 11.52
N SER A 1 8.90 -3.04 8.64
CA SER A 1 7.44 -2.78 8.51
C SER A 1 6.77 -2.76 9.88
N ILE A 2 6.57 -1.57 10.43
CA ILE A 2 5.94 -1.42 11.73
C ILE A 2 4.45 -1.73 11.64
N LYS A 3 3.84 -1.42 10.51
CA LYS A 3 2.42 -1.66 10.30
C LYS A 3 2.09 -1.73 8.81
N ASN A 4 1.50 -2.84 8.39
CA ASN A 4 1.14 -3.04 7.00
C ASN A 4 -0.18 -3.81 6.88
N GLY A 5 -1.06 -3.34 6.00
CA GLY A 5 -2.34 -3.99 5.80
C GLY A 5 -3.09 -3.45 4.60
N ILE A 6 -4.39 -3.20 4.77
CA ILE A 6 -5.21 -2.67 3.69
C ILE A 6 -5.96 -1.42 4.14
N LEU A 7 -5.28 -0.29 4.06
CA LEU A 7 -5.88 0.98 4.46
C LEU A 7 -6.77 1.53 3.35
N TYR A 8 -7.86 2.20 3.73
CA TYR A 8 -8.79 2.77 2.77
C TYR A 8 -8.42 4.21 2.45
N LEU A 9 -8.12 4.47 1.17
CA LEU A 9 -7.75 5.80 0.73
C LEU A 9 -8.61 6.24 -0.44
N GLU A 10 -8.93 7.54 -0.48
CA GLU A 10 -9.75 8.09 -1.55
C GLU A 10 -8.90 8.51 -2.74
N ASP A 11 -9.21 7.95 -3.91
CA ASP A 11 -8.46 8.26 -5.13
C ASP A 11 -9.14 9.40 -5.89
N PRO A 12 -8.40 10.47 -6.23
CA PRO A 12 -8.94 11.62 -6.96
C PRO A 12 -9.55 11.23 -8.31
N VAL A 13 -9.22 10.03 -8.78
CA VAL A 13 -9.72 9.56 -10.07
C VAL A 13 -11.22 9.30 -10.01
N ASN A 14 -11.66 8.67 -8.93
CA ASN A 14 -13.08 8.36 -8.74
C ASN A 14 -13.67 9.11 -7.55
N HIS A 15 -12.81 9.64 -6.70
CA HIS A 15 -13.25 10.39 -5.52
C HIS A 15 -14.03 9.49 -4.56
N GLU A 16 -13.45 8.34 -4.24
CA GLU A 16 -14.09 7.38 -3.34
C GLU A 16 -13.07 6.47 -2.69
N TRP A 17 -13.43 5.89 -1.55
CA TRP A 17 -12.53 5.00 -0.82
C TRP A 17 -12.42 3.66 -1.54
N TYR A 18 -11.21 3.12 -1.59
CA TYR A 18 -10.96 1.84 -2.25
C TYR A 18 -9.99 0.98 -1.45
N PRO A 19 -10.42 -0.23 -1.04
CA PRO A 19 -9.58 -1.14 -0.25
C PRO A 19 -8.24 -1.43 -0.95
N HIS A 20 -7.23 -0.64 -0.61
CA HIS A 20 -5.91 -0.80 -1.19
C HIS A 20 -4.88 -1.17 -0.12
N TYR A 21 -3.86 -1.92 -0.51
CA TYR A 21 -2.80 -2.33 0.42
C TYR A 21 -1.84 -1.19 0.67
N PHE A 22 -1.29 -1.15 1.89
CA PHE A 22 -0.35 -0.11 2.28
C PHE A 22 0.57 -0.59 3.39
N VAL A 23 1.87 -0.34 3.24
CA VAL A 23 2.85 -0.75 4.23
C VAL A 23 3.54 0.46 4.85
N LEU A 24 3.74 0.41 6.16
CA LEU A 24 4.40 1.50 6.88
C LEU A 24 5.68 1.02 7.55
N THR A 25 6.82 1.36 6.95
CA THR A 25 8.11 0.97 7.49
C THR A 25 8.75 2.12 8.26
N SER A 26 9.54 1.78 9.27
CA SER A 26 10.22 2.78 10.09
C SER A 26 11.21 3.60 9.27
N SER A 27 11.54 3.12 8.07
CA SER A 27 12.48 3.83 7.21
C SER A 27 11.78 4.52 6.04
N LYS A 28 10.52 4.16 5.80
CA LYS A 28 9.76 4.75 4.72
C LYS A 28 8.34 4.19 4.66
N ILE A 29 7.60 4.56 3.62
CA ILE A 29 6.23 4.08 3.43
C ILE A 29 6.05 3.54 2.01
N TYR A 30 5.49 2.34 1.91
CA TYR A 30 5.27 1.71 0.60
C TYR A 30 3.79 1.72 0.23
N TYR A 31 3.53 1.93 -1.06
CA TYR A 31 2.16 1.95 -1.57
C TYR A 31 2.06 1.17 -2.86
N SER A 32 1.18 0.17 -2.89
CA SER A 32 0.99 -0.65 -4.07
C SER A 32 -0.21 -1.59 -3.89
N GLU A 33 -0.45 -2.42 -4.89
CA GLU A 33 -1.56 -3.37 -4.86
C GLU A 33 -1.05 -4.80 -4.73
N GLU A 34 -1.76 -5.62 -3.95
CA GLU A 34 -1.38 -7.01 -3.76
C GLU A 34 -2.31 -7.95 -4.51
N THR A 35 -1.77 -9.05 -5.02
CA THR A 35 -2.56 -10.02 -5.76
C THR A 35 -3.67 -10.60 -4.88
N SER A 36 -4.52 -11.43 -5.49
CA SER A 36 -5.63 -12.04 -4.76
C SER A 36 -6.56 -10.98 -4.20
N SER A 37 -7.71 -10.81 -4.84
CA SER A 37 -8.69 -9.82 -4.42
C SER A 37 -8.11 -8.41 -4.46
N ASP A 38 -8.67 -7.58 -5.32
CA ASP A 38 -8.22 -6.20 -5.48
C ASP A 38 -8.99 -5.48 -6.57
N GLN A 39 -9.37 -6.24 -7.60
CA GLN A 39 -10.12 -5.68 -8.73
C GLN A 39 -9.29 -4.65 -9.47
N GLY A 40 -7.97 -4.83 -9.45
CA GLY A 40 -7.08 -3.90 -10.12
C GLY A 40 -6.16 -4.60 -11.10
N ASN A 41 -5.76 -5.81 -10.77
CA ASN A 41 -4.86 -6.58 -11.63
C ASN A 41 -5.64 -7.61 -12.45
N GLU A 42 -6.85 -7.24 -12.85
CA GLU A 42 -7.69 -8.12 -13.64
C GLU A 42 -8.40 -7.35 -14.77
N ASP A 43 -7.67 -6.40 -15.35
CA ASP A 43 -8.23 -5.59 -16.43
C ASP A 43 -7.96 -6.24 -17.78
N GLU A 44 -8.94 -7.01 -18.26
CA GLU A 44 -8.81 -7.68 -19.55
C GLU A 44 -9.26 -6.78 -20.69
N GLU A 45 -8.63 -6.94 -21.85
CA GLU A 45 -8.97 -6.14 -23.03
C GLU A 45 -10.14 -6.76 -23.79
N GLU A 46 -10.64 -6.02 -24.77
CA GLU A 46 -11.76 -6.50 -25.58
C GLU A 46 -11.26 -7.06 -26.92
N PRO A 47 -11.11 -8.39 -27.02
CA PRO A 47 -10.65 -9.04 -28.25
C PRO A 47 -11.67 -8.94 -29.38
N LYS A 48 -11.17 -8.80 -30.60
CA LYS A 48 -12.04 -8.69 -31.77
C LYS A 48 -12.74 -10.02 -32.05
N GLU A 49 -14.05 -9.97 -32.27
CA GLU A 49 -14.83 -11.16 -32.55
C GLU A 49 -14.55 -11.67 -33.95
N ALA A 50 -14.75 -12.97 -34.16
CA ALA A 50 -14.52 -13.58 -35.46
C ALA A 50 -15.75 -14.35 -35.93
N SER A 51 -16.02 -14.31 -37.24
CA SER A 51 -17.17 -15.01 -37.80
C SER A 51 -16.75 -16.39 -38.33
N GLY A 52 -16.54 -17.32 -37.42
CA GLY A 52 -16.15 -18.67 -37.81
C GLY A 52 -17.26 -19.42 -38.51
N SER A 53 -16.90 -20.47 -39.23
CA SER A 53 -17.88 -21.28 -39.94
C SER A 53 -18.51 -22.31 -39.02
N THR A 54 -19.22 -21.83 -38.01
CA THR A 54 -19.88 -22.72 -37.05
C THR A 54 -21.38 -22.76 -37.30
N GLU A 55 -22.04 -23.75 -36.70
CA GLU A 55 -23.48 -23.91 -36.86
C GLU A 55 -24.10 -24.57 -35.63
N LEU A 56 -25.42 -24.49 -35.51
CA LEU A 56 -26.12 -25.07 -34.38
C LEU A 56 -25.90 -26.58 -34.31
N HIS A 57 -26.52 -27.23 -33.34
CA HIS A 57 -26.40 -28.67 -33.18
C HIS A 57 -24.95 -29.04 -32.86
N SER A 58 -24.78 -30.12 -32.10
CA SER A 58 -23.45 -30.58 -31.73
C SER A 58 -23.27 -32.07 -32.06
N SER A 59 -22.02 -32.52 -32.04
CA SER A 59 -21.72 -33.92 -32.34
C SER A 59 -20.79 -34.51 -31.29
N LEU A 60 -20.68 -35.84 -31.27
CA LEU A 60 -19.82 -36.52 -30.32
C LEU A 60 -18.37 -36.08 -30.48
N GLU A 61 -17.95 -35.92 -31.72
CA GLU A 61 -16.58 -35.49 -32.01
C GLU A 61 -16.36 -34.05 -31.58
N VAL A 62 -17.43 -33.26 -31.64
CA VAL A 62 -17.36 -31.85 -31.24
C VAL A 62 -17.19 -31.73 -29.73
N LEU A 63 -17.94 -32.52 -28.98
CA LEU A 63 -17.85 -32.50 -27.52
C LEU A 63 -16.44 -32.84 -27.08
N PHE A 64 -15.78 -33.71 -27.84
CA PHE A 64 -14.41 -34.11 -27.54
C PHE A 64 -13.44 -33.20 -28.30
N GLN A 65 -13.95 -32.03 -28.68
CA GLN A 65 -13.18 -31.03 -29.39
C GLN A 65 -13.79 -29.65 -29.14
N GLY A 66 -14.41 -29.52 -27.97
CA GLY A 66 -15.03 -28.26 -27.59
C GLY A 66 -14.33 -27.60 -26.42
N PRO A 67 -14.52 -28.12 -25.19
CA PRO A 67 -13.89 -27.57 -23.99
C PRO A 67 -12.38 -27.47 -24.13
N ASN A 68 -11.72 -26.99 -23.07
CA ASN A 68 -10.27 -26.84 -23.07
C ASN A 68 -9.58 -28.16 -23.40
N PRO A 69 -8.98 -28.27 -24.60
CA PRO A 69 -8.28 -29.48 -25.02
C PRO A 69 -6.81 -29.49 -24.62
N ALA A 70 -6.46 -28.69 -23.63
CA ALA A 70 -5.08 -28.62 -23.15
C ALA A 70 -4.87 -29.49 -21.92
N ILE A 71 -5.64 -30.57 -21.82
CA ILE A 71 -5.54 -31.47 -20.69
C ILE A 71 -4.73 -32.72 -21.04
N LEU A 72 -4.42 -32.89 -22.33
CA LEU A 72 -3.65 -34.05 -22.76
C LEU A 72 -2.16 -33.77 -22.76
N GLU A 73 -1.76 -32.77 -22.00
CA GLU A 73 -0.37 -32.37 -21.88
C GLU A 73 -0.07 -31.87 -20.47
N PRO A 74 -0.05 -32.79 -19.49
CA PRO A 74 0.21 -32.45 -18.09
C PRO A 74 1.66 -31.99 -17.86
N GLU A 75 2.05 -30.92 -18.54
CA GLU A 75 3.39 -30.37 -18.42
C GLU A 75 3.55 -29.62 -17.11
N ARG A 76 3.04 -28.40 -17.06
CA ARG A 76 3.12 -27.57 -15.86
C ARG A 76 1.88 -27.73 -15.01
N GLU A 77 2.08 -27.83 -13.70
CA GLU A 77 0.96 -27.98 -12.76
C GLU A 77 1.30 -27.37 -11.40
N HIS A 78 0.78 -26.17 -11.16
CA HIS A 78 1.03 -25.48 -9.90
C HIS A 78 2.51 -25.21 -9.70
N LEU A 79 3.18 -24.78 -10.77
CA LEU A 79 4.61 -24.49 -10.70
C LEU A 79 4.85 -23.06 -10.24
N ASP A 80 6.12 -22.66 -10.20
CA ASP A 80 6.49 -21.32 -9.76
C ASP A 80 6.06 -20.28 -10.80
N GLU A 81 4.74 -20.08 -10.92
CA GLU A 81 4.20 -19.12 -11.87
C GLU A 81 4.59 -17.69 -11.48
N ASN A 82 5.58 -17.15 -12.17
CA ASN A 82 6.04 -15.79 -11.89
C ASN A 82 6.17 -14.98 -13.18
N SER A 83 5.42 -15.38 -14.20
CA SER A 83 5.44 -14.69 -15.48
C SER A 83 4.67 -13.37 -15.41
N PRO A 84 3.38 -13.44 -15.04
CA PRO A 84 2.52 -12.27 -14.94
C PRO A 84 2.76 -11.50 -13.64
N LEU A 85 4.00 -11.07 -13.44
CA LEU A 85 4.35 -10.32 -12.24
C LEU A 85 5.37 -9.22 -12.57
N GLY A 86 5.25 -8.65 -13.76
CA GLY A 86 6.15 -7.59 -14.17
C GLY A 86 5.48 -6.24 -14.27
N ASP A 87 5.60 -5.43 -13.23
CA ASP A 87 4.99 -4.11 -13.21
C ASP A 87 5.88 -3.11 -12.47
N LEU A 88 6.36 -3.51 -11.30
CA LEU A 88 7.22 -2.66 -10.48
C LEU A 88 6.52 -1.35 -10.15
N LEU A 89 5.68 -1.38 -9.12
CA LEU A 89 4.94 -0.19 -8.70
C LEU A 89 5.03 -0.01 -7.18
N ARG A 90 6.25 0.02 -6.66
CA ARG A 90 6.47 0.20 -5.23
C ARG A 90 6.73 1.66 -4.89
N GLY A 91 5.68 2.38 -4.52
CA GLY A 91 5.82 3.78 -4.18
C GLY A 91 6.37 3.98 -2.78
N VAL A 92 7.63 4.40 -2.71
CA VAL A 92 8.28 4.62 -1.42
C VAL A 92 8.15 6.08 -0.99
N LEU A 93 8.05 6.30 0.32
CA LEU A 93 7.92 7.64 0.86
C LEU A 93 8.72 7.80 2.15
N ASP A 94 9.47 8.88 2.25
CA ASP A 94 10.27 9.15 3.44
C ASP A 94 9.39 9.51 4.63
N VAL A 95 9.58 8.82 5.74
CA VAL A 95 8.81 9.06 6.95
C VAL A 95 9.16 10.42 7.57
N PRO A 96 10.46 10.74 7.69
CA PRO A 96 10.91 12.01 8.28
C PRO A 96 10.69 13.19 7.33
N ALA A 97 9.44 13.38 6.90
CA ALA A 97 9.10 14.48 6.01
C ALA A 97 7.64 14.42 5.59
N CYS A 98 6.76 14.04 6.53
CA CYS A 98 5.35 13.93 6.24
C CYS A 98 4.52 14.26 7.49
N GLN A 99 3.86 15.42 7.47
CA GLN A 99 3.03 15.84 8.59
C GLN A 99 1.59 15.37 8.41
N ILE A 100 1.07 14.67 9.42
CA ILE A 100 -0.29 14.16 9.37
C ILE A 100 -1.28 15.18 9.95
N ALA A 101 -2.55 15.00 9.62
CA ALA A 101 -3.59 15.90 10.11
C ALA A 101 -4.93 15.18 10.19
N ILE A 102 -5.19 14.55 11.34
CA ILE A 102 -6.44 13.82 11.54
C ILE A 102 -7.65 14.74 11.32
N ARG A 103 -8.76 14.13 10.92
CA ARG A 103 -9.99 14.87 10.69
C ARG A 103 -11.20 14.03 11.13
N PRO A 104 -11.98 14.52 12.11
CA PRO A 104 -13.15 13.79 12.60
C PRO A 104 -14.38 13.98 11.72
N GLU A 105 -14.16 14.04 10.40
CA GLU A 105 -15.25 14.23 9.45
C GLU A 105 -14.72 14.21 8.02
N GLY A 106 -14.16 13.07 7.62
CA GLY A 106 -13.61 12.94 6.28
C GLY A 106 -14.63 13.26 5.20
N LYS A 107 -15.26 12.21 4.66
CA LYS A 107 -16.26 12.39 3.62
C LYS A 107 -16.81 11.04 3.16
N ASN A 108 -17.93 11.07 2.44
CA ASN A 108 -18.56 9.86 1.94
C ASN A 108 -18.87 8.89 3.08
N ASN A 109 -19.47 9.43 4.14
CA ASN A 109 -19.83 8.61 5.30
C ASN A 109 -18.59 8.02 5.96
N ARG A 110 -17.67 8.89 6.37
CA ARG A 110 -16.44 8.47 7.02
C ARG A 110 -15.92 9.54 7.98
N LEU A 111 -16.38 9.48 9.22
CA LEU A 111 -15.97 10.45 10.24
C LEU A 111 -14.50 10.28 10.58
N PHE A 112 -14.01 9.04 10.53
CA PHE A 112 -12.62 8.75 10.85
C PHE A 112 -11.76 8.79 9.59
N VAL A 113 -11.11 9.92 9.36
CA VAL A 113 -10.25 10.09 8.20
C VAL A 113 -9.16 11.12 8.47
N PHE A 114 -7.91 10.72 8.22
CA PHE A 114 -6.77 11.61 8.43
C PHE A 114 -6.09 11.94 7.11
N SER A 115 -5.70 13.20 6.95
CA SER A 115 -5.04 13.64 5.73
C SER A 115 -3.56 13.91 5.98
N ILE A 116 -2.70 13.32 5.14
CA ILE A 116 -1.27 13.49 5.27
C ILE A 116 -0.76 14.54 4.28
N SER A 117 0.42 15.09 4.57
CA SER A 117 1.01 16.10 3.70
C SER A 117 2.53 16.09 3.79
N MET A 118 3.19 16.63 2.78
CA MET A 118 4.64 16.68 2.75
C MET A 118 5.13 18.09 2.40
N PRO A 119 5.43 18.91 3.43
CA PRO A 119 5.90 20.29 3.22
C PRO A 119 7.32 20.33 2.67
N SER A 120 7.50 19.77 1.47
CA SER A 120 8.82 19.73 0.84
C SER A 120 8.69 19.38 -0.64
N VAL A 121 7.88 18.37 -0.93
CA VAL A 121 7.68 17.93 -2.31
C VAL A 121 6.77 18.90 -3.06
N ALA A 122 5.66 19.25 -2.44
CA ALA A 122 4.70 20.17 -3.03
C ALA A 122 3.45 20.30 -2.14
N GLN A 123 2.38 20.82 -2.72
CA GLN A 123 1.12 20.99 -1.98
C GLN A 123 0.21 19.79 -2.17
N TRP A 124 0.79 18.58 -2.08
CA TRP A 124 0.03 17.35 -2.25
C TRP A 124 -0.36 16.77 -0.90
N SER A 125 -1.64 16.44 -0.74
CA SER A 125 -2.13 15.86 0.50
C SER A 125 -2.74 14.48 0.27
N LEU A 126 -2.38 13.53 1.12
CA LEU A 126 -2.89 12.17 0.99
C LEU A 126 -4.07 11.94 1.96
N ASP A 127 -4.95 11.03 1.59
CA ASP A 127 -6.11 10.70 2.43
C ASP A 127 -6.17 9.21 2.72
N VAL A 128 -6.29 8.88 4.00
CA VAL A 128 -6.36 7.48 4.42
C VAL A 128 -7.18 7.33 5.69
N ALA A 129 -7.97 6.26 5.75
CA ALA A 129 -8.82 6.00 6.91
C ALA A 129 -8.90 4.50 7.21
N ALA A 130 -8.50 4.12 8.42
CA ALA A 130 -8.54 2.72 8.82
C ALA A 130 -9.93 2.33 9.29
N ASP A 131 -10.33 1.10 8.97
CA ASP A 131 -11.65 0.60 9.36
C ASP A 131 -11.85 0.72 10.86
N SER A 132 -10.82 0.36 11.62
CA SER A 132 -10.87 0.43 13.08
C SER A 132 -10.31 1.75 13.57
N GLN A 133 -11.15 2.51 14.28
CA GLN A 133 -10.73 3.80 14.81
C GLN A 133 -9.41 3.68 15.56
N GLU A 134 -9.12 2.47 16.04
CA GLU A 134 -7.89 2.22 16.76
C GLU A 134 -6.69 2.19 15.81
N GLU A 135 -6.84 1.45 14.71
CA GLU A 135 -5.79 1.35 13.71
C GLU A 135 -5.51 2.71 13.10
N LEU A 136 -6.55 3.53 12.98
CA LEU A 136 -6.43 4.85 12.41
C LEU A 136 -5.60 5.75 13.32
N GLN A 137 -5.94 5.76 14.60
CA GLN A 137 -5.21 6.56 15.57
C GLN A 137 -3.82 6.01 15.79
N ASP A 138 -3.72 4.68 15.78
CA ASP A 138 -2.44 4.01 15.96
C ASP A 138 -1.55 4.22 14.74
N TRP A 139 -2.17 4.38 13.58
CA TRP A 139 -1.43 4.59 12.35
C TRP A 139 -0.78 5.97 12.33
N VAL A 140 -1.56 6.98 12.70
CA VAL A 140 -1.07 8.35 12.74
C VAL A 140 0.03 8.51 13.79
N LYS A 141 -0.13 7.83 14.91
CA LYS A 141 0.85 7.88 15.98
C LYS A 141 2.16 7.25 15.55
N LYS A 142 2.07 6.17 14.79
CA LYS A 142 3.25 5.47 14.30
C LYS A 142 4.02 6.35 13.33
N ILE A 143 3.32 6.93 12.36
CA ILE A 143 3.95 7.82 11.39
C ILE A 143 4.69 8.92 12.12
N ARG A 144 4.08 9.39 13.21
CA ARG A 144 4.67 10.44 14.03
C ARG A 144 5.77 9.85 14.93
N GLU A 145 5.63 8.57 15.26
CA GLU A 145 6.61 7.91 16.11
C GLU A 145 7.90 7.64 15.33
N VAL A 146 7.76 7.33 14.06
CA VAL A 146 8.90 7.07 13.20
C VAL A 146 9.55 8.38 12.78
N ALA A 147 8.72 9.40 12.61
CA ALA A 147 9.20 10.72 12.23
C ALA A 147 9.95 11.37 13.38
N GLN A 148 9.44 11.17 14.60
CA GLN A 148 10.07 11.72 15.78
C GLN A 148 11.44 11.11 16.00
N THR A 149 11.69 9.94 15.39
CA THR A 149 12.96 9.26 15.51
C THR A 149 13.81 9.49 14.28
N ALA A 150 13.15 9.60 13.13
CA ALA A 150 13.83 9.81 11.87
C ALA A 150 14.89 8.76 11.62
#